data_9MZU
#
_entry.id   9MZU
#
_cell.length_a   1.00
_cell.length_b   1.00
_cell.length_c   1.00
_cell.angle_alpha   90.00
_cell.angle_beta   90.00
_cell.angle_gamma   90.00
#
_symmetry.space_group_name_H-M   'P 1'
#
loop_
_entity.id
_entity.type
_entity.pdbx_description
1 polymer PorK
2 polymer 'Gliding motility protein GldN'
3 branched 'alpha-L-fucopyranose-(1-4)-alpha-D-glucopyranose-(1-4)-alpha-D-glucopyranuronic acid-(1-2)-[alpha-L-rhamnopyranose-(1-4)]alpha-D-mannopyranose'
4 non-polymer 'CALCIUM ION'
5 non-polymer alpha-D-mannopyranose
6 water water
#
loop_
_entity_poly.entity_id
_entity_poly.type
_entity_poly.pdbx_seq_one_letter_code
_entity_poly.pdbx_strand_id
1 'polypeptide(L)'
;MCRKNRFFALAGFFLFGVFTISSCGSSKRAVGGELTGAKLSSWNEPSPFGMIQVPRGSIVLGNKEADSLWGIPAESRPIS
VDAFWMDRTEITNAQYRQFVYYVRDSIIRERLADPAYGGNEEYKITENKFGEPVTPHLDWSKPIPSEKRATEEEIAAINS
VYYTNPVTHDRKLNPDQMVYRYEVYDYRSAALREHQLKAAKRNLNTDIKVDPNAVVMISKDTAFVDESGNIISETITRPL
SSEYDFLNTYIVPIYPDETCWVNDFPNARTEIYTRMYFNHPGYDDYPVVGISWEQAQAFCAWRSEFFRKGIRLPEGQIMD
DFRLPTEAEWEYAARMGDSNNKYPWSTEDLRTGRGCFLGNFKPGEGDYTADGHLIPSRVSSFSPNDFGLYDMAGNVAEWT
STAFSESGLKQMSDINPELEYKAALTDPYILKQKVVRGGSWKDVARFIRSATRSHEYQNVGRSYIGFRCVRTSIAFSSGK
APKSSRRSTKK
;
A,C,E
2 'polypeptide(L)'
;MFMKVFKAVIGAILAATVSISSVAQENTNNRSPQVGRAPRNTEVEQTTTLSNRAQEFNRRLTQKTDNAPWRRVVYRRVDL
MEESNAVLYYPPRPIGDRKNLFSTIFGLINSNSLDVYEYLDGFEAFTDQYKIKFQEFLDRFGIYYQPSTNKNAELFKVAD
SDIPSAEVKAYYVKEEWYFTPTNSDVDIKIQAICPIMTGQDEFGEVRNQPLFWIPYENIRPYIARERVMLSSLNNTRNST
IDDFFRLNLYKGDIVKTENLHNRALAEYCPTPDSMKMESKRIDKELQGFRDGLFVTQDTTWMKQAETKKSKGKKLEKARG
KNITSRTRGQGEGAAETEAVEPKKQKASKNKAATRSVRRRK
;
B,D,F
#
# COMPACT_ATOMS: atom_id res chain seq x y z
N GLY A 32 10.68 53.79 -9.77
CA GLY A 32 10.31 52.40 -9.97
C GLY A 32 10.13 52.04 -11.44
N GLY A 33 8.88 52.03 -11.88
CA GLY A 33 8.58 51.72 -13.26
C GLY A 33 7.55 50.63 -13.46
N GLU A 34 7.68 49.88 -14.54
CA GLU A 34 6.71 48.86 -14.90
C GLU A 34 7.03 47.54 -14.22
N LEU A 35 6.16 46.55 -14.42
CA LEU A 35 6.28 45.25 -13.76
C LEU A 35 7.07 44.30 -14.64
N THR A 36 8.40 44.41 -14.54
CA THR A 36 9.28 43.40 -15.11
C THR A 36 9.36 42.22 -14.14
N GLY A 37 10.29 41.30 -14.37
CA GLY A 37 10.42 40.12 -13.54
C GLY A 37 11.74 40.12 -12.78
N ALA A 38 11.73 39.47 -11.62
CA ALA A 38 12.94 39.24 -10.84
C ALA A 38 13.37 37.79 -11.08
N LYS A 39 14.04 37.58 -12.21
CA LYS A 39 14.41 36.23 -12.62
C LYS A 39 15.47 35.66 -11.71
N LEU A 40 15.50 34.33 -11.64
CA LEU A 40 16.53 33.60 -10.90
C LEU A 40 17.69 33.25 -11.83
N SER A 41 18.80 32.84 -11.22
CA SER A 41 19.97 32.43 -11.99
C SER A 41 19.78 31.01 -12.51
N SER A 42 20.00 30.82 -13.81
CA SER A 42 19.72 29.54 -14.43
C SER A 42 20.59 28.44 -13.83
N TRP A 43 20.02 27.23 -13.77
CA TRP A 43 20.69 26.06 -13.22
C TRP A 43 21.05 25.09 -14.34
N ASN A 44 21.96 24.17 -14.03
CA ASN A 44 22.38 23.13 -14.95
C ASN A 44 21.91 21.78 -14.41
N GLU A 45 21.17 21.04 -15.24
CA GLU A 45 20.58 19.77 -14.82
C GLU A 45 21.48 18.62 -15.22
N PRO A 46 22.06 17.89 -14.27
CA PRO A 46 22.85 16.71 -14.64
C PRO A 46 21.97 15.52 -14.97
N SER A 47 22.37 14.77 -16.00
CA SER A 47 21.65 13.58 -16.40
C SER A 47 22.27 12.36 -15.69
N PRO A 48 21.55 11.68 -14.81
CA PRO A 48 22.16 10.59 -14.06
C PRO A 48 22.62 9.46 -14.96
N PHE A 49 23.76 8.88 -14.61
CA PHE A 49 24.31 7.76 -15.37
C PHE A 49 23.50 6.49 -15.11
N GLY A 50 23.20 5.77 -16.18
CA GLY A 50 22.47 4.52 -16.08
C GLY A 50 20.98 4.66 -15.89
N MET A 51 20.42 5.85 -16.13
CA MET A 51 19.00 6.10 -15.94
C MET A 51 18.37 6.62 -17.23
N ILE A 52 17.11 6.27 -17.43
CA ILE A 52 16.32 6.78 -18.54
C ILE A 52 15.22 7.66 -17.98
N GLN A 53 14.74 8.57 -18.81
CA GLN A 53 13.70 9.51 -18.42
C GLN A 53 12.32 8.93 -18.71
N VAL A 54 11.45 8.96 -17.72
CA VAL A 54 10.05 8.55 -17.83
C VAL A 54 9.21 9.81 -17.84
N PRO A 55 8.46 10.08 -18.91
CA PRO A 55 7.69 11.32 -18.99
C PRO A 55 6.49 11.32 -18.07
N ARG A 56 6.01 12.52 -17.76
CA ARG A 56 4.78 12.67 -17.00
C ARG A 56 3.59 12.15 -17.80
N GLY A 57 2.60 11.63 -17.10
CA GLY A 57 1.44 11.08 -17.78
C GLY A 57 0.44 10.53 -16.79
N SER A 58 -0.49 9.75 -17.32
CA SER A 58 -1.56 9.17 -16.53
C SER A 58 -1.75 7.71 -16.92
N ILE A 59 -2.25 6.92 -15.98
CA ILE A 59 -2.48 5.50 -16.23
C ILE A 59 -3.49 4.99 -15.21
N VAL A 60 -4.21 3.93 -15.58
CA VAL A 60 -5.17 3.28 -14.70
C VAL A 60 -4.46 2.12 -14.03
N LEU A 61 -3.99 2.33 -12.80
CA LEU A 61 -3.37 1.26 -12.03
C LEU A 61 -4.39 0.16 -11.75
N GLY A 62 -3.92 -1.08 -11.77
CA GLY A 62 -4.77 -2.23 -11.54
C GLY A 62 -5.34 -2.81 -12.82
N ASN A 63 -6.03 -3.92 -12.67
CA ASN A 63 -6.68 -4.62 -13.77
C ASN A 63 -8.19 -4.58 -13.59
N LYS A 64 -8.91 -4.42 -14.70
CA LYS A 64 -10.36 -4.33 -14.64
C LYS A 64 -11.00 -5.71 -14.41
N GLU A 65 -10.44 -6.75 -15.01
CA GLU A 65 -11.00 -8.10 -14.93
C GLU A 65 -10.13 -8.96 -14.01
N ALA A 66 -10.79 -9.74 -13.17
CA ALA A 66 -10.11 -10.60 -12.20
C ALA A 66 -9.93 -12.00 -12.79
N ASP A 67 -9.43 -12.93 -11.98
CA ASP A 67 -9.22 -14.29 -12.41
C ASP A 67 -10.41 -15.20 -12.07
N SER A 68 -11.07 -14.96 -10.94
CA SER A 68 -12.24 -15.72 -10.52
C SER A 68 -11.86 -17.11 -10.03
N LEU A 69 -10.59 -17.48 -10.17
CA LEU A 69 -10.06 -18.66 -9.50
C LEU A 69 -9.09 -18.32 -8.38
N TRP A 70 -8.51 -17.12 -8.39
CA TRP A 70 -7.70 -16.64 -7.29
C TRP A 70 -8.54 -15.99 -6.19
N GLY A 71 -9.83 -15.76 -6.44
CA GLY A 71 -10.69 -15.17 -5.43
C GLY A 71 -10.29 -13.78 -5.02
N ILE A 72 -9.73 -12.99 -5.93
CA ILE A 72 -9.27 -11.65 -5.62
C ILE A 72 -10.01 -10.66 -6.52
N PRO A 73 -10.91 -9.84 -5.98
CA PRO A 73 -11.68 -8.93 -6.82
C PRO A 73 -10.78 -7.89 -7.49
N ALA A 74 -11.20 -7.46 -8.67
CA ALA A 74 -10.45 -6.47 -9.42
C ALA A 74 -10.58 -5.09 -8.78
N GLU A 75 -9.47 -4.36 -8.74
CA GLU A 75 -9.45 -3.01 -8.20
C GLU A 75 -8.62 -2.14 -9.15
N SER A 76 -9.21 -1.05 -9.64
CA SER A 76 -8.55 -0.17 -10.58
C SER A 76 -8.73 1.27 -10.14
N ARG A 77 -7.71 2.09 -10.44
CA ARG A 77 -7.74 3.50 -10.10
C ARG A 77 -6.89 4.31 -11.07
N PRO A 78 -7.44 5.30 -11.75
CA PRO A 78 -6.62 6.14 -12.63
C PRO A 78 -5.90 7.22 -11.85
N ILE A 79 -4.62 7.43 -12.18
CA ILE A 79 -3.75 8.36 -11.49
C ILE A 79 -2.84 9.04 -12.49
N SER A 80 -2.12 10.06 -12.03
CA SER A 80 -1.16 10.81 -12.83
C SER A 80 0.14 10.95 -12.07
N VAL A 81 1.25 10.92 -12.80
CA VAL A 81 2.58 11.09 -12.21
C VAL A 81 3.39 12.03 -13.08
N ASP A 82 4.39 12.65 -12.47
CA ASP A 82 5.29 13.55 -13.17
C ASP A 82 6.51 12.79 -13.68
N ALA A 83 7.30 13.47 -14.50
CA ALA A 83 8.49 12.85 -15.09
C ALA A 83 9.53 12.55 -14.03
N PHE A 84 10.27 11.46 -14.25
CA PHE A 84 11.33 11.09 -13.30
C PHE A 84 12.34 10.20 -14.01
N TRP A 85 13.58 10.22 -13.50
CA TRP A 85 14.60 9.30 -13.97
C TRP A 85 14.45 7.96 -13.26
N MET A 86 14.58 6.87 -14.02
CA MET A 86 14.51 5.53 -13.48
C MET A 86 15.70 4.72 -13.97
N ASP A 87 16.28 3.92 -13.09
CA ASP A 87 17.41 3.08 -13.46
C ASP A 87 17.03 2.18 -14.62
N ARG A 88 17.93 2.10 -15.60
CA ARG A 88 17.66 1.27 -16.78
C ARG A 88 17.47 -0.19 -16.39
N THR A 89 18.31 -0.70 -15.50
CA THR A 89 18.20 -2.04 -14.97
C THR A 89 18.14 -1.98 -13.45
N GLU A 90 17.73 -3.08 -12.85
CA GLU A 90 17.76 -3.20 -11.39
C GLU A 90 19.20 -3.29 -10.90
N ILE A 91 19.39 -2.92 -9.63
CA ILE A 91 20.73 -2.78 -9.08
C ILE A 91 21.44 -4.14 -9.09
N THR A 92 22.69 -4.13 -9.56
CA THR A 92 23.48 -5.35 -9.72
C THR A 92 24.37 -5.58 -8.49
N ASN A 93 25.05 -6.73 -8.49
CA ASN A 93 25.92 -7.07 -7.38
C ASN A 93 27.07 -6.09 -7.24
N ALA A 94 27.71 -5.71 -8.36
CA ALA A 94 28.84 -4.80 -8.30
C ALA A 94 28.43 -3.42 -7.83
N GLN A 95 27.26 -2.95 -8.26
CA GLN A 95 26.80 -1.62 -7.86
C GLN A 95 26.60 -1.54 -6.34
N TYR A 96 26.02 -2.59 -5.75
CA TYR A 96 25.88 -2.61 -4.29
C TYR A 96 27.22 -2.85 -3.61
N ARG A 97 28.11 -3.60 -4.25
CA ARG A 97 29.44 -3.78 -3.69
C ARG A 97 30.19 -2.46 -3.60
N GLN A 98 29.89 -1.53 -4.50
CA GLN A 98 30.48 -0.19 -4.38
C GLN A 98 30.08 0.47 -3.06
N PHE A 99 28.80 0.37 -2.71
CA PHE A 99 28.32 0.91 -1.44
C PHE A 99 28.97 0.19 -0.26
N VAL A 100 29.06 -1.13 -0.33
CA VAL A 100 29.67 -1.90 0.75
C VAL A 100 31.13 -1.52 0.93
N TYR A 101 31.86 -1.37 -0.18
CA TYR A 101 33.27 -1.00 -0.11
C TYR A 101 33.45 0.42 0.41
N TYR A 102 32.55 1.33 0.06
CA TYR A 102 32.62 2.67 0.63
C TYR A 102 32.46 2.62 2.15
N VAL A 103 31.47 1.85 2.63
CA VAL A 103 31.27 1.74 4.06
C VAL A 103 32.51 1.15 4.73
N ARG A 104 33.07 0.10 4.12
CA ARG A 104 34.27 -0.53 4.68
C ARG A 104 35.42 0.47 4.75
N ASP A 105 35.65 1.22 3.68
CA ASP A 105 36.76 2.17 3.65
C ASP A 105 36.57 3.28 4.69
N SER A 106 35.34 3.80 4.80
CA SER A 106 35.10 4.85 5.78
C SER A 106 35.32 4.35 7.20
N ILE A 107 34.83 3.16 7.51
CA ILE A 107 35.02 2.64 8.86
C ILE A 107 36.49 2.36 9.13
N ILE A 108 37.21 1.86 8.13
CA ILE A 108 38.64 1.59 8.31
C ILE A 108 39.40 2.88 8.56
N ARG A 109 39.06 3.94 7.82
CA ARG A 109 39.71 5.23 8.03
C ARG A 109 39.37 5.80 9.40
N GLU A 110 38.12 5.65 9.84
CA GLU A 110 37.77 6.11 11.18
C GLU A 110 38.59 5.38 12.24
N ARG A 111 38.82 4.08 12.05
CA ARG A 111 39.62 3.32 13.01
C ARG A 111 41.11 3.69 12.93
N LEU A 112 41.60 3.98 11.72
CA LEU A 112 43.01 4.34 11.58
C LEU A 112 43.33 5.61 12.36
N ALA A 113 42.53 6.66 12.17
CA ALA A 113 42.67 7.89 12.93
C ALA A 113 41.96 7.78 14.28
N ASP A 114 42.30 6.73 15.03
CA ASP A 114 41.66 6.45 16.30
C ASP A 114 42.76 6.09 17.29
N PRO A 115 42.78 6.70 18.47
CA PRO A 115 43.81 6.35 19.46
C PRO A 115 43.85 4.87 19.80
N ALA A 116 42.69 4.22 19.86
CA ALA A 116 42.66 2.82 20.29
C ALA A 116 43.41 1.93 19.31
N TYR A 117 43.07 2.00 18.02
CA TYR A 117 43.72 1.16 17.02
C TYR A 117 45.04 1.78 16.56
N GLY A 118 44.99 2.98 15.98
CA GLY A 118 46.17 3.67 15.52
C GLY A 118 46.43 4.96 16.26
N GLY A 119 46.05 6.08 15.65
CA GLY A 119 46.29 7.38 16.23
C GLY A 119 46.73 8.37 15.17
N ASN A 120 47.04 7.87 13.98
CA ASN A 120 47.49 8.71 12.88
C ASN A 120 46.43 9.76 12.54
N GLU A 121 46.77 11.03 12.76
CA GLU A 121 45.82 12.12 12.55
C GLU A 121 45.69 12.52 11.08
N GLU A 122 46.57 12.03 10.21
CA GLU A 122 46.49 12.39 8.80
C GLU A 122 45.21 11.88 8.14
N TYR A 123 44.53 10.93 8.77
CA TYR A 123 43.31 10.35 8.22
C TYR A 123 42.04 11.09 8.65
N LYS A 124 42.16 12.12 9.50
CA LYS A 124 41.01 12.86 10.00
C LYS A 124 41.35 14.35 9.99
N ILE A 125 41.02 15.03 8.90
CA ILE A 125 41.25 16.46 8.81
C ILE A 125 40.40 17.18 9.83
N THR A 126 41.02 18.09 10.58
CA THR A 126 40.32 18.85 11.60
C THR A 126 40.64 20.34 11.60
N GLU A 127 41.42 20.83 10.64
CA GLU A 127 41.79 22.24 10.61
C GLU A 127 42.01 22.66 9.16
N ASN A 128 41.90 23.96 8.94
CA ASN A 128 42.25 24.53 7.65
C ASN A 128 43.76 24.70 7.53
N LYS A 129 44.21 25.08 6.34
CA LYS A 129 45.64 25.35 6.15
C LYS A 129 46.11 26.49 7.02
N PHE A 130 45.20 27.34 7.50
CA PHE A 130 45.52 28.47 8.35
C PHE A 130 45.21 28.22 9.82
N GLY A 131 44.84 26.99 10.18
CA GLY A 131 44.53 26.67 11.56
C GLY A 131 43.12 26.96 11.98
N GLU A 132 42.19 27.17 11.05
CA GLU A 132 40.81 27.45 11.40
C GLU A 132 40.11 26.19 11.87
N PRO A 133 39.59 26.13 13.10
CA PRO A 133 38.89 24.92 13.55
C PRO A 133 37.64 24.64 12.74
N VAL A 134 37.63 23.55 11.99
CA VAL A 134 36.52 23.22 11.12
C VAL A 134 35.96 21.86 11.49
N THR A 135 34.93 21.42 10.77
CA THR A 135 34.28 20.15 11.09
C THR A 135 35.27 19.00 10.90
N PRO A 136 35.37 18.07 11.86
CA PRO A 136 36.27 16.93 11.70
C PRO A 136 35.72 15.98 10.65
N HIS A 137 36.50 15.78 9.57
CA HIS A 137 36.09 14.92 8.48
C HIS A 137 37.27 14.08 8.04
N LEU A 138 36.97 12.94 7.43
CA LEU A 138 38.00 12.04 6.93
C LEU A 138 38.70 12.64 5.72
N ASP A 139 40.00 12.38 5.62
CA ASP A 139 40.80 12.81 4.47
C ASP A 139 40.85 11.65 3.48
N TRP A 140 39.98 11.70 2.48
CA TRP A 140 39.89 10.63 1.50
C TRP A 140 41.00 10.68 0.46
N SER A 141 41.85 11.72 0.49
CA SER A 141 42.91 11.83 -0.51
C SER A 141 44.03 10.85 -0.25
N LYS A 142 44.41 10.65 1.01
CA LYS A 142 45.54 9.79 1.33
C LYS A 142 45.09 8.32 1.28
N PRO A 143 45.76 7.48 0.51
CA PRO A 143 45.31 6.08 0.36
C PRO A 143 45.44 5.30 1.65
N ILE A 144 44.57 4.31 1.80
CA ILE A 144 44.65 3.41 2.97
C ILE A 144 45.90 2.56 2.86
N PRO A 145 46.56 2.24 3.95
CA PRO A 145 47.79 1.44 3.86
C PRO A 145 47.52 0.06 3.25
N SER A 146 48.43 -0.36 2.38
CA SER A 146 48.34 -1.70 1.82
C SER A 146 48.63 -2.73 2.90
N GLU A 147 47.98 -3.90 2.78
CA GLU A 147 48.12 -4.91 3.81
C GLU A 147 49.57 -5.37 3.94
N LYS A 148 50.28 -5.53 2.83
CA LYS A 148 51.68 -5.90 2.88
C LYS A 148 52.57 -4.72 3.22
N ARG A 149 52.21 -3.51 2.79
CA ARG A 149 53.05 -2.33 2.96
C ARG A 149 52.67 -1.49 4.17
N ALA A 150 51.77 -1.97 5.02
CA ALA A 150 51.28 -1.21 6.15
C ALA A 150 52.13 -1.49 7.39
N THR A 151 51.70 -0.99 8.54
CA THR A 151 52.36 -1.20 9.82
C THR A 151 51.48 -2.07 10.71
N GLU A 152 51.95 -2.32 11.93
CA GLU A 152 51.23 -3.20 12.84
C GLU A 152 49.89 -2.61 13.24
N GLU A 153 49.89 -1.35 13.69
CA GLU A 153 48.63 -0.71 14.08
C GLU A 153 47.71 -0.54 12.89
N GLU A 154 48.28 -0.24 11.72
CA GLU A 154 47.47 -0.18 10.51
C GLU A 154 46.83 -1.53 10.21
N ILE A 155 47.59 -2.62 10.40
CA ILE A 155 47.03 -3.95 10.17
C ILE A 155 45.90 -4.24 11.15
N ALA A 156 46.07 -3.84 12.42
CA ALA A 156 44.99 -4.02 13.38
C ALA A 156 43.75 -3.26 12.97
N ALA A 157 43.92 -1.99 12.58
CA ALA A 157 42.77 -1.18 12.18
C ALA A 157 42.08 -1.77 10.96
N ILE A 158 42.85 -2.30 10.01
CA ILE A 158 42.25 -2.89 8.82
C ILE A 158 41.50 -4.17 9.17
N ASN A 159 42.11 -5.04 9.97
CA ASN A 159 41.48 -6.30 10.32
C ASN A 159 40.28 -6.11 11.26
N SER A 160 40.16 -4.95 11.89
CA SER A 160 39.03 -4.74 12.81
C SER A 160 37.70 -5.00 12.14
N VAL A 161 37.58 -4.73 10.83
CA VAL A 161 36.30 -4.89 10.14
C VAL A 161 36.13 -6.26 9.50
N TYR A 162 37.15 -7.12 9.53
CA TYR A 162 37.08 -8.44 8.92
C TYR A 162 36.85 -9.51 9.97
N TYR A 163 36.26 -10.61 9.54
CA TYR A 163 35.99 -11.76 10.40
C TYR A 163 36.45 -13.01 9.67
N THR A 164 37.17 -13.88 10.39
CA THR A 164 37.70 -15.11 9.85
C THR A 164 37.01 -16.30 10.51
N ASN A 165 36.48 -17.20 9.71
CA ASN A 165 35.87 -18.40 10.25
C ASN A 165 36.95 -19.27 10.87
N PRO A 166 36.85 -19.61 12.16
CA PRO A 166 37.92 -20.38 12.79
C PRO A 166 38.07 -21.79 12.23
N VAL A 167 37.05 -22.32 11.56
CA VAL A 167 37.10 -23.68 11.05
C VAL A 167 37.71 -23.70 9.65
N THR A 168 37.04 -23.05 8.69
CA THR A 168 37.48 -23.08 7.30
C THR A 168 38.46 -21.96 6.95
N HIS A 169 38.62 -20.96 7.81
CA HIS A 169 39.67 -19.96 7.67
C HIS A 169 39.42 -18.99 6.51
N ASP A 170 38.17 -18.64 6.29
CA ASP A 170 37.81 -17.67 5.26
C ASP A 170 37.66 -16.30 5.90
N ARG A 171 38.33 -15.29 5.32
CA ARG A 171 38.30 -13.93 5.82
C ARG A 171 37.31 -13.13 5.00
N LYS A 172 36.19 -12.75 5.61
CA LYS A 172 35.16 -11.99 4.92
C LYS A 172 34.80 -10.76 5.75
N LEU A 173 34.25 -9.75 5.09
CA LEU A 173 33.80 -8.56 5.80
C LEU A 173 32.78 -8.95 6.87
N ASN A 174 32.97 -8.43 8.06
CA ASN A 174 32.06 -8.73 9.15
C ASN A 174 30.73 -8.01 8.94
N PRO A 175 29.62 -8.73 8.76
CA PRO A 175 28.34 -8.05 8.56
C PRO A 175 27.94 -7.16 9.71
N ASP A 176 28.30 -7.53 10.94
CA ASP A 176 27.97 -6.72 12.11
C ASP A 176 28.74 -5.41 12.15
N GLN A 177 29.76 -5.23 11.30
CA GLN A 177 30.54 -4.02 11.26
C GLN A 177 30.22 -3.13 10.08
N MET A 178 29.60 -3.67 9.03
CA MET A 178 29.24 -2.90 7.84
C MET A 178 27.93 -2.17 8.12
N VAL A 179 28.03 -1.06 8.85
CA VAL A 179 26.87 -0.26 9.23
C VAL A 179 27.05 1.14 8.66
N TYR A 180 26.00 1.64 8.03
CA TYR A 180 25.96 2.97 7.42
C TYR A 180 25.09 3.88 8.25
N ARG A 181 25.60 5.07 8.55
CA ARG A 181 24.87 6.09 9.31
C ARG A 181 24.42 7.20 8.36
N TYR A 182 23.18 7.64 8.53
CA TYR A 182 22.67 8.69 7.64
C TYR A 182 21.41 9.31 8.23
N GLU A 183 21.21 10.59 7.91
CA GLU A 183 20.06 11.36 8.36
C GLU A 183 19.21 11.78 7.17
N VAL A 184 17.92 11.91 7.41
CA VAL A 184 16.95 12.37 6.42
C VAL A 184 16.06 13.41 7.06
N TYR A 185 15.87 14.54 6.38
CA TYR A 185 14.96 15.58 6.86
C TYR A 185 13.59 15.39 6.23
N ASP A 186 12.56 15.30 7.07
CA ASP A 186 11.19 15.09 6.62
C ASP A 186 10.61 16.44 6.20
N TYR A 187 10.80 16.77 4.92
CA TYR A 187 10.27 18.03 4.40
C TYR A 187 8.75 18.07 4.42
N ARG A 188 8.10 16.96 4.06
CA ARG A 188 6.65 16.95 3.99
C ARG A 188 6.02 17.11 5.36
N SER A 189 6.59 16.45 6.38
CA SER A 189 6.05 16.60 7.73
C SER A 189 6.31 17.99 8.30
N ALA A 190 7.44 18.60 7.94
CA ALA A 190 7.72 19.95 8.40
C ALA A 190 6.81 20.97 7.74
N ALA A 191 6.35 20.70 6.53
CA ALA A 191 5.48 21.62 5.81
C ALA A 191 4.01 21.49 6.19
N LEU A 192 3.66 20.53 7.04
CA LEU A 192 2.27 20.34 7.42
C LEU A 192 1.76 21.55 8.18
N ARG A 193 0.49 21.91 7.95
CA ARG A 193 -0.08 23.06 8.63
C ARG A 193 -0.13 22.85 10.14
N GLU A 194 -0.44 21.63 10.57
CA GLU A 194 -0.51 21.33 12.00
C GLU A 194 0.86 21.32 12.66
N HIS A 195 1.94 21.23 11.87
CA HIS A 195 3.29 21.15 12.41
C HIS A 195 4.03 22.48 12.35
N GLN A 196 3.30 23.59 12.19
CA GLN A 196 3.94 24.90 12.21
C GLN A 196 4.55 25.16 13.59
N LEU A 197 5.78 25.66 13.60
CA LEU A 197 6.46 25.91 14.86
C LEU A 197 5.80 27.02 15.67
N LYS A 198 4.97 27.84 15.04
CA LYS A 198 4.20 28.86 15.73
C LYS A 198 2.74 28.42 15.80
N ALA A 199 2.18 28.41 17.01
CA ALA A 199 0.82 27.93 17.20
C ALA A 199 -0.18 28.78 16.43
N ALA A 200 0.02 30.10 16.43
CA ALA A 200 -0.91 30.99 15.74
C ALA A 200 -1.02 30.66 14.26
N LYS A 201 0.01 30.06 13.69
CA LYS A 201 0.04 29.73 12.28
C LYS A 201 -0.46 28.31 11.99
N ARG A 202 -0.96 27.60 13.00
CA ARG A 202 -1.44 26.24 12.82
C ARG A 202 -2.91 26.17 12.45
N ASN A 203 -3.61 27.31 12.41
CA ASN A 203 -5.02 27.33 12.05
C ASN A 203 -5.33 28.71 11.49
N LEU A 204 -5.85 28.76 10.26
CA LEU A 204 -6.15 30.01 9.60
C LEU A 204 -7.56 30.51 9.89
N ASN A 205 -8.45 29.66 10.38
CA ASN A 205 -9.78 30.10 10.76
C ASN A 205 -9.69 31.08 11.92
N THR A 206 -10.23 32.28 11.72
CA THR A 206 -10.15 33.32 12.75
C THR A 206 -11.17 33.14 13.86
N ASP A 207 -12.16 32.26 13.69
CA ASP A 207 -13.11 31.98 14.75
C ASP A 207 -12.50 31.15 15.87
N ILE A 208 -11.43 30.42 15.58
CA ILE A 208 -10.78 29.54 16.55
C ILE A 208 -9.58 30.25 17.14
N LYS A 209 -9.47 30.25 18.46
CA LYS A 209 -8.37 30.91 19.15
C LYS A 209 -7.25 29.93 19.45
N VAL A 210 -6.02 30.43 19.41
CA VAL A 210 -4.82 29.59 19.59
C VAL A 210 -4.70 29.29 21.07
N ASP A 211 -5.00 28.04 21.44
CA ASP A 211 -4.87 27.62 22.84
C ASP A 211 -3.39 27.47 23.18
N PRO A 212 -2.91 28.08 24.26
CA PRO A 212 -1.48 27.96 24.60
C PRO A 212 -1.13 26.61 25.19
N ASN A 213 -2.06 26.02 25.94
CA ASN A 213 -1.81 24.71 26.56
C ASN A 213 -1.72 23.60 25.53
N ALA A 214 -2.19 23.82 24.31
CA ALA A 214 -2.17 22.77 23.29
C ALA A 214 -0.73 22.44 22.91
N VAL A 215 -0.41 21.15 22.91
CA VAL A 215 0.91 20.65 22.53
C VAL A 215 0.73 19.62 21.43
N VAL A 216 1.61 19.69 20.42
CA VAL A 216 1.61 18.74 19.32
C VAL A 216 2.73 17.74 19.57
N MET A 217 2.37 16.46 19.60
CA MET A 217 3.35 15.39 19.78
C MET A 217 3.86 14.95 18.42
N ILE A 218 5.19 14.83 18.30
CA ILE A 218 5.84 14.42 17.07
C ILE A 218 6.78 13.27 17.36
N SER A 219 6.95 12.40 16.37
CA SER A 219 7.82 11.24 16.46
C SER A 219 8.97 11.36 15.47
N LYS A 220 10.16 10.94 15.89
CA LYS A 220 11.33 10.92 15.03
C LYS A 220 12.18 9.71 15.37
N ASP A 221 13.03 9.32 14.42
CA ASP A 221 13.93 8.20 14.60
C ASP A 221 15.33 8.70 14.90
N THR A 222 15.98 8.10 15.91
CA THR A 222 17.38 8.38 16.15
C THR A 222 18.11 7.07 16.43
N ALA A 223 19.41 7.08 16.20
CA ALA A 223 20.26 5.93 16.44
C ALA A 223 21.65 6.43 16.83
N PHE A 224 22.34 5.62 17.63
CA PHE A 224 23.70 5.98 18.02
C PHE A 224 24.43 4.74 18.49
N VAL A 225 25.76 4.80 18.42
CA VAL A 225 26.63 3.74 18.91
C VAL A 225 27.11 4.14 20.30
N ASP A 226 26.89 3.27 21.28
CA ASP A 226 27.29 3.54 22.65
C ASP A 226 28.73 3.08 22.87
N GLU A 227 29.25 3.35 24.06
CA GLU A 227 30.64 3.01 24.36
C GLU A 227 30.90 1.52 24.19
N SER A 228 29.90 0.68 24.44
CA SER A 228 30.07 -0.77 24.28
C SER A 228 30.15 -1.19 22.82
N GLY A 229 29.92 -0.27 21.88
CA GLY A 229 29.93 -0.59 20.47
C GLY A 229 28.61 -1.10 19.92
N ASN A 230 27.54 -1.10 20.72
CA ASN A 230 26.24 -1.58 20.28
C ASN A 230 25.43 -0.44 19.69
N ILE A 231 24.67 -0.75 18.66
CA ILE A 231 23.82 0.24 17.99
C ILE A 231 22.47 0.28 18.70
N ILE A 232 22.13 1.46 19.24
CA ILE A 232 20.85 1.68 19.91
C ILE A 232 20.01 2.57 19.01
N SER A 233 18.85 2.08 18.62
CA SER A 233 17.90 2.81 17.79
C SER A 233 16.61 3.01 18.57
N GLU A 234 15.98 4.17 18.41
CA GLU A 234 14.74 4.45 19.12
C GLU A 234 13.90 5.45 18.35
N THR A 235 12.61 5.47 18.69
CA THR A 235 11.66 6.45 18.20
C THR A 235 11.30 7.38 19.36
N ILE A 236 11.68 8.65 19.23
CA ILE A 236 11.41 9.66 20.23
C ILE A 236 10.08 10.32 19.92
N THR A 237 9.20 10.37 20.91
CA THR A 237 7.92 11.08 20.83
C THR A 237 7.97 12.22 21.83
N ARG A 238 7.91 13.46 21.33
CA ARG A 238 8.06 14.61 22.19
C ARG A 238 7.25 15.76 21.64
N PRO A 239 6.96 16.77 22.45
CA PRO A 239 6.27 17.96 21.93
C PRO A 239 7.09 18.65 20.84
N LEU A 240 6.37 19.21 19.88
CA LEU A 240 7.02 19.89 18.75
C LEU A 240 7.54 21.24 19.19
N SER A 241 8.87 21.42 19.12
CA SER A 241 9.48 22.68 19.49
C SER A 241 10.52 23.19 18.51
N SER A 242 11.13 22.35 17.68
CA SER A 242 12.22 22.80 16.82
C SER A 242 12.27 21.95 15.56
N GLU A 243 13.13 22.38 14.63
CA GLU A 243 13.27 21.69 13.35
C GLU A 243 13.92 20.32 13.50
N TYR A 244 14.70 20.10 14.56
CA TYR A 244 15.29 18.79 14.78
C TYR A 244 14.24 17.71 15.00
N ASP A 245 13.00 18.12 15.28
CA ASP A 245 11.90 17.17 15.37
C ASP A 245 11.57 16.50 14.05
N PHE A 246 12.09 17.02 12.93
CA PHE A 246 11.82 16.47 11.62
C PHE A 246 13.03 15.78 11.00
N LEU A 247 14.07 15.52 11.79
CA LEU A 247 15.26 14.83 11.31
C LEU A 247 15.26 13.40 11.84
N ASN A 248 15.44 12.44 10.95
CA ASN A 248 15.45 11.02 11.29
C ASN A 248 16.84 10.46 11.02
N THR A 249 17.44 9.87 12.05
CA THR A 249 18.78 9.30 11.96
C THR A 249 18.69 7.78 11.99
N TYR A 250 19.44 7.13 11.09
CA TYR A 250 19.48 5.68 11.02
C TYR A 250 20.92 5.20 10.97
N ILE A 251 21.15 4.05 11.58
CA ILE A 251 22.43 3.33 11.49
C ILE A 251 22.06 1.89 11.13
N VAL A 252 22.21 1.55 9.87
CA VAL A 252 21.66 0.31 9.31
C VAL A 252 22.83 -0.59 8.90
N PRO A 253 22.85 -1.86 9.30
CA PRO A 253 23.81 -2.81 8.74
C PRO A 253 23.45 -3.15 7.31
N ILE A 254 24.34 -2.84 6.37
CA ILE A 254 24.01 -2.82 4.96
C ILE A 254 24.58 -4.00 4.19
N TYR A 255 25.24 -4.94 4.85
CA TYR A 255 25.78 -6.08 4.14
C TYR A 255 24.65 -7.04 3.74
N PRO A 256 24.66 -7.55 2.51
CA PRO A 256 23.55 -8.39 2.06
C PRO A 256 23.41 -9.65 2.92
N ASP A 257 22.16 -10.09 3.06
CA ASP A 257 21.85 -11.35 3.75
C ASP A 257 21.99 -12.47 2.73
N GLU A 258 23.18 -13.07 2.69
CA GLU A 258 23.45 -14.11 1.70
C GLU A 258 22.80 -15.43 2.07
N THR A 259 22.40 -15.61 3.32
CA THR A 259 21.75 -16.85 3.74
C THR A 259 20.33 -16.98 3.22
N CYS A 260 19.77 -15.95 2.59
CA CYS A 260 18.41 -16.03 2.08
C CYS A 260 18.22 -17.24 1.18
N TRP A 261 19.19 -17.51 0.31
CA TRP A 261 19.09 -18.66 -0.58
C TRP A 261 18.81 -19.94 0.19
N VAL A 262 19.48 -20.12 1.34
CA VAL A 262 19.26 -21.32 2.14
C VAL A 262 17.89 -21.26 2.82
N ASN A 263 17.50 -20.09 3.30
CA ASN A 263 16.30 -20.00 4.13
C ASN A 263 15.02 -19.94 3.32
N ASP A 264 15.07 -19.47 2.08
CA ASP A 264 13.87 -19.40 1.26
C ASP A 264 13.43 -20.76 0.75
N PHE A 265 14.36 -21.69 0.56
CA PHE A 265 14.10 -22.96 -0.13
C PHE A 265 14.58 -24.13 0.71
N PRO A 266 13.77 -24.59 1.67
CA PRO A 266 14.12 -25.81 2.41
C PRO A 266 14.17 -27.01 1.49
N ASN A 267 15.07 -27.94 1.82
CA ASN A 267 15.20 -29.21 1.10
C ASN A 267 15.69 -28.98 -0.33
N ALA A 268 16.65 -28.07 -0.50
CA ALA A 268 17.23 -27.78 -1.80
C ALA A 268 18.72 -27.53 -1.63
N ARG A 269 19.46 -27.73 -2.73
CA ARG A 269 20.90 -27.45 -2.74
C ARG A 269 21.11 -26.03 -3.26
N THR A 270 20.86 -25.07 -2.37
CA THR A 270 20.99 -23.66 -2.69
C THR A 270 22.10 -22.96 -1.92
N GLU A 271 22.85 -23.68 -1.10
CA GLU A 271 23.96 -23.07 -0.36
C GLU A 271 25.07 -22.60 -1.29
N ILE A 272 25.17 -23.18 -2.49
CA ILE A 272 26.14 -22.71 -3.47
C ILE A 272 25.90 -21.24 -3.79
N TYR A 273 24.63 -20.85 -3.90
CA TYR A 273 24.32 -19.44 -4.15
C TYR A 273 24.56 -18.59 -2.92
N THR A 274 24.31 -19.14 -1.73
CA THR A 274 24.66 -18.44 -0.51
C THR A 274 26.16 -18.19 -0.40
N ARG A 275 26.97 -19.00 -1.09
CA ARG A 275 28.42 -18.85 -1.04
C ARG A 275 28.99 -18.03 -2.19
N MET A 276 28.39 -18.07 -3.38
CA MET A 276 29.00 -17.51 -4.58
C MET A 276 28.28 -16.33 -5.20
N TYR A 277 26.97 -16.17 -4.99
CA TYR A 277 26.21 -15.24 -5.81
C TYR A 277 26.72 -13.81 -5.67
N PHE A 278 26.96 -13.36 -4.44
CA PHE A 278 27.43 -12.01 -4.20
C PHE A 278 28.95 -11.90 -4.22
N ASN A 279 29.66 -13.02 -4.34
CA ASN A 279 31.12 -13.01 -4.29
C ASN A 279 31.78 -13.49 -5.58
N HIS A 280 31.01 -13.92 -6.57
CA HIS A 280 31.66 -14.41 -7.77
C HIS A 280 31.71 -13.32 -8.83
N PRO A 281 32.84 -13.16 -9.52
CA PRO A 281 32.90 -12.15 -10.59
C PRO A 281 31.95 -12.43 -11.74
N GLY A 282 31.52 -13.69 -11.91
CA GLY A 282 30.58 -14.00 -12.96
C GLY A 282 29.17 -13.51 -12.70
N TYR A 283 28.83 -13.26 -11.45
CA TYR A 283 27.52 -12.74 -11.07
C TYR A 283 27.54 -11.23 -10.87
N ASP A 284 28.59 -10.55 -11.33
CA ASP A 284 28.74 -9.12 -11.06
C ASP A 284 27.58 -8.33 -11.65
N ASP A 285 27.17 -8.65 -12.88
CA ASP A 285 26.07 -7.95 -13.55
C ASP A 285 24.72 -8.57 -13.26
N TYR A 286 24.61 -9.38 -12.25
CA TYR A 286 23.32 -9.92 -11.87
C TYR A 286 22.70 -9.06 -10.76
N PRO A 287 21.37 -9.01 -10.69
CA PRO A 287 20.74 -8.18 -9.67
C PRO A 287 21.11 -8.64 -8.26
N VAL A 288 21.28 -7.68 -7.37
CA VAL A 288 21.61 -7.95 -5.98
C VAL A 288 20.35 -8.41 -5.26
N VAL A 289 20.45 -9.51 -4.52
CA VAL A 289 19.31 -10.03 -3.77
C VAL A 289 19.69 -10.11 -2.29
N GLY A 290 18.77 -10.57 -1.46
CA GLY A 290 19.01 -10.57 -0.03
C GLY A 290 19.10 -9.19 0.58
N ILE A 291 18.58 -8.17 -0.10
CA ILE A 291 18.63 -6.79 0.35
C ILE A 291 17.28 -6.43 0.96
N SER A 292 17.32 -5.85 2.15
CA SER A 292 16.12 -5.44 2.86
C SER A 292 15.70 -4.05 2.43
N TRP A 293 14.44 -3.72 2.74
CA TRP A 293 13.90 -2.40 2.42
C TRP A 293 14.74 -1.29 3.07
N GLU A 294 15.11 -1.48 4.33
CA GLU A 294 15.93 -0.49 5.03
C GLU A 294 17.31 -0.37 4.40
N GLN A 295 17.90 -1.50 4.01
CA GLN A 295 19.19 -1.45 3.34
C GLN A 295 19.10 -0.74 2.00
N ALA A 296 18.00 -0.95 1.27
CA ALA A 296 17.81 -0.24 0.01
C ALA A 296 17.67 1.26 0.23
N GLN A 297 16.96 1.66 1.27
CA GLN A 297 16.86 3.08 1.59
C GLN A 297 18.23 3.67 1.94
N ALA A 298 19.02 2.94 2.72
CA ALA A 298 20.36 3.40 3.06
C ALA A 298 21.23 3.51 1.81
N PHE A 299 21.10 2.55 0.88
CA PHE A 299 21.85 2.62 -0.36
C PHE A 299 21.46 3.83 -1.18
N CYS A 300 20.15 4.13 -1.24
CA CYS A 300 19.71 5.31 -1.98
C CYS A 300 20.25 6.59 -1.34
N ALA A 301 20.25 6.66 -0.01
CA ALA A 301 20.81 7.84 0.66
C ALA A 301 22.30 7.98 0.35
N TRP A 302 23.04 6.87 0.40
CA TRP A 302 24.46 6.93 0.08
C TRP A 302 24.68 7.35 -1.36
N ARG A 303 23.84 6.87 -2.27
CA ARG A 303 23.94 7.27 -3.67
C ARG A 303 23.72 8.77 -3.84
N SER A 304 22.72 9.31 -3.13
CA SER A 304 22.47 10.74 -3.21
C SER A 304 23.66 11.54 -2.69
N GLU A 305 24.21 11.11 -1.54
CA GLU A 305 25.37 11.80 -0.98
C GLU A 305 26.56 11.72 -1.93
N PHE A 306 26.80 10.55 -2.52
CA PHE A 306 27.90 10.36 -3.46
C PHE A 306 27.74 11.26 -4.68
N PHE A 307 26.51 11.34 -5.21
CA PHE A 307 26.26 12.19 -6.37
C PHE A 307 26.48 13.65 -6.04
N ARG A 308 26.00 14.09 -4.87
CA ARG A 308 26.19 15.49 -4.48
C ARG A 308 27.68 15.81 -4.31
N LYS A 309 28.44 14.87 -3.73
CA LYS A 309 29.84 15.13 -3.46
C LYS A 309 30.67 15.36 -4.71
N GLY A 310 30.16 14.99 -5.89
CA GLY A 310 30.95 15.08 -7.10
C GLY A 310 30.38 15.97 -8.20
N ILE A 311 29.72 17.07 -7.82
CA ILE A 311 29.16 17.99 -8.79
C ILE A 311 29.26 19.41 -8.23
N ARG A 312 29.49 20.37 -9.11
CA ARG A 312 29.56 21.79 -8.75
C ARG A 312 28.21 22.43 -9.09
N LEU A 313 27.52 22.93 -8.07
CA LEU A 313 26.17 23.43 -8.22
C LEU A 313 26.14 24.95 -8.11
N PRO A 314 25.60 25.67 -9.09
CA PRO A 314 25.43 27.11 -8.93
C PRO A 314 24.62 27.43 -7.68
N GLU A 315 24.77 28.67 -7.22
CA GLU A 315 24.12 29.09 -5.98
C GLU A 315 22.61 28.91 -6.07
N GLY A 316 22.02 28.34 -5.02
CA GLY A 316 20.59 28.17 -4.92
C GLY A 316 20.06 26.87 -5.48
N GLN A 317 20.84 26.15 -6.27
CA GLN A 317 20.36 24.93 -6.91
C GLN A 317 20.09 23.86 -5.85
N ILE A 318 18.86 23.37 -5.81
CA ILE A 318 18.46 22.29 -4.92
C ILE A 318 18.08 21.09 -5.77
N MET A 319 18.75 19.97 -5.55
CA MET A 319 18.49 18.74 -6.29
C MET A 319 17.68 17.77 -5.46
N ASP A 320 17.00 16.86 -6.14
CA ASP A 320 16.26 15.79 -5.48
C ASP A 320 17.17 14.58 -5.28
N ASP A 321 16.91 13.84 -4.22
CA ASP A 321 17.71 12.68 -3.86
C ASP A 321 17.23 11.43 -4.59
N PHE A 322 18.12 10.45 -4.70
CA PHE A 322 17.73 9.13 -5.16
C PHE A 322 16.81 8.48 -4.13
N ARG A 323 15.90 7.65 -4.62
CA ARG A 323 14.91 7.03 -3.73
C ARG A 323 14.38 5.78 -4.41
N LEU A 324 13.70 4.96 -3.61
CA LEU A 324 12.89 3.89 -4.18
C LEU A 324 11.65 4.49 -4.83
N PRO A 325 11.18 3.91 -5.93
CA PRO A 325 9.97 4.42 -6.58
C PRO A 325 8.74 4.13 -5.74
N THR A 326 7.72 4.96 -5.93
CA THR A 326 6.41 4.61 -5.42
C THR A 326 5.81 3.51 -6.28
N GLU A 327 4.87 2.77 -5.70
CA GLU A 327 4.26 1.68 -6.46
C GLU A 327 3.50 2.21 -7.67
N ALA A 328 2.90 3.40 -7.54
CA ALA A 328 2.24 4.03 -8.69
C ALA A 328 3.26 4.40 -9.77
N GLU A 329 4.38 5.00 -9.37
CA GLU A 329 5.42 5.32 -10.33
C GLU A 329 5.95 4.05 -11.00
N TRP A 330 6.18 3.01 -10.20
CA TRP A 330 6.70 1.76 -10.76
C TRP A 330 5.73 1.17 -11.77
N GLU A 331 4.44 1.11 -11.42
CA GLU A 331 3.47 0.52 -12.35
C GLU A 331 3.30 1.37 -13.59
N TYR A 332 3.39 2.70 -13.47
CA TYR A 332 3.33 3.56 -14.64
C TYR A 332 4.52 3.32 -15.56
N ALA A 333 5.72 3.17 -14.99
CA ALA A 333 6.90 2.99 -15.82
C ALA A 333 6.95 1.60 -16.45
N ALA A 334 6.50 0.58 -15.72
CA ALA A 334 6.55 -0.79 -16.23
C ALA A 334 5.64 -0.96 -17.43
N ARG A 335 4.45 -0.37 -17.40
CA ARG A 335 3.48 -0.52 -18.48
C ARG A 335 3.63 0.55 -19.55
N MET A 336 4.73 1.30 -19.54
CA MET A 336 4.98 2.34 -20.54
C MET A 336 3.87 3.37 -20.56
N GLY A 337 3.34 3.68 -19.38
CA GLY A 337 2.28 4.67 -19.27
C GLY A 337 1.06 4.39 -20.11
N ASP A 338 0.81 3.12 -20.43
CA ASP A 338 -0.32 2.73 -21.25
C ASP A 338 -1.21 1.77 -20.47
N SER A 339 -2.50 2.08 -20.40
CA SER A 339 -3.43 1.26 -19.63
C SER A 339 -3.84 -0.01 -20.36
N ASN A 340 -3.49 -0.15 -21.64
CA ASN A 340 -3.81 -1.34 -22.40
C ASN A 340 -2.79 -2.46 -22.24
N ASN A 341 -1.70 -2.21 -21.53
CA ASN A 341 -0.63 -3.19 -21.35
C ASN A 341 -0.80 -3.90 -20.02
N LYS A 342 -0.75 -5.24 -20.06
CA LYS A 342 -0.71 -6.02 -18.83
C LYS A 342 0.71 -6.34 -18.39
N TYR A 343 1.66 -6.30 -19.31
CA TYR A 343 3.05 -6.61 -19.02
C TYR A 343 3.93 -5.47 -19.55
N PRO A 344 5.24 -5.51 -19.33
CA PRO A 344 6.12 -4.50 -19.93
C PRO A 344 6.38 -4.77 -21.40
N TRP A 345 5.34 -5.11 -22.15
CA TRP A 345 5.43 -5.27 -23.59
C TRP A 345 4.05 -5.13 -24.18
N SER A 346 4.00 -4.90 -25.50
CA SER A 346 2.75 -4.57 -26.16
C SER A 346 1.80 -5.76 -26.21
N THR A 347 2.32 -6.93 -26.58
CA THR A 347 1.45 -8.08 -26.78
C THR A 347 0.92 -8.63 -25.45
N GLU A 348 -0.16 -9.39 -25.55
CA GLU A 348 -0.74 -10.06 -24.39
C GLU A 348 -0.09 -11.42 -24.10
N ASP A 349 0.64 -11.97 -25.07
CA ASP A 349 1.29 -13.26 -24.89
C ASP A 349 2.53 -13.09 -24.00
N LEU A 350 3.18 -14.21 -23.68
CA LEU A 350 4.41 -14.21 -22.92
C LEU A 350 5.61 -14.62 -23.74
N ARG A 351 5.44 -14.91 -25.03
CA ARG A 351 6.53 -15.30 -25.91
C ARG A 351 6.41 -14.56 -27.22
N THR A 352 7.53 -14.43 -27.91
CA THR A 352 7.55 -13.83 -29.23
C THR A 352 7.00 -14.81 -30.27
N GLY A 353 6.92 -14.37 -31.52
CA GLY A 353 6.48 -15.24 -32.58
C GLY A 353 7.37 -16.44 -32.80
N ARG A 354 8.64 -16.35 -32.39
CA ARG A 354 9.60 -17.44 -32.52
C ARG A 354 9.64 -18.33 -31.29
N GLY A 355 8.74 -18.12 -30.33
CA GLY A 355 8.67 -18.97 -29.16
C GLY A 355 9.56 -18.57 -28.00
N CYS A 356 10.27 -17.44 -28.10
CA CYS A 356 11.14 -17.02 -27.02
C CYS A 356 10.36 -16.25 -25.96
N PHE A 357 10.64 -16.56 -24.70
CA PHE A 357 9.96 -15.88 -23.61
C PHE A 357 10.46 -14.45 -23.46
N LEU A 358 9.60 -13.59 -22.91
CA LEU A 358 9.89 -12.17 -22.80
C LEU A 358 10.50 -11.77 -21.46
N GLY A 359 10.61 -12.70 -20.52
CA GLY A 359 11.18 -12.40 -19.22
C GLY A 359 11.64 -13.66 -18.54
N ASN A 360 12.24 -13.49 -17.37
CA ASN A 360 12.79 -14.59 -16.59
C ASN A 360 11.88 -14.82 -15.38
N PHE A 361 11.00 -15.79 -15.49
CA PHE A 361 10.08 -16.16 -14.41
C PHE A 361 9.97 -17.68 -14.40
N LYS A 362 8.99 -18.21 -13.70
CA LYS A 362 8.76 -19.65 -13.67
C LYS A 362 7.63 -20.01 -14.64
N PRO A 363 7.93 -20.28 -15.91
CA PRO A 363 6.84 -20.49 -16.88
C PRO A 363 6.09 -21.79 -16.70
N GLY A 364 6.78 -22.88 -16.39
CA GLY A 364 6.17 -24.18 -16.27
C GLY A 364 6.09 -24.65 -14.82
N GLU A 365 5.38 -25.76 -14.64
CA GLU A 365 5.24 -26.37 -13.33
C GLU A 365 6.52 -27.11 -12.97
N GLY A 366 7.18 -26.66 -11.90
CA GLY A 366 8.48 -27.21 -11.55
C GLY A 366 9.50 -26.91 -12.62
N ASP A 367 9.16 -26.00 -13.53
CA ASP A 367 9.97 -25.69 -14.71
C ASP A 367 10.34 -24.21 -14.66
N TYR A 368 11.47 -23.90 -14.05
CA TYR A 368 11.97 -22.53 -14.00
C TYR A 368 12.77 -22.16 -15.24
N THR A 369 13.40 -23.13 -15.89
CA THR A 369 14.38 -22.89 -16.94
C THR A 369 13.78 -22.81 -18.33
N ALA A 370 12.45 -22.82 -18.45
CA ALA A 370 11.83 -22.77 -19.77
C ALA A 370 12.28 -21.54 -20.55
N ASP A 371 12.56 -20.43 -19.86
CA ASP A 371 13.05 -19.22 -20.50
C ASP A 371 14.57 -19.17 -20.59
N GLY A 372 15.26 -20.23 -20.18
CA GLY A 372 16.71 -20.30 -20.24
C GLY A 372 17.42 -20.00 -18.95
N HIS A 373 16.70 -19.57 -17.91
CA HIS A 373 17.32 -19.18 -16.64
C HIS A 373 16.52 -19.75 -15.49
N LEU A 374 17.22 -20.36 -14.53
CA LEU A 374 16.59 -20.88 -13.32
C LEU A 374 16.58 -19.82 -12.22
N ILE A 375 17.75 -19.37 -11.81
CA ILE A 375 17.89 -18.26 -10.86
C ILE A 375 17.97 -16.97 -11.66
N PRO A 376 18.12 -15.81 -11.03
CA PRO A 376 18.13 -14.55 -11.78
C PRO A 376 19.20 -14.55 -12.86
N SER A 377 18.87 -13.96 -14.01
CA SER A 377 19.79 -13.84 -15.12
C SER A 377 20.51 -12.50 -15.08
N ARG A 378 21.51 -12.36 -15.95
CA ARG A 378 22.23 -11.11 -16.07
C ARG A 378 21.30 -10.03 -16.61
N VAL A 379 21.45 -8.81 -16.08
CA VAL A 379 20.53 -7.73 -16.45
C VAL A 379 20.65 -7.44 -17.94
N SER A 380 19.53 -7.06 -18.54
CA SER A 380 19.46 -6.72 -19.96
C SER A 380 19.53 -7.97 -20.84
N SER A 381 19.13 -9.12 -20.30
CA SER A 381 19.12 -10.35 -21.08
C SER A 381 17.91 -10.47 -21.99
N PHE A 382 16.89 -9.63 -21.81
CA PHE A 382 15.71 -9.60 -22.66
C PHE A 382 15.55 -8.20 -23.24
N SER A 383 14.47 -8.02 -24.00
CA SER A 383 14.22 -6.73 -24.63
C SER A 383 13.75 -5.72 -23.59
N PRO A 384 13.99 -4.44 -23.82
CA PRO A 384 13.53 -3.42 -22.86
C PRO A 384 12.11 -2.94 -23.13
N ASN A 385 11.65 -2.03 -22.28
CA ASN A 385 10.38 -1.36 -22.46
C ASN A 385 10.43 -0.44 -23.68
N ASP A 386 9.29 0.16 -24.00
CA ASP A 386 9.30 1.32 -24.89
C ASP A 386 9.99 2.50 -24.22
N PHE A 387 9.84 2.62 -22.90
CA PHE A 387 10.57 3.61 -22.14
C PHE A 387 12.07 3.30 -22.07
N GLY A 388 12.45 2.05 -22.31
CA GLY A 388 13.83 1.64 -22.22
C GLY A 388 14.24 0.98 -20.93
N LEU A 389 13.33 0.27 -20.26
CA LEU A 389 13.61 -0.36 -18.98
C LEU A 389 13.70 -1.87 -19.14
N TYR A 390 14.61 -2.48 -18.38
CA TYR A 390 14.87 -3.91 -18.47
C TYR A 390 14.37 -4.63 -17.23
N ASP A 391 13.87 -5.85 -17.43
CA ASP A 391 13.53 -6.75 -16.34
C ASP A 391 12.47 -6.14 -15.40
N MET A 392 11.55 -5.37 -15.98
CA MET A 392 10.42 -4.90 -15.19
C MET A 392 9.47 -6.04 -14.83
N ALA A 393 9.52 -7.14 -15.58
CA ALA A 393 8.79 -8.36 -15.25
C ALA A 393 9.81 -9.48 -15.09
N GLY A 394 9.82 -10.13 -13.94
CA GLY A 394 10.71 -11.23 -13.70
C GLY A 394 12.08 -10.82 -13.21
N ASN A 395 13.00 -11.79 -13.23
CA ASN A 395 14.31 -11.65 -12.62
C ASN A 395 14.17 -11.53 -11.11
N VAL A 396 14.17 -10.29 -10.59
CA VAL A 396 13.93 -10.05 -9.18
C VAL A 396 12.76 -9.09 -9.04
N ALA A 397 11.89 -9.38 -8.08
CA ALA A 397 10.86 -8.41 -7.70
C ALA A 397 11.51 -7.24 -6.99
N GLU A 398 10.88 -6.07 -7.07
CA GLU A 398 11.53 -4.81 -6.73
C GLU A 398 10.79 -4.09 -5.61
N TRP A 399 11.57 -3.56 -4.66
CA TRP A 399 11.03 -2.77 -3.57
C TRP A 399 10.43 -1.46 -4.07
N THR A 400 9.42 -0.98 -3.35
CA THR A 400 8.89 0.35 -3.52
C THR A 400 8.79 1.02 -2.16
N SER A 401 8.70 2.35 -2.17
CA SER A 401 8.63 3.12 -0.94
C SER A 401 7.23 3.11 -0.31
N THR A 402 6.24 2.54 -0.99
CA THR A 402 4.87 2.58 -0.52
C THR A 402 4.63 1.54 0.56
N ALA A 403 4.02 1.96 1.67
CA ALA A 403 3.56 1.02 2.67
C ALA A 403 2.37 0.24 2.15
N PHE A 404 2.26 -1.02 2.56
CA PHE A 404 1.26 -1.92 2.02
C PHE A 404 -0.04 -1.82 2.81
N SER A 405 -1.14 -1.62 2.10
CA SER A 405 -2.48 -1.66 2.66
C SER A 405 -3.39 -2.38 1.68
N GLU A 406 -4.26 -3.24 2.19
CA GLU A 406 -5.17 -3.98 1.31
C GLU A 406 -6.04 -3.04 0.49
N SER A 407 -6.39 -1.89 1.05
CA SER A 407 -7.04 -0.82 0.31
C SER A 407 -6.09 0.38 0.34
N GLY A 408 -5.15 0.39 -0.59
CA GLY A 408 -4.18 1.46 -0.67
C GLY A 408 -4.36 2.30 -1.92
N LEU A 409 -4.88 1.66 -2.98
CA LEU A 409 -5.21 2.40 -4.19
C LEU A 409 -6.31 3.42 -3.91
N LYS A 410 -7.27 3.07 -3.05
CA LYS A 410 -8.35 3.98 -2.71
C LYS A 410 -7.90 5.10 -1.77
N GLN A 411 -6.90 4.85 -0.92
CA GLN A 411 -6.49 5.83 0.08
C GLN A 411 -5.40 6.77 -0.40
N MET A 412 -4.82 6.53 -1.57
CA MET A 412 -3.79 7.43 -2.10
C MET A 412 -4.43 8.58 -2.86
N SER A 413 -3.59 9.54 -3.24
CA SER A 413 -4.05 10.69 -3.99
C SER A 413 -4.12 10.39 -5.48
N ASP A 414 -4.77 11.29 -6.21
CA ASP A 414 -4.85 11.19 -7.66
C ASP A 414 -3.55 11.58 -8.36
N ILE A 415 -2.82 12.54 -7.80
CA ILE A 415 -1.60 13.07 -8.40
C ILE A 415 -0.42 12.65 -7.54
N ASN A 416 0.60 12.09 -8.17
CA ASN A 416 1.79 11.58 -7.49
C ASN A 416 1.39 10.72 -6.29
N PRO A 417 0.61 9.67 -6.49
CA PRO A 417 0.11 8.89 -5.36
C PRO A 417 1.24 8.32 -4.52
N GLU A 418 1.06 8.35 -3.21
CA GLU A 418 2.05 7.78 -2.30
C GLU A 418 1.39 7.48 -0.97
N LEU A 419 1.65 6.29 -0.44
CA LEU A 419 1.21 5.88 0.90
C LEU A 419 2.48 5.64 1.70
N GLU A 420 2.92 6.66 2.43
CA GLU A 420 4.19 6.63 3.14
C GLU A 420 3.95 6.42 4.62
N TYR A 421 4.72 5.51 5.21
CA TYR A 421 4.63 5.25 6.64
C TYR A 421 6.02 5.02 7.19
N LYS A 422 6.35 5.73 8.26
CA LYS A 422 7.59 5.51 9.01
C LYS A 422 7.20 4.79 10.29
N ALA A 423 7.30 3.45 10.26
CA ALA A 423 6.87 2.66 11.40
C ALA A 423 7.75 2.93 12.61
N ALA A 424 7.13 2.90 13.79
CA ALA A 424 7.89 3.00 15.03
C ALA A 424 8.53 1.66 15.36
N LEU A 425 9.59 1.72 16.17
CA LEU A 425 10.31 0.51 16.54
C LEU A 425 9.41 -0.45 17.32
N THR A 426 8.56 0.08 18.19
CA THR A 426 7.67 -0.72 19.00
C THR A 426 6.33 -1.00 18.31
N ASP A 427 6.17 -0.58 17.07
CA ASP A 427 4.95 -0.86 16.35
C ASP A 427 4.78 -2.37 16.15
N PRO A 428 3.55 -2.86 16.09
CA PRO A 428 3.33 -4.27 15.76
C PRO A 428 3.92 -4.61 14.39
N TYR A 429 4.43 -5.84 14.29
CA TYR A 429 5.15 -6.25 13.09
C TYR A 429 4.29 -6.11 11.83
N ILE A 430 2.96 -6.18 11.98
CA ILE A 430 2.08 -6.13 10.82
C ILE A 430 2.10 -4.77 10.13
N LEU A 431 2.55 -3.72 10.82
CA LEU A 431 2.56 -2.38 10.26
C LEU A 431 3.80 -2.08 9.43
N LYS A 432 4.72 -3.02 9.32
CA LYS A 432 6.02 -2.79 8.68
C LYS A 432 6.14 -3.51 7.33
N GLN A 433 5.05 -3.62 6.60
CA GLN A 433 5.07 -4.26 5.29
C GLN A 433 5.10 -3.21 4.18
N LYS A 434 5.95 -3.46 3.18
CA LYS A 434 6.13 -2.57 2.05
C LYS A 434 5.81 -3.31 0.76
N VAL A 435 5.29 -2.56 -0.21
CA VAL A 435 4.83 -3.13 -1.47
C VAL A 435 6.01 -3.55 -2.33
N VAL A 436 5.83 -4.65 -3.04
CA VAL A 436 6.82 -5.22 -3.96
C VAL A 436 6.15 -5.46 -5.31
N ARG A 437 6.88 -5.22 -6.39
CA ARG A 437 6.31 -5.19 -7.72
C ARG A 437 7.18 -5.96 -8.71
N GLY A 438 6.53 -6.49 -9.74
CA GLY A 438 7.24 -7.01 -10.89
C GLY A 438 7.30 -8.52 -11.02
N GLY A 439 7.38 -9.22 -9.90
CA GLY A 439 7.62 -10.65 -9.92
C GLY A 439 9.08 -10.99 -10.08
N SER A 440 9.40 -12.26 -9.85
CA SER A 440 10.79 -12.70 -9.86
C SER A 440 10.98 -13.95 -10.70
N TRP A 441 12.19 -14.51 -10.64
CA TRP A 441 12.52 -15.75 -11.34
C TRP A 441 11.72 -16.95 -10.84
N LYS A 442 11.08 -16.84 -9.67
CA LYS A 442 10.36 -17.96 -9.07
C LYS A 442 8.85 -17.72 -9.04
N ASP A 443 8.34 -16.82 -9.87
CA ASP A 443 6.94 -16.43 -9.84
C ASP A 443 6.23 -16.89 -11.11
N VAL A 444 4.97 -17.31 -10.95
CA VAL A 444 4.13 -17.69 -12.07
C VAL A 444 3.76 -16.44 -12.86
N ALA A 445 3.20 -16.63 -14.05
CA ALA A 445 2.93 -15.50 -14.94
C ALA A 445 2.01 -14.47 -14.30
N ARG A 446 1.16 -14.90 -13.36
CA ARG A 446 0.24 -13.97 -12.72
C ARG A 446 0.98 -12.89 -11.94
N PHE A 447 2.04 -13.27 -11.24
CA PHE A 447 2.72 -12.33 -10.36
C PHE A 447 3.72 -11.44 -11.07
N ILE A 448 4.12 -11.77 -12.30
CA ILE A 448 4.95 -10.87 -13.09
C ILE A 448 4.11 -9.86 -13.86
N ARG A 449 2.78 -9.91 -13.72
CA ARG A 449 1.93 -8.87 -14.28
C ARG A 449 2.19 -7.55 -13.57
N SER A 450 2.22 -6.47 -14.34
CA SER A 450 2.60 -5.17 -13.79
C SER A 450 1.57 -4.63 -12.80
N ALA A 451 0.38 -5.22 -12.73
CA ALA A 451 -0.65 -4.74 -11.81
C ALA A 451 -0.69 -5.52 -10.50
N THR A 452 -0.09 -6.71 -10.44
CA THR A 452 -0.11 -7.49 -9.21
C THR A 452 0.77 -6.85 -8.16
N ARG A 453 0.26 -6.80 -6.93
CA ARG A 453 0.97 -6.23 -5.79
C ARG A 453 1.37 -7.35 -4.84
N SER A 454 2.63 -7.37 -4.42
CA SER A 454 3.08 -8.24 -3.34
C SER A 454 3.52 -7.36 -2.18
N HIS A 455 3.93 -7.99 -1.09
CA HIS A 455 4.41 -7.23 0.05
C HIS A 455 5.46 -8.04 0.79
N GLU A 456 6.31 -7.32 1.52
CA GLU A 456 7.32 -7.96 2.34
C GLU A 456 7.64 -7.07 3.53
N TYR A 457 8.07 -7.70 4.62
CA TYR A 457 8.44 -6.94 5.81
C TYR A 457 9.72 -6.16 5.56
N GLN A 458 9.78 -4.95 6.12
CA GLN A 458 10.84 -4.00 5.77
C GLN A 458 12.22 -4.45 6.20
N ASN A 459 12.33 -5.45 7.07
CA ASN A 459 13.63 -5.93 7.54
C ASN A 459 13.98 -7.30 6.98
N VAL A 460 13.25 -7.78 5.99
CA VAL A 460 13.43 -9.13 5.44
C VAL A 460 14.05 -9.02 4.05
N GLY A 461 15.17 -9.72 3.85
CA GLY A 461 15.76 -9.87 2.55
C GLY A 461 15.44 -11.22 1.96
N ARG A 462 15.28 -11.26 0.64
CA ARG A 462 14.89 -12.47 -0.07
C ARG A 462 15.78 -12.67 -1.28
N SER A 463 15.94 -13.92 -1.69
CA SER A 463 16.75 -14.25 -2.86
C SER A 463 16.04 -13.90 -4.17
N TYR A 464 14.86 -13.30 -4.10
CA TYR A 464 14.12 -12.94 -5.31
C TYR A 464 13.64 -11.49 -5.30
N ILE A 465 14.10 -10.67 -4.36
CA ILE A 465 13.71 -9.27 -4.28
C ILE A 465 14.96 -8.42 -4.43
N GLY A 466 14.99 -7.60 -5.48
CA GLY A 466 16.02 -6.60 -5.67
C GLY A 466 15.41 -5.21 -5.60
N PHE A 467 15.97 -4.26 -6.33
CA PHE A 467 15.41 -2.91 -6.36
C PHE A 467 16.16 -2.07 -7.38
N ARG A 468 15.51 -1.00 -7.80
CA ARG A 468 16.15 0.03 -8.61
C ARG A 468 15.72 1.40 -8.08
N CYS A 469 16.51 2.42 -8.40
CA CYS A 469 16.29 3.75 -7.87
C CYS A 469 15.58 4.65 -8.89
N VAL A 470 14.92 5.67 -8.37
CA VAL A 470 14.33 6.72 -9.18
C VAL A 470 14.75 8.07 -8.60
N ARG A 471 14.65 9.10 -9.43
CA ARG A 471 15.00 10.44 -9.02
C ARG A 471 14.07 11.42 -9.72
N THR A 472 13.35 12.23 -8.93
CA THR A 472 12.47 13.22 -9.52
C THR A 472 13.28 14.18 -10.39
N SER A 473 12.79 14.42 -11.61
CA SER A 473 13.49 15.22 -12.59
C SER A 473 12.81 16.58 -12.73
N ILE A 474 13.62 17.64 -12.77
CA ILE A 474 13.12 19.00 -12.95
C ILE A 474 13.08 19.26 -14.45
N ALA A 475 11.90 19.15 -15.04
CA ALA A 475 11.71 19.29 -16.47
C ALA A 475 10.54 20.22 -16.75
N PHE A 476 10.58 20.88 -17.90
CA PHE A 476 9.57 21.85 -18.26
C PHE A 476 9.00 21.61 -19.65
N THR B 49 -2.76 2.51 23.23
CA THR B 49 -1.89 1.42 22.80
C THR B 49 -1.23 1.76 21.46
N LEU B 50 -1.88 2.61 20.68
CA LEU B 50 -1.32 3.03 19.40
C LEU B 50 -0.13 3.96 19.62
N SER B 51 0.80 3.93 18.67
CA SER B 51 1.95 4.82 18.68
C SER B 51 1.59 6.15 18.03
N ASN B 52 2.38 7.17 18.32
CA ASN B 52 2.15 8.48 17.72
C ASN B 52 2.24 8.39 16.19
N ARG B 53 3.17 7.59 15.69
CA ARG B 53 3.24 7.35 14.25
C ARG B 53 1.94 6.76 13.74
N ALA B 54 1.41 5.76 14.44
CA ALA B 54 0.17 5.12 14.00
C ALA B 54 -1.01 6.08 14.08
N GLN B 55 -1.07 6.90 15.13
CA GLN B 55 -2.16 7.86 15.24
C GLN B 55 -2.11 8.88 14.10
N GLU B 56 -0.93 9.41 13.82
CA GLU B 56 -0.79 10.37 12.73
C GLU B 56 -1.16 9.74 11.39
N PHE B 57 -0.67 8.53 11.15
CA PHE B 57 -0.98 7.85 9.89
C PHE B 57 -2.48 7.60 9.75
N ASN B 58 -3.13 7.16 10.83
CA ASN B 58 -4.56 6.89 10.78
C ASN B 58 -5.34 8.17 10.51
N ARG B 59 -5.04 9.24 11.25
CA ARG B 59 -5.74 10.49 11.01
C ARG B 59 -5.41 11.09 9.66
N ARG B 60 -4.35 10.62 9.01
CA ARG B 60 -4.08 11.01 7.63
C ARG B 60 -4.89 10.21 6.62
N LEU B 61 -5.48 9.09 7.03
CA LEU B 61 -6.21 8.20 6.12
C LEU B 61 -7.72 8.38 6.22
N THR B 62 -8.20 9.36 6.98
CA THR B 62 -9.63 9.58 7.11
C THR B 62 -10.15 10.41 5.96
N GLN B 63 -11.37 10.11 5.52
CA GLN B 63 -12.01 10.83 4.42
C GLN B 63 -12.74 12.04 4.96
N LYS B 64 -12.47 13.21 4.39
CA LYS B 64 -13.11 14.46 4.78
C LYS B 64 -13.98 14.96 3.65
N THR B 65 -15.25 15.23 3.97
CA THR B 65 -16.21 15.77 3.02
C THR B 65 -16.66 17.17 3.45
N ASP B 66 -15.74 17.92 4.05
CA ASP B 66 -16.10 19.20 4.67
C ASP B 66 -16.59 20.20 3.65
N ASN B 67 -15.82 20.42 2.58
CA ASN B 67 -16.10 21.47 1.62
C ASN B 67 -16.45 20.92 0.24
N ALA B 68 -17.06 19.74 0.19
CA ALA B 68 -17.43 19.16 -1.09
C ALA B 68 -18.47 20.03 -1.78
N PRO B 69 -18.27 20.38 -3.05
CA PRO B 69 -19.31 21.14 -3.77
C PRO B 69 -20.51 20.29 -4.14
N TRP B 70 -20.42 18.97 -4.03
CA TRP B 70 -21.50 18.06 -4.39
C TRP B 70 -21.55 16.91 -3.39
N ARG B 71 -22.76 16.53 -2.99
CA ARG B 71 -22.94 15.44 -2.04
C ARG B 71 -24.21 14.68 -2.39
N ARG B 72 -24.26 13.42 -1.95
CA ARG B 72 -25.48 12.62 -2.10
C ARG B 72 -25.45 11.48 -1.10
N VAL B 73 -26.50 11.37 -0.30
CA VAL B 73 -26.61 10.34 0.72
C VAL B 73 -27.52 9.23 0.21
N VAL B 74 -27.08 7.98 0.35
CA VAL B 74 -27.78 6.83 -0.17
C VAL B 74 -27.85 5.76 0.91
N TYR B 75 -29.05 5.22 1.13
CA TYR B 75 -29.26 4.11 2.06
C TYR B 75 -29.45 2.85 1.23
N ARG B 76 -28.48 1.96 1.28
CA ARG B 76 -28.48 0.70 0.54
C ARG B 76 -28.80 -0.45 1.49
N ARG B 77 -29.41 -1.49 0.94
CA ARG B 77 -29.66 -2.73 1.66
C ARG B 77 -28.77 -3.82 1.08
N VAL B 78 -27.86 -4.34 1.89
CA VAL B 78 -26.94 -5.39 1.47
C VAL B 78 -27.46 -6.72 2.02
N ASP B 79 -27.70 -7.66 1.12
CA ASP B 79 -28.24 -8.97 1.46
C ASP B 79 -27.09 -9.94 1.69
N LEU B 80 -26.99 -10.48 2.91
CA LEU B 80 -25.90 -11.37 3.26
C LEU B 80 -25.99 -12.73 2.57
N MET B 81 -27.13 -13.05 1.95
CA MET B 81 -27.31 -14.33 1.27
C MET B 81 -26.80 -14.31 -0.16
N GLU B 82 -25.92 -13.37 -0.49
CA GLU B 82 -25.31 -13.29 -1.81
C GLU B 82 -23.80 -13.39 -1.68
N GLU B 83 -23.18 -14.16 -2.57
CA GLU B 83 -21.73 -14.22 -2.60
C GLU B 83 -21.16 -12.83 -2.90
N SER B 84 -20.01 -12.54 -2.31
CA SER B 84 -19.39 -11.21 -2.26
C SER B 84 -20.07 -10.34 -1.21
N ASN B 85 -21.15 -10.81 -0.58
CA ASN B 85 -21.75 -10.16 0.58
C ASN B 85 -21.68 -10.99 1.84
N ALA B 86 -21.52 -12.31 1.73
CA ALA B 86 -21.39 -13.18 2.89
C ALA B 86 -20.06 -13.01 3.60
N VAL B 87 -19.19 -12.13 3.12
CA VAL B 87 -17.96 -11.82 3.85
C VAL B 87 -18.29 -11.34 5.25
N LEU B 88 -19.38 -10.60 5.41
CA LEU B 88 -19.84 -10.15 6.71
C LEU B 88 -20.66 -11.20 7.44
N TYR B 89 -20.90 -12.35 6.83
CA TYR B 89 -21.70 -13.41 7.42
C TYR B 89 -20.87 -14.55 8.00
N TYR B 90 -19.75 -14.87 7.37
CA TYR B 90 -18.95 -16.02 7.80
C TYR B 90 -18.16 -15.67 9.05
N PRO B 91 -18.22 -16.49 10.10
CA PRO B 91 -19.05 -17.69 10.24
C PRO B 91 -20.41 -17.35 10.84
N PRO B 92 -21.46 -18.07 10.46
CA PRO B 92 -22.79 -17.79 11.05
C PRO B 92 -22.78 -17.85 12.56
N ARG B 93 -22.01 -18.75 13.15
CA ARG B 93 -21.81 -18.80 14.58
C ARG B 93 -20.32 -18.88 14.88
N PRO B 94 -19.89 -18.38 16.03
CA PRO B 94 -18.45 -18.28 16.30
C PRO B 94 -17.76 -19.63 16.23
N ILE B 95 -16.73 -19.72 15.40
CA ILE B 95 -15.90 -20.92 15.29
C ILE B 95 -14.58 -20.64 16.00
N GLY B 96 -14.50 -21.01 17.27
CA GLY B 96 -13.32 -20.68 18.06
C GLY B 96 -13.22 -19.18 18.29
N ASP B 97 -12.15 -18.58 17.79
CA ASP B 97 -11.97 -17.14 17.86
C ASP B 97 -12.48 -16.42 16.63
N ARG B 98 -13.06 -17.15 15.67
CA ARG B 98 -13.57 -16.54 14.45
C ARG B 98 -15.02 -16.12 14.65
N LYS B 99 -15.31 -14.85 14.37
CA LYS B 99 -16.65 -14.30 14.52
C LYS B 99 -17.02 -13.49 13.29
N ASN B 100 -18.30 -13.48 12.97
CA ASN B 100 -18.81 -12.63 11.91
C ASN B 100 -19.05 -11.23 12.45
N LEU B 101 -19.48 -10.32 11.57
CA LEU B 101 -19.57 -8.91 11.94
C LEU B 101 -20.52 -8.70 13.11
N PHE B 102 -21.69 -9.32 13.07
CA PHE B 102 -22.66 -9.10 14.13
C PHE B 102 -22.19 -9.70 15.46
N SER B 103 -21.47 -10.81 15.42
CA SER B 103 -20.91 -11.34 16.66
C SER B 103 -19.95 -10.35 17.29
N THR B 104 -19.09 -9.73 16.47
CA THR B 104 -18.18 -8.72 16.99
C THR B 104 -18.94 -7.53 17.55
N ILE B 105 -19.99 -7.07 16.86
CA ILE B 105 -20.76 -5.93 17.34
C ILE B 105 -21.42 -6.26 18.67
N PHE B 106 -22.04 -7.43 18.76
CA PHE B 106 -22.71 -7.82 20.00
C PHE B 106 -21.72 -7.96 21.15
N GLY B 107 -20.55 -8.55 20.88
CA GLY B 107 -19.54 -8.65 21.92
C GLY B 107 -19.05 -7.29 22.38
N LEU B 108 -18.85 -6.36 21.44
CA LEU B 108 -18.42 -5.02 21.80
C LEU B 108 -19.47 -4.31 22.64
N ILE B 109 -20.75 -4.52 22.31
CA ILE B 109 -21.82 -3.92 23.11
C ILE B 109 -21.91 -4.58 24.49
N ASN B 110 -21.56 -5.87 24.59
CA ASN B 110 -21.53 -6.50 25.90
C ASN B 110 -20.50 -5.86 26.81
N SER B 111 -19.40 -5.38 26.24
CA SER B 111 -18.52 -4.45 26.92
C SER B 111 -19.15 -3.05 26.81
N ASN B 112 -18.39 -2.03 27.18
CA ASN B 112 -18.81 -0.64 26.97
C ASN B 112 -17.88 0.04 25.98
N SER B 113 -17.48 -0.70 24.95
CA SER B 113 -16.53 -0.21 23.95
C SER B 113 -17.20 0.18 22.64
N LEU B 114 -18.53 0.25 22.60
CA LEU B 114 -19.22 0.64 21.38
C LEU B 114 -20.58 1.20 21.74
N ASP B 115 -20.91 2.37 21.21
CA ASP B 115 -22.20 3.02 21.42
C ASP B 115 -23.04 2.89 20.16
N VAL B 116 -24.25 2.38 20.32
CA VAL B 116 -25.20 2.22 19.22
C VAL B 116 -26.49 2.94 19.59
N TYR B 117 -27.23 3.33 18.55
CA TYR B 117 -28.39 4.20 18.71
C TYR B 117 -29.61 3.56 18.08
N GLU B 118 -30.78 3.93 18.61
CA GLU B 118 -32.03 3.32 18.17
C GLU B 118 -32.29 3.59 16.69
N TYR B 119 -32.85 2.60 16.01
CA TYR B 119 -33.25 2.74 14.62
C TYR B 119 -34.66 3.35 14.58
N LEU B 120 -34.73 4.63 14.24
CA LEU B 120 -36.00 5.32 14.08
C LEU B 120 -36.37 5.40 12.61
N ASP B 121 -37.67 5.41 12.34
CA ASP B 121 -38.18 5.44 10.97
C ASP B 121 -38.24 6.89 10.49
N GLY B 122 -37.46 7.20 9.46
CA GLY B 122 -37.48 8.52 8.89
C GLY B 122 -36.18 9.29 8.99
N PHE B 123 -35.48 9.14 10.11
CA PHE B 123 -34.26 9.91 10.34
C PHE B 123 -33.34 9.15 11.28
N GLU B 124 -32.08 9.56 11.31
CA GLU B 124 -31.06 9.02 12.20
C GLU B 124 -30.54 10.14 13.08
N ALA B 125 -30.48 9.89 14.39
CA ALA B 125 -29.99 10.87 15.36
C ALA B 125 -29.05 10.15 16.31
N PHE B 126 -27.75 10.40 16.18
CA PHE B 126 -26.75 9.77 17.03
C PHE B 126 -26.37 10.71 18.17
N THR B 127 -27.33 10.89 19.07
CA THR B 127 -27.15 11.73 20.25
C THR B 127 -27.47 10.92 21.50
N ASP B 128 -27.02 11.43 22.65
CA ASP B 128 -27.19 10.71 23.91
C ASP B 128 -28.65 10.42 24.22
N GLN B 129 -29.57 11.19 23.66
CA GLN B 129 -30.99 10.90 23.86
C GLN B 129 -31.36 9.54 23.30
N TYR B 130 -30.83 9.20 22.12
CA TYR B 130 -31.19 7.98 21.42
C TYR B 130 -30.21 6.83 21.66
N LYS B 131 -29.23 7.01 22.53
CA LYS B 131 -28.30 5.93 22.84
C LYS B 131 -29.07 4.71 23.32
N ILE B 132 -28.71 3.55 22.79
CA ILE B 132 -29.41 2.31 23.12
C ILE B 132 -28.88 1.76 24.44
N LYS B 133 -29.80 1.26 25.27
CA LYS B 133 -29.45 0.59 26.52
C LYS B 133 -29.47 -0.91 26.27
N PHE B 134 -28.33 -1.56 26.48
CA PHE B 134 -28.24 -2.98 26.17
C PHE B 134 -29.28 -3.80 26.91
N GLN B 135 -29.61 -3.39 28.14
CA GLN B 135 -30.62 -4.11 28.90
C GLN B 135 -31.96 -4.09 28.19
N GLU B 136 -32.39 -2.92 27.73
CA GLU B 136 -33.66 -2.81 27.00
C GLU B 136 -33.43 -2.99 25.50
N PHE B 137 -32.65 -4.01 25.16
CA PHE B 137 -32.57 -4.50 23.78
C PHE B 137 -32.66 -6.01 23.67
N LEU B 138 -32.25 -6.76 24.70
CA LEU B 138 -32.35 -8.21 24.65
C LEU B 138 -33.79 -8.67 24.81
N ASP B 139 -34.52 -8.11 25.78
CA ASP B 139 -35.91 -8.52 25.98
C ASP B 139 -36.79 -8.06 24.83
N ARG B 140 -36.54 -6.86 24.31
CA ARG B 140 -37.31 -6.36 23.18
C ARG B 140 -37.20 -7.26 21.96
N PHE B 141 -36.11 -8.02 21.84
CA PHE B 141 -35.88 -8.89 20.69
C PHE B 141 -35.75 -10.35 21.09
N GLY B 142 -36.22 -10.72 22.28
CA GLY B 142 -36.25 -12.10 22.69
C GLY B 142 -34.90 -12.78 22.77
N ILE B 143 -33.93 -12.12 23.39
CA ILE B 143 -32.60 -12.66 23.59
C ILE B 143 -32.45 -12.98 25.07
N TYR B 144 -32.35 -14.27 25.40
CA TYR B 144 -32.24 -14.69 26.79
C TYR B 144 -30.86 -14.39 27.33
N TYR B 145 -30.81 -13.98 28.60
CA TYR B 145 -29.54 -13.62 29.23
C TYR B 145 -29.60 -13.94 30.71
N GLN B 146 -28.43 -14.04 31.32
CA GLN B 146 -28.26 -14.32 32.73
C GLN B 146 -27.34 -13.28 33.34
N PRO B 147 -27.39 -13.09 34.65
CA PRO B 147 -26.47 -12.14 35.30
C PRO B 147 -25.03 -12.53 35.00
N SER B 148 -24.20 -11.51 34.78
CA SER B 148 -22.80 -11.75 34.43
C SER B 148 -22.00 -12.11 35.67
N THR B 149 -21.08 -13.07 35.50
CA THR B 149 -20.16 -13.40 36.58
C THR B 149 -19.12 -12.30 36.78
N ASN B 150 -18.95 -11.42 35.81
CA ASN B 150 -18.06 -10.28 35.93
C ASN B 150 -18.76 -9.05 35.37
N LYS B 151 -18.41 -7.89 35.92
CA LYS B 151 -18.93 -6.61 35.44
C LYS B 151 -17.94 -5.88 34.55
N ASN B 152 -16.78 -6.48 34.26
CA ASN B 152 -15.76 -5.88 33.41
C ASN B 152 -15.85 -6.53 32.03
N ALA B 153 -16.20 -5.72 31.02
CA ALA B 153 -16.37 -6.21 29.66
C ALA B 153 -17.48 -7.27 29.57
N GLU B 154 -18.42 -7.22 30.51
CA GLU B 154 -19.57 -8.15 30.48
C GLU B 154 -20.71 -7.49 31.23
N LEU B 155 -21.67 -6.93 30.50
CA LEU B 155 -22.87 -6.39 31.12
C LEU B 155 -23.83 -7.51 31.53
N PHE B 156 -23.93 -8.54 30.69
CA PHE B 156 -24.78 -9.69 30.97
C PHE B 156 -24.09 -10.94 30.44
N LYS B 157 -24.80 -12.07 30.52
CA LYS B 157 -24.30 -13.35 30.03
C LYS B 157 -25.26 -13.86 28.97
N VAL B 158 -24.81 -13.86 27.71
CA VAL B 158 -25.61 -14.31 26.58
C VAL B 158 -24.87 -15.44 25.90
N ALA B 159 -25.56 -16.56 25.69
CA ALA B 159 -24.96 -17.70 25.02
C ALA B 159 -24.85 -17.43 23.52
N ASP B 160 -23.93 -18.16 22.88
CA ASP B 160 -23.73 -17.98 21.45
C ASP B 160 -24.99 -18.34 20.67
N SER B 161 -25.67 -19.41 21.06
CA SER B 161 -26.90 -19.79 20.38
C SER B 161 -27.98 -18.73 20.53
N ASP B 162 -27.98 -18.00 21.65
CA ASP B 162 -28.96 -16.94 21.86
C ASP B 162 -28.64 -15.70 21.04
N ILE B 163 -27.37 -15.40 20.82
CA ILE B 163 -26.96 -14.24 20.04
C ILE B 163 -27.34 -14.48 18.59
N PRO B 164 -28.13 -13.61 17.97
CA PRO B 164 -28.61 -13.83 16.59
C PRO B 164 -27.58 -13.44 15.54
N SER B 165 -26.49 -14.19 15.48
CA SER B 165 -25.46 -13.93 14.48
C SER B 165 -25.77 -14.56 13.13
N ALA B 166 -26.60 -15.60 13.11
CA ALA B 166 -27.04 -16.22 11.86
C ALA B 166 -28.36 -15.69 11.37
N GLU B 167 -29.19 -15.12 12.25
CA GLU B 167 -30.46 -14.54 11.84
C GLU B 167 -30.27 -13.21 11.14
N VAL B 168 -29.21 -12.47 11.46
CA VAL B 168 -28.92 -11.19 10.83
C VAL B 168 -28.36 -11.48 9.44
N LYS B 169 -29.21 -11.39 8.41
CA LYS B 169 -28.82 -11.71 7.05
C LYS B 169 -28.87 -10.50 6.12
N ALA B 170 -28.93 -9.29 6.68
CA ALA B 170 -28.98 -8.09 5.86
C ALA B 170 -28.48 -6.91 6.67
N TYR B 171 -27.94 -5.92 5.96
CA TYR B 171 -27.43 -4.71 6.58
C TYR B 171 -27.94 -3.47 5.86
N TYR B 172 -28.14 -2.39 6.62
CA TYR B 172 -28.42 -1.08 6.06
C TYR B 172 -27.12 -0.27 6.07
N VAL B 173 -26.67 0.13 4.89
CA VAL B 173 -25.43 0.88 4.74
C VAL B 173 -25.77 2.29 4.30
N LYS B 174 -25.36 3.27 5.09
CA LYS B 174 -25.60 4.68 4.79
C LYS B 174 -24.31 5.26 4.20
N GLU B 175 -24.31 5.49 2.90
CA GLU B 175 -23.15 5.99 2.19
C GLU B 175 -23.36 7.45 1.82
N GLU B 176 -22.24 8.15 1.68
CA GLU B 176 -22.22 9.54 1.23
C GLU B 176 -21.24 9.63 0.08
N TRP B 177 -21.77 9.81 -1.14
CA TRP B 177 -20.94 10.13 -2.29
C TRP B 177 -20.63 11.61 -2.26
N TYR B 178 -19.37 11.95 -2.49
CA TYR B 178 -18.95 13.33 -2.42
C TYR B 178 -17.89 13.61 -3.49
N PHE B 179 -17.81 14.89 -3.86
CA PHE B 179 -16.84 15.40 -4.81
C PHE B 179 -15.77 16.16 -4.03
N THR B 180 -14.52 15.75 -4.20
CA THR B 180 -13.44 16.37 -3.45
C THR B 180 -13.10 17.73 -4.04
N PRO B 181 -13.12 18.80 -3.24
CA PRO B 181 -12.87 20.13 -3.83
C PRO B 181 -11.45 20.31 -4.31
N THR B 182 -10.45 19.87 -3.52
CA THR B 182 -9.06 20.09 -3.89
C THR B 182 -8.60 19.13 -4.99
N ASN B 183 -9.09 17.89 -4.97
CA ASN B 183 -8.62 16.86 -5.88
C ASN B 183 -9.49 16.69 -7.11
N SER B 184 -10.78 17.01 -7.02
CA SER B 184 -11.70 16.89 -8.15
C SER B 184 -11.97 15.44 -8.52
N ASP B 185 -12.19 14.59 -7.52
CA ASP B 185 -12.53 13.20 -7.74
C ASP B 185 -13.69 12.80 -6.84
N VAL B 186 -14.44 11.80 -7.26
CA VAL B 186 -15.61 11.33 -6.53
C VAL B 186 -15.21 10.19 -5.61
N ASP B 187 -15.79 10.18 -4.42
CA ASP B 187 -15.49 9.14 -3.45
C ASP B 187 -16.74 8.82 -2.64
N ILE B 188 -16.71 7.68 -1.96
CA ILE B 188 -17.81 7.21 -1.14
C ILE B 188 -17.30 7.06 0.30
N LYS B 189 -18.07 7.57 1.25
CA LYS B 189 -17.75 7.48 2.66
C LYS B 189 -18.88 6.76 3.39
N ILE B 190 -18.54 5.89 4.34
CA ILE B 190 -19.53 5.15 5.09
C ILE B 190 -19.84 5.92 6.38
N GLN B 191 -21.13 6.14 6.63
CA GLN B 191 -21.57 6.86 7.81
C GLN B 191 -22.07 5.95 8.92
N ALA B 192 -22.90 4.95 8.60
CA ALA B 192 -23.44 4.06 9.60
C ALA B 192 -23.91 2.78 8.94
N ILE B 193 -24.09 1.74 9.75
CA ILE B 193 -24.59 0.45 9.29
C ILE B 193 -25.58 -0.06 10.33
N CYS B 194 -26.67 -0.65 9.85
CA CYS B 194 -27.72 -1.17 10.71
C CYS B 194 -27.96 -2.65 10.44
N PRO B 195 -27.68 -3.53 11.39
CA PRO B 195 -28.01 -4.95 11.19
C PRO B 195 -29.50 -5.17 11.20
N ILE B 196 -29.98 -6.00 10.26
CA ILE B 196 -31.39 -6.33 10.13
C ILE B 196 -31.57 -7.80 10.50
N MET B 197 -32.34 -8.05 11.55
CA MET B 197 -32.67 -9.42 11.92
C MET B 197 -33.77 -9.96 11.01
N THR B 198 -33.60 -11.20 10.56
CA THR B 198 -34.51 -11.79 9.60
C THR B 198 -35.26 -12.96 10.23
N GLY B 199 -35.72 -12.79 11.46
CA GLY B 199 -36.41 -13.85 12.16
C GLY B 199 -37.73 -14.23 11.53
N GLN B 200 -38.58 -14.92 12.28
CA GLN B 200 -39.85 -15.43 11.77
C GLN B 200 -40.98 -14.57 12.31
N ASP B 201 -41.79 -14.02 11.40
CA ASP B 201 -42.93 -13.20 11.81
C ASP B 201 -43.90 -14.04 12.63
N GLU B 202 -44.37 -13.49 13.74
CA GLU B 202 -45.35 -14.17 14.56
C GLU B 202 -46.62 -14.41 13.75
N PHE B 203 -47.29 -15.52 14.07
CA PHE B 203 -48.50 -15.96 13.38
C PHE B 203 -48.23 -16.37 11.94
N GLY B 204 -46.98 -16.66 11.60
CA GLY B 204 -46.61 -17.03 10.25
C GLY B 204 -45.92 -15.87 9.52
N GLU B 205 -45.43 -16.20 8.33
CA GLU B 205 -44.76 -15.20 7.49
C GLU B 205 -43.43 -14.78 8.11
N VAL B 206 -42.64 -14.02 7.35
CA VAL B 206 -41.35 -13.55 7.82
C VAL B 206 -41.43 -12.08 8.17
N ARG B 207 -40.48 -11.62 8.97
CA ARG B 207 -40.45 -10.23 9.40
C ARG B 207 -38.99 -9.80 9.57
N ASN B 208 -38.64 -8.67 8.96
CA ASN B 208 -37.30 -8.09 9.07
C ASN B 208 -37.35 -6.90 10.00
N GLN B 209 -36.50 -6.90 11.02
CA GLN B 209 -36.48 -5.84 12.03
C GLN B 209 -35.11 -5.20 12.09
N PRO B 210 -34.95 -3.94 11.67
CA PRO B 210 -33.69 -3.23 11.94
C PRO B 210 -33.46 -3.13 13.44
N LEU B 211 -32.20 -3.31 13.85
CA LEU B 211 -31.87 -3.36 15.26
C LEU B 211 -31.43 -2.01 15.82
N PHE B 212 -30.37 -1.44 15.25
CA PHE B 212 -29.85 -0.16 15.72
C PHE B 212 -28.86 0.37 14.70
N TRP B 213 -28.44 1.61 14.90
CA TRP B 213 -27.49 2.27 14.02
C TRP B 213 -26.12 2.29 14.68
N ILE B 214 -25.09 1.93 13.92
CA ILE B 214 -23.72 1.94 14.41
C ILE B 214 -22.91 2.93 13.57
N PRO B 215 -22.59 4.11 14.11
CA PRO B 215 -21.74 5.04 13.36
C PRO B 215 -20.43 4.37 12.98
N TYR B 216 -20.02 4.55 11.73
CA TYR B 216 -18.86 3.81 11.22
C TYR B 216 -17.58 4.21 11.94
N GLU B 217 -17.48 5.46 12.40
CA GLU B 217 -16.28 5.86 13.13
C GLU B 217 -16.14 5.08 14.43
N ASN B 218 -17.27 4.77 15.08
CA ASN B 218 -17.22 4.02 16.33
C ASN B 218 -16.66 2.61 16.13
N ILE B 219 -17.06 1.95 15.04
CA ILE B 219 -16.68 0.55 14.83
C ILE B 219 -15.42 0.39 13.99
N ARG B 220 -14.94 1.45 13.34
CA ARG B 220 -13.80 1.31 12.44
C ARG B 220 -12.57 0.73 13.12
N PRO B 221 -12.14 1.21 14.30
CA PRO B 221 -10.94 0.63 14.92
C PRO B 221 -11.05 -0.85 15.20
N TYR B 222 -12.25 -1.35 15.55
CA TYR B 222 -12.40 -2.74 15.94
C TYR B 222 -12.39 -3.69 14.76
N ILE B 223 -12.94 -3.27 13.61
CA ILE B 223 -13.00 -4.14 12.44
C ILE B 223 -11.82 -3.97 11.51
N ALA B 224 -10.85 -3.12 11.86
CA ALA B 224 -9.64 -2.96 11.07
C ALA B 224 -8.55 -3.94 11.48
N ARG B 225 -8.81 -4.81 12.47
CA ARG B 225 -7.83 -5.76 12.95
C ARG B 225 -8.19 -7.21 12.65
N GLU B 226 -9.47 -7.52 12.45
CA GLU B 226 -9.90 -8.88 12.19
C GLU B 226 -9.78 -9.21 10.71
N ARG B 227 -9.09 -10.31 10.41
CA ARG B 227 -8.89 -10.75 9.05
C ARG B 227 -10.00 -11.71 8.63
N VAL B 228 -10.43 -11.60 7.37
CA VAL B 228 -11.48 -12.43 6.81
C VAL B 228 -11.08 -12.84 5.40
N MET B 229 -11.82 -13.79 4.85
CA MET B 229 -11.63 -14.22 3.47
C MET B 229 -12.74 -13.64 2.61
N LEU B 230 -12.36 -13.09 1.45
CA LEU B 230 -13.28 -12.37 0.59
C LEU B 230 -13.95 -13.24 -0.46
N SER B 231 -13.65 -14.53 -0.50
CA SER B 231 -14.18 -15.39 -1.53
C SER B 231 -14.36 -16.80 -0.99
N SER B 232 -15.23 -17.57 -1.65
CA SER B 232 -15.33 -19.00 -1.37
C SER B 232 -14.34 -19.82 -2.19
N LEU B 233 -13.74 -19.22 -3.22
CA LEU B 233 -12.75 -19.91 -4.05
C LEU B 233 -11.32 -19.68 -3.56
N ASN B 234 -11.14 -18.82 -2.56
CA ASN B 234 -9.82 -18.59 -1.96
C ASN B 234 -10.06 -18.27 -0.50
N ASN B 235 -9.68 -19.19 0.37
CA ASN B 235 -9.97 -19.09 1.80
C ASN B 235 -8.87 -18.37 2.58
N THR B 236 -7.93 -17.74 1.90
CA THR B 236 -6.93 -16.93 2.60
C THR B 236 -7.59 -15.73 3.26
N ARG B 237 -7.23 -15.48 4.51
CA ARG B 237 -7.79 -14.36 5.26
C ARG B 237 -6.84 -13.16 5.17
N ASN B 238 -6.76 -12.61 3.95
CA ASN B 238 -5.81 -11.56 3.63
C ASN B 238 -6.41 -10.16 3.71
N SER B 239 -7.66 -10.03 4.14
CA SER B 239 -8.33 -8.73 4.19
C SER B 239 -9.05 -8.58 5.52
N THR B 240 -9.65 -7.41 5.71
CA THR B 240 -10.41 -7.09 6.91
C THR B 240 -11.76 -6.52 6.51
N ILE B 241 -12.68 -6.47 7.48
CA ILE B 241 -14.00 -5.90 7.22
C ILE B 241 -13.88 -4.43 6.85
N ASP B 242 -12.94 -3.72 7.47
CA ASP B 242 -12.70 -2.34 7.10
C ASP B 242 -12.28 -2.21 5.64
N ASP B 243 -11.41 -3.10 5.18
CA ASP B 243 -11.06 -3.12 3.77
C ASP B 243 -12.26 -3.45 2.91
N PHE B 244 -13.12 -4.37 3.39
CA PHE B 244 -14.31 -4.73 2.64
C PHE B 244 -15.23 -3.53 2.42
N PHE B 245 -15.43 -2.72 3.47
CA PHE B 245 -16.29 -1.54 3.33
C PHE B 245 -15.60 -0.42 2.57
N ARG B 246 -14.32 -0.18 2.82
CA ARG B 246 -13.62 0.93 2.18
C ARG B 246 -13.47 0.72 0.68
N LEU B 247 -13.30 -0.52 0.24
CA LEU B 247 -13.19 -0.81 -1.18
C LEU B 247 -14.54 -0.95 -1.87
N ASN B 248 -15.63 -0.83 -1.11
CA ASN B 248 -16.98 -0.94 -1.67
C ASN B 248 -17.17 -2.27 -2.41
N LEU B 249 -16.86 -3.36 -1.71
CA LEU B 249 -17.03 -4.69 -2.26
C LEU B 249 -18.42 -5.26 -2.01
N TYR B 250 -19.24 -4.58 -1.22
CA TYR B 250 -20.61 -5.04 -0.98
C TYR B 250 -21.51 -4.62 -2.13
N LYS B 251 -22.54 -5.42 -2.38
CA LYS B 251 -23.51 -5.17 -3.44
C LYS B 251 -24.91 -5.11 -2.82
N GLY B 252 -25.44 -3.89 -2.69
CA GLY B 252 -26.78 -3.70 -2.21
C GLY B 252 -27.57 -2.80 -3.16
N ASP B 253 -28.89 -2.82 -2.99
CA ASP B 253 -29.77 -1.97 -3.77
C ASP B 253 -30.18 -0.75 -2.95
N ILE B 254 -30.36 0.37 -3.66
CA ILE B 254 -30.73 1.61 -2.99
C ILE B 254 -32.15 1.47 -2.45
N VAL B 255 -32.30 1.58 -1.13
CA VAL B 255 -33.61 1.58 -0.51
C VAL B 255 -34.06 2.97 -0.13
N LYS B 256 -33.13 3.92 0.00
CA LYS B 256 -33.52 5.29 0.33
C LYS B 256 -32.48 6.27 -0.21
N THR B 257 -32.92 7.51 -0.40
CA THR B 257 -32.06 8.60 -0.81
C THR B 257 -32.44 9.84 -0.05
N GLU B 258 -31.48 10.73 0.18
CA GLU B 258 -31.76 11.99 0.82
C GLU B 258 -32.44 12.93 -0.18
N ASN B 259 -33.69 13.27 0.09
CA ASN B 259 -34.46 14.14 -0.80
C ASN B 259 -35.23 15.13 0.06
N LEU B 260 -35.72 16.19 -0.61
CA LEU B 260 -36.37 17.28 0.12
C LEU B 260 -37.66 16.85 0.80
N HIS B 261 -38.28 15.76 0.35
CA HIS B 261 -39.52 15.29 0.94
C HIS B 261 -39.31 14.21 2.00
N ASN B 262 -38.07 13.78 2.24
CA ASN B 262 -37.79 12.70 3.17
C ASN B 262 -38.57 11.45 2.80
N ARG B 263 -38.42 11.03 1.55
CA ARG B 263 -39.14 9.90 1.00
C ARG B 263 -38.23 8.69 0.89
N ALA B 264 -38.72 7.54 1.34
CA ALA B 264 -38.08 6.26 1.09
C ALA B 264 -38.72 5.63 -0.14
N LEU B 265 -37.94 4.77 -0.82
CA LEU B 265 -38.45 4.13 -2.03
C LEU B 265 -39.71 3.32 -1.75
N ALA B 266 -39.84 2.78 -0.55
CA ALA B 266 -40.99 1.93 -0.22
C ALA B 266 -42.30 2.72 -0.20
N GLU B 267 -42.25 4.05 -0.17
CA GLU B 267 -43.47 4.86 -0.11
C GLU B 267 -44.01 5.20 -1.49
N TYR B 268 -43.27 4.93 -2.56
CA TYR B 268 -43.79 5.16 -3.91
C TYR B 268 -43.42 4.04 -4.88
N CYS B 269 -42.85 2.94 -4.40
CA CYS B 269 -42.63 1.74 -5.22
C CYS B 269 -43.37 0.58 -4.56
N PRO B 270 -44.53 0.19 -5.09
CA PRO B 270 -45.38 -0.79 -4.37
C PRO B 270 -44.89 -2.22 -4.45
N THR B 271 -44.09 -2.59 -5.44
CA THR B 271 -43.70 -3.97 -5.65
C THR B 271 -42.18 -4.09 -5.71
N PRO B 272 -41.64 -5.28 -5.42
CA PRO B 272 -40.18 -5.45 -5.46
C PRO B 272 -39.57 -5.13 -6.80
N ASP B 273 -40.27 -5.46 -7.89
CA ASP B 273 -39.76 -5.15 -9.22
C ASP B 273 -39.59 -3.65 -9.41
N SER B 274 -40.58 -2.88 -8.97
CA SER B 274 -40.48 -1.43 -9.09
C SER B 274 -39.39 -0.86 -8.20
N MET B 275 -39.21 -1.44 -7.01
CA MET B 275 -38.11 -0.99 -6.15
C MET B 275 -36.76 -1.24 -6.80
N LYS B 276 -36.59 -2.41 -7.42
CA LYS B 276 -35.35 -2.69 -8.13
C LYS B 276 -35.17 -1.73 -9.30
N MET B 277 -36.24 -1.43 -10.03
CA MET B 277 -36.15 -0.48 -11.13
C MET B 277 -35.72 0.90 -10.64
N GLU B 278 -36.29 1.36 -9.53
CA GLU B 278 -35.93 2.66 -8.99
C GLU B 278 -34.48 2.67 -8.51
N SER B 279 -34.03 1.58 -7.88
CA SER B 279 -32.63 1.50 -7.47
C SER B 279 -31.71 1.56 -8.68
N LYS B 280 -32.07 0.87 -9.76
CA LYS B 280 -31.27 0.94 -10.99
C LYS B 280 -31.22 2.35 -11.54
N ARG B 281 -32.37 3.05 -11.52
CA ARG B 281 -32.42 4.42 -12.01
C ARG B 281 -31.52 5.35 -11.20
N ILE B 282 -31.55 5.21 -9.87
CA ILE B 282 -30.72 6.07 -9.03
C ILE B 282 -29.24 5.76 -9.22
N ASP B 283 -28.90 4.47 -9.36
CA ASP B 283 -27.52 4.12 -9.64
C ASP B 283 -27.07 4.69 -10.97
N LYS B 284 -27.96 4.70 -11.96
CA LYS B 284 -27.65 5.31 -13.24
C LYS B 284 -27.42 6.81 -13.07
N GLU B 285 -28.20 7.48 -12.23
CA GLU B 285 -27.97 8.89 -11.97
C GLU B 285 -26.58 9.14 -11.39
N LEU B 286 -26.18 8.32 -10.42
CA LEU B 286 -24.86 8.49 -9.81
C LEU B 286 -23.74 8.26 -10.82
N GLN B 287 -23.85 7.17 -11.58
CA GLN B 287 -22.86 6.91 -12.62
C GLN B 287 -22.86 8.01 -13.67
N GLY B 288 -24.02 8.61 -13.95
CA GLY B 288 -24.09 9.68 -14.92
C GLY B 288 -23.37 10.92 -14.45
N PHE B 289 -23.53 11.27 -13.17
CA PHE B 289 -22.73 12.36 -12.63
C PHE B 289 -21.24 12.07 -12.76
N ARG B 290 -20.83 10.88 -12.32
CA ARG B 290 -19.40 10.54 -12.40
C ARG B 290 -18.88 10.65 -13.83
N ASP B 291 -19.65 10.14 -14.80
CA ASP B 291 -19.19 10.15 -16.19
C ASP B 291 -19.19 11.55 -16.78
N GLY B 292 -20.20 12.35 -16.44
CA GLY B 292 -20.27 13.71 -16.95
C GLY B 292 -19.23 14.64 -16.36
N LEU B 293 -18.59 14.23 -15.26
CA LEU B 293 -17.49 15.04 -14.73
C LEU B 293 -16.40 15.28 -15.77
N PHE B 294 -16.12 14.30 -16.61
CA PHE B 294 -14.92 14.31 -17.44
C PHE B 294 -15.29 14.26 -18.92
N VAL B 295 -14.37 14.77 -19.75
CA VAL B 295 -14.63 14.97 -21.18
C VAL B 295 -13.56 14.31 -22.02
N THR B 296 -12.77 13.41 -21.43
CA THR B 296 -11.64 12.83 -22.14
C THR B 296 -12.05 11.74 -23.12
N GLN B 297 -13.33 11.35 -23.14
CA GLN B 297 -13.83 10.30 -24.02
C GLN B 297 -14.95 10.83 -24.90
N ASP B 298 -14.78 12.04 -25.43
CA ASP B 298 -15.79 12.69 -26.28
C ASP B 298 -15.10 13.10 -27.58
N THR B 299 -15.18 12.22 -28.58
CA THR B 299 -14.50 12.42 -29.86
C THR B 299 -15.36 13.22 -30.85
N THR B 300 -16.32 14.00 -30.37
CA THR B 300 -17.17 14.80 -31.25
C THR B 300 -16.47 16.06 -31.75
N TRP B 301 -15.16 16.18 -31.54
CA TRP B 301 -14.41 17.33 -32.02
C TRP B 301 -13.90 17.09 -33.44
N GLY C 32 -17.93 90.82 -19.42
CA GLY C 32 -17.78 89.38 -19.54
C GLY C 32 -17.66 88.90 -20.96
N GLY C 33 -18.80 88.66 -21.61
CA GLY C 33 -18.86 88.22 -22.98
C GLY C 33 -19.67 86.95 -23.11
N GLU C 34 -19.41 86.22 -24.19
CA GLU C 34 -20.14 84.98 -24.47
C GLU C 34 -19.63 83.85 -23.59
N LEU C 35 -20.34 82.72 -23.64
CA LEU C 35 -20.05 81.58 -22.79
C LEU C 35 -19.07 80.64 -23.50
N THR C 36 -17.79 80.96 -23.38
CA THR C 36 -16.74 80.05 -23.81
C THR C 36 -16.55 78.99 -22.74
N GLY C 37 -15.50 78.17 -22.87
CA GLY C 37 -15.23 77.11 -21.93
C GLY C 37 -13.93 77.35 -21.18
N ALA C 38 -13.87 76.85 -19.94
CA ALA C 38 -12.65 76.88 -19.14
C ALA C 38 -11.97 75.53 -19.26
N LYS C 39 -11.33 75.32 -20.41
CA LYS C 39 -10.72 74.03 -20.70
C LYS C 39 -9.62 73.72 -19.70
N LEU C 40 -9.52 72.44 -19.33
CA LEU C 40 -8.47 71.96 -18.44
C LEU C 40 -7.20 71.68 -19.23
N SER C 41 -6.14 71.37 -18.51
CA SER C 41 -4.85 71.09 -19.13
C SER C 41 -4.81 69.64 -19.62
N SER C 42 -4.35 69.45 -20.85
CA SER C 42 -4.32 68.12 -21.44
C SER C 42 -3.41 67.19 -20.65
N TRP C 43 -3.88 65.98 -20.38
CA TRP C 43 -3.12 64.98 -19.66
C TRP C 43 -2.47 64.01 -20.64
N ASN C 44 -1.61 63.15 -20.10
CA ASN C 44 -0.95 62.10 -20.87
C ASN C 44 -1.26 60.75 -20.22
N GLU C 45 -1.81 59.83 -21.01
CA GLU C 45 -2.20 58.52 -20.49
C GLU C 45 -1.10 57.51 -20.78
N PRO C 46 -0.41 56.98 -19.77
CA PRO C 46 0.60 55.94 -20.01
C PRO C 46 -0.05 54.57 -20.10
N SER C 47 0.13 53.91 -21.23
CA SER C 47 -0.40 52.56 -21.40
C SER C 47 0.43 51.58 -20.61
N PRO C 48 -0.15 50.81 -19.69
CA PRO C 48 0.64 49.92 -18.84
C PRO C 48 1.29 48.81 -19.66
N PHE C 49 2.46 48.39 -19.21
CA PHE C 49 3.21 47.34 -19.87
C PHE C 49 2.71 45.97 -19.42
N GLY C 50 2.57 45.06 -20.39
CA GLY C 50 2.06 43.74 -20.09
C GLY C 50 0.55 43.65 -19.98
N MET C 51 -0.17 44.69 -20.40
CA MET C 51 -1.61 44.76 -20.26
C MET C 51 -2.25 45.01 -21.61
N ILE C 52 -3.45 44.48 -21.78
CA ILE C 52 -4.27 44.74 -22.97
C ILE C 52 -5.49 45.55 -22.54
N GLN C 53 -6.14 46.14 -23.54
CA GLN C 53 -7.30 46.99 -23.32
C GLN C 53 -8.57 46.19 -23.56
N VAL C 54 -9.49 46.25 -22.60
CA VAL C 54 -10.81 45.62 -22.68
C VAL C 54 -11.83 46.73 -22.83
N PRO C 55 -12.57 46.79 -23.93
CA PRO C 55 -13.51 47.89 -24.14
C PRO C 55 -14.76 47.76 -23.28
N ARG C 56 -15.44 48.90 -23.14
CA ARG C 56 -16.73 48.91 -22.46
C ARG C 56 -17.75 48.10 -23.24
N GLY C 57 -18.73 47.55 -22.53
CA GLY C 57 -19.70 46.70 -23.19
C GLY C 57 -20.67 46.11 -22.19
N SER C 58 -21.42 45.13 -22.66
CA SER C 58 -22.44 44.47 -21.87
C SER C 58 -22.33 42.96 -22.06
N ILE C 59 -22.78 42.22 -21.05
CA ILE C 59 -22.76 40.76 -21.12
C ILE C 59 -23.76 40.23 -20.10
N VAL C 60 -24.29 39.05 -20.39
CA VAL C 60 -25.19 38.36 -19.46
C VAL C 60 -24.33 37.43 -18.62
N LEU C 61 -24.00 37.87 -17.40
CA LEU C 61 -23.24 37.03 -16.49
C LEU C 61 -24.05 35.79 -16.13
N GLY C 62 -23.37 34.67 -16.00
CA GLY C 62 -24.02 33.41 -15.68
C GLY C 62 -24.45 32.65 -16.93
N ASN C 63 -24.99 31.47 -16.69
CA ASN C 63 -25.49 30.61 -17.75
C ASN C 63 -27.00 30.41 -17.59
N LYS C 64 -27.67 30.28 -18.72
CA LYS C 64 -29.13 30.17 -18.75
C LYS C 64 -29.61 28.72 -18.71
N GLU C 65 -28.71 27.75 -18.71
CA GLU C 65 -29.07 26.34 -18.61
C GLU C 65 -28.26 25.69 -17.49
N ALA C 66 -28.89 24.76 -16.78
CA ALA C 66 -28.28 24.09 -15.64
C ALA C 66 -27.85 22.68 -16.01
N ASP C 67 -27.01 22.10 -15.16
CA ASP C 67 -26.55 20.74 -15.39
C ASP C 67 -27.64 19.72 -15.06
N SER C 68 -28.39 19.97 -13.97
CA SER C 68 -29.48 19.11 -13.54
C SER C 68 -28.94 17.83 -12.89
N LEU C 69 -27.62 17.63 -12.95
CA LEU C 69 -26.98 16.60 -12.15
C LEU C 69 -26.12 17.18 -11.04
N TRP C 70 -25.73 18.45 -11.13
CA TRP C 70 -25.07 19.16 -10.06
C TRP C 70 -26.05 19.77 -9.07
N GLY C 71 -27.34 19.75 -9.37
CA GLY C 71 -28.34 20.26 -8.46
C GLY C 71 -28.17 21.73 -8.13
N ILE C 72 -27.74 22.53 -9.10
CA ILE C 72 -27.46 23.94 -8.91
C ILE C 72 -28.32 24.74 -9.89
N PRO C 73 -29.27 25.54 -9.42
CA PRO C 73 -30.10 26.32 -10.36
C PRO C 73 -29.27 27.32 -11.15
N ALA C 74 -29.72 27.60 -12.35
CA ALA C 74 -29.03 28.54 -13.23
C ALA C 74 -29.43 29.97 -12.90
N GLU C 75 -28.43 30.82 -12.70
CA GLU C 75 -28.63 32.24 -12.41
C GLU C 75 -27.95 33.07 -13.48
N SER C 76 -28.66 34.05 -14.02
CA SER C 76 -28.13 34.90 -15.07
C SER C 76 -28.58 36.34 -14.83
N ARG C 77 -27.71 37.27 -15.18
CA ARG C 77 -27.98 38.69 -15.00
C ARG C 77 -27.21 39.53 -16.02
N PRO C 78 -27.89 40.32 -16.84
CA PRO C 78 -27.17 41.20 -17.77
C PRO C 78 -26.61 42.42 -17.05
N ILE C 79 -25.36 42.76 -17.38
CA ILE C 79 -24.66 43.88 -16.78
C ILE C 79 -23.83 44.58 -17.85
N SER C 80 -23.36 45.78 -17.51
CA SER C 80 -22.52 46.59 -18.37
C SER C 80 -21.30 47.07 -17.60
N VAL C 81 -20.15 47.11 -18.27
CA VAL C 81 -18.91 47.56 -17.67
C VAL C 81 -18.22 48.56 -18.59
N ASP C 82 -17.37 49.38 -17.98
CA ASP C 82 -16.56 50.35 -18.69
C ASP C 82 -15.22 49.72 -19.09
N ALA C 83 -14.48 50.43 -19.93
CA ALA C 83 -13.21 49.92 -20.42
C ALA C 83 -12.16 49.88 -19.31
N PHE C 84 -11.23 48.93 -19.42
CA PHE C 84 -10.16 48.84 -18.43
C PHE C 84 -8.99 48.07 -19.02
N TRP C 85 -7.82 48.28 -18.42
CA TRP C 85 -6.64 47.51 -18.75
C TRP C 85 -6.61 46.23 -17.91
N MET C 86 -6.29 45.12 -18.55
CA MET C 86 -6.19 43.82 -17.89
C MET C 86 -4.86 43.18 -18.23
N ASP C 87 -4.25 42.54 -17.23
CA ASP C 87 -2.99 41.85 -17.45
C ASP C 87 -3.16 40.77 -18.52
N ARG C 88 -2.18 40.70 -19.42
CA ARG C 88 -2.25 39.71 -20.49
C ARG C 88 -2.23 38.29 -19.93
N THR C 89 -1.38 38.03 -18.94
CA THR C 89 -1.28 36.73 -18.33
C THR C 89 -1.42 36.85 -16.81
N GLU C 90 -1.53 35.70 -16.16
CA GLU C 90 -1.53 35.67 -14.70
C GLU C 90 -0.15 36.07 -14.18
N ILE C 91 -0.13 36.64 -12.96
CA ILE C 91 1.13 37.04 -12.35
C ILE C 91 2.03 35.84 -12.20
N THR C 92 3.29 35.97 -12.62
CA THR C 92 4.24 34.89 -12.60
C THR C 92 5.08 34.91 -11.32
N ASN C 93 5.91 33.88 -11.16
CA ASN C 93 6.78 33.78 -9.99
C ASN C 93 7.79 34.92 -9.93
N ALA C 94 8.34 35.30 -11.10
CA ALA C 94 9.33 36.38 -11.11
C ALA C 94 8.69 37.73 -10.83
N GLN C 95 7.47 37.96 -11.34
CA GLN C 95 6.80 39.22 -11.11
C GLN C 95 6.51 39.43 -9.64
N TYR C 96 6.08 38.39 -8.94
CA TYR C 96 5.86 38.49 -7.50
C TYR C 96 7.17 38.52 -6.73
N ARG C 97 8.20 37.84 -7.24
CA ARG C 97 9.52 37.92 -6.62
C ARG C 97 10.06 39.33 -6.65
N GLN C 98 9.67 40.13 -7.66
CA GLN C 98 10.07 41.54 -7.66
C GLN C 98 9.50 42.27 -6.45
N PHE C 99 8.22 42.03 -6.13
CA PHE C 99 7.62 42.61 -4.94
C PHE C 99 8.32 42.13 -3.67
N VAL C 100 8.59 40.83 -3.61
CA VAL C 100 9.27 40.27 -2.43
C VAL C 100 10.64 40.91 -2.25
N TYR C 101 11.37 41.08 -3.34
CA TYR C 101 12.71 41.66 -3.27
C TYR C 101 12.64 43.13 -2.89
N TYR C 102 11.63 43.87 -3.38
CA TYR C 102 11.47 45.25 -2.94
C TYR C 102 11.26 45.31 -1.42
N VAL C 103 10.36 44.47 -0.90
CA VAL C 103 10.12 44.47 0.53
C VAL C 103 11.40 44.15 1.29
N ARG C 104 12.13 43.13 0.83
CA ARG C 104 13.38 42.75 1.49
C ARG C 104 14.37 43.90 1.50
N ASP C 105 14.56 44.56 0.35
CA ASP C 105 15.54 45.64 0.25
C ASP C 105 15.13 46.82 1.12
N SER C 106 13.85 47.16 1.14
CA SER C 106 13.39 48.27 1.98
C SER C 106 13.61 47.97 3.46
N ILE C 107 13.29 46.75 3.89
CA ILE C 107 13.51 46.41 5.30
C ILE C 107 14.99 46.43 5.64
N ILE C 108 15.83 45.91 4.73
CA ILE C 108 17.27 45.91 4.97
C ILE C 108 17.79 47.32 5.10
N ARG C 109 17.34 48.23 4.23
CA ARG C 109 17.77 49.63 4.32
C ARG C 109 17.28 50.28 5.61
N GLU C 110 16.05 49.98 6.01
CA GLU C 110 15.55 50.53 7.27
C GLU C 110 16.40 50.07 8.44
N ARG C 111 16.86 48.81 8.40
CA ARG C 111 17.71 48.31 9.48
C ARG C 111 19.13 48.86 9.41
N LEU C 112 19.64 49.13 8.20
CA LEU C 112 20.99 49.68 8.08
C LEU C 112 21.09 51.04 8.75
N ALA C 113 20.16 51.94 8.43
CA ALA C 113 20.12 53.25 9.07
C ALA C 113 19.38 53.16 10.40
N ASP C 114 19.82 52.24 11.26
CA ASP C 114 19.16 51.99 12.53
C ASP C 114 20.21 51.76 13.61
N PRO C 115 20.13 52.45 14.74
CA PRO C 115 21.10 52.21 15.82
C PRO C 115 21.08 50.78 16.33
N ALA C 116 19.93 50.11 16.32
CA ALA C 116 19.84 48.77 16.87
C ALA C 116 20.74 47.80 16.12
N TYR C 117 20.70 47.83 14.80
CA TYR C 117 21.56 46.96 13.99
C TYR C 117 22.84 47.67 13.58
N GLY C 118 22.71 48.77 12.83
CA GLY C 118 23.86 49.52 12.36
C GLY C 118 23.92 50.92 12.94
N GLY C 119 23.49 51.90 12.16
CA GLY C 119 23.50 53.28 12.59
C GLY C 119 23.85 54.25 11.47
N ASN C 120 24.14 53.72 10.28
CA ASN C 120 24.51 54.54 9.14
C ASN C 120 23.37 55.45 8.74
N GLU C 121 23.53 56.76 8.97
CA GLU C 121 22.47 57.71 8.65
C GLU C 121 22.28 57.90 7.15
N GLU C 122 23.25 57.49 6.33
CA GLU C 122 23.15 57.72 4.89
C GLU C 122 22.02 56.94 4.24
N TYR C 123 21.44 55.96 4.93
CA TYR C 123 20.36 55.17 4.38
C TYR C 123 18.98 55.71 4.76
N LYS C 124 18.92 56.88 5.41
CA LYS C 124 17.64 57.47 5.78
C LYS C 124 17.81 58.98 5.71
N ILE C 125 17.29 59.59 4.65
CA ILE C 125 17.40 61.02 4.43
C ILE C 125 16.37 61.74 5.28
N THR C 126 16.81 62.67 6.12
CA THR C 126 15.92 63.49 6.93
C THR C 126 15.98 64.98 6.61
N GLU C 127 17.04 65.45 5.97
CA GLU C 127 17.17 66.85 5.58
C GLU C 127 17.55 66.94 4.12
N ASN C 128 17.13 68.02 3.46
CA ASN C 128 17.45 68.25 2.07
C ASN C 128 18.85 68.83 1.95
N LYS C 129 19.23 69.23 0.72
CA LYS C 129 20.54 69.82 0.51
C LYS C 129 20.71 71.17 1.21
N PHE C 130 19.61 71.77 1.68
CA PHE C 130 19.66 73.08 2.30
C PHE C 130 19.47 73.03 3.81
N GLY C 131 19.31 71.85 4.39
CA GLY C 131 19.13 71.71 5.83
C GLY C 131 17.70 71.81 6.32
N GLU C 132 16.75 72.11 5.44
CA GLU C 132 15.36 72.22 5.87
C GLU C 132 14.82 70.85 6.24
N PRO C 133 14.22 70.68 7.42
CA PRO C 133 13.68 69.37 7.79
C PRO C 133 12.64 68.90 6.77
N VAL C 134 12.66 67.61 6.48
CA VAL C 134 11.77 66.98 5.51
C VAL C 134 11.29 65.66 6.07
N THR C 135 10.44 64.98 5.32
CA THR C 135 9.94 63.67 5.72
C THR C 135 11.05 62.64 5.60
N PRO C 136 11.43 61.96 6.68
CA PRO C 136 12.48 60.94 6.57
C PRO C 136 12.08 59.85 5.58
N HIS C 137 13.05 59.42 4.77
CA HIS C 137 12.78 58.42 3.75
C HIS C 137 14.10 57.76 3.36
N LEU C 138 13.98 56.62 2.70
CA LEU C 138 15.15 55.84 2.31
C LEU C 138 15.84 56.45 1.10
N ASP C 139 17.16 56.36 1.10
CA ASP C 139 17.98 56.81 -0.03
C ASP C 139 18.25 55.59 -0.90
N TRP C 140 17.40 55.38 -1.90
CA TRP C 140 17.53 54.21 -2.77
C TRP C 140 18.67 54.35 -3.76
N SER C 141 19.32 55.51 -3.84
CA SER C 141 20.41 55.69 -4.79
C SER C 141 21.65 54.89 -4.38
N LYS C 142 22.02 54.96 -3.11
CA LYS C 142 23.23 54.28 -2.65
C LYS C 142 22.99 52.77 -2.57
N PRO C 143 23.82 51.96 -3.22
CA PRO C 143 23.58 50.52 -3.23
C PRO C 143 23.77 49.91 -1.84
N ILE C 144 23.03 48.83 -1.60
CA ILE C 144 23.18 48.08 -0.35
C ILE C 144 24.56 47.44 -0.31
N PRO C 145 25.20 47.33 0.85
CA PRO C 145 26.52 46.69 0.91
C PRO C 145 26.44 45.25 0.43
N SER C 146 27.48 44.83 -0.29
CA SER C 146 27.59 43.43 -0.70
C SER C 146 28.06 42.58 0.48
N GLU C 147 27.59 41.34 0.51
CA GLU C 147 27.88 40.48 1.67
C GLU C 147 29.38 40.30 1.87
N LYS C 148 30.13 40.11 0.79
CA LYS C 148 31.57 39.91 0.92
C LYS C 148 32.29 41.20 1.29
N ARG C 149 31.74 42.35 0.88
CA ARG C 149 32.36 43.65 1.13
C ARG C 149 31.73 44.40 2.29
N ALA C 150 30.82 43.78 3.03
CA ALA C 150 30.09 44.47 4.08
C ALA C 150 30.81 44.31 5.43
N THR C 151 30.64 45.32 6.27
CA THR C 151 31.20 45.30 7.62
C THR C 151 30.28 44.49 8.53
N GLU C 152 30.70 44.34 9.80
CA GLU C 152 29.95 43.49 10.72
C GLU C 152 28.53 44.01 10.93
N GLU C 153 28.37 45.31 11.11
CA GLU C 153 27.04 45.88 11.31
C GLU C 153 26.18 45.72 10.05
N GLU C 154 26.75 46.01 8.88
CA GLU C 154 26.01 45.85 7.64
C GLU C 154 25.63 44.39 7.41
N ILE C 155 26.55 43.47 7.71
CA ILE C 155 26.25 42.05 7.54
C ILE C 155 25.13 41.63 8.49
N ALA C 156 25.16 42.11 9.74
CA ALA C 156 24.10 41.78 10.67
C ALA C 156 22.76 42.32 10.18
N ALA C 157 22.74 43.56 9.68
CA ALA C 157 21.50 44.11 9.16
C ALA C 157 20.99 43.30 7.98
N ILE C 158 21.89 42.89 7.09
CA ILE C 158 21.49 42.11 5.93
C ILE C 158 20.92 40.76 6.35
N ASN C 159 21.56 40.10 7.30
CA ASN C 159 21.13 38.78 7.76
C ASN C 159 19.90 38.84 8.66
N SER C 160 19.54 40.02 9.18
CA SER C 160 18.39 40.09 10.06
C SER C 160 17.11 39.65 9.38
N VAL C 161 17.03 39.79 8.05
CA VAL C 161 15.81 39.41 7.33
C VAL C 161 15.87 38.00 6.78
N TYR C 162 16.94 37.26 7.04
CA TYR C 162 17.09 35.89 6.60
C TYR C 162 16.94 34.94 7.77
N TYR C 163 16.77 33.65 7.44
CA TYR C 163 16.60 32.60 8.43
C TYR C 163 17.24 31.32 7.89
N THR C 164 18.06 30.69 8.71
CA THR C 164 18.76 29.47 8.33
C THR C 164 18.19 28.28 9.09
N ASN C 165 17.87 27.22 8.37
CA ASN C 165 17.44 25.99 9.03
C ASN C 165 18.62 25.40 9.77
N PRO C 166 18.52 25.19 11.09
CA PRO C 166 19.65 24.61 11.82
C PRO C 166 19.99 23.21 11.36
N VAL C 167 19.04 22.47 10.80
CA VAL C 167 19.27 21.10 10.38
C VAL C 167 19.80 21.08 8.95
N THR C 168 19.04 21.62 8.01
CA THR C 168 19.43 21.61 6.60
C THR C 168 20.43 22.71 6.26
N HIS C 169 20.64 23.67 7.15
CA HIS C 169 21.58 24.77 6.91
C HIS C 169 21.20 25.57 5.67
N ASP C 170 19.91 25.67 5.38
CA ASP C 170 19.42 26.40 4.22
C ASP C 170 19.01 27.80 4.64
N ARG C 171 19.50 28.81 3.92
CA ARG C 171 19.24 30.20 4.24
C ARG C 171 18.17 30.74 3.28
N LYS C 172 17.02 31.12 3.84
CA LYS C 172 15.93 31.65 3.04
C LYS C 172 15.35 32.88 3.73
N LEU C 173 14.70 33.73 2.94
CA LEU C 173 14.08 34.93 3.50
C LEU C 173 13.05 34.53 4.55
N ASN C 174 13.08 35.21 5.68
CA ASN C 174 12.17 34.88 6.77
C ASN C 174 10.75 35.33 6.42
N PRO C 175 9.78 34.42 6.34
CA PRO C 175 8.41 34.85 6.00
C PRO C 175 7.82 35.81 7.01
N ASP C 176 8.18 35.69 8.28
CA ASP C 176 7.66 36.58 9.31
C ASP C 176 8.30 37.95 9.29
N GLN C 177 9.38 38.13 8.53
CA GLN C 177 9.99 39.44 8.37
C GLN C 177 9.59 40.15 7.08
N MET C 178 9.07 39.42 6.10
CA MET C 178 8.69 39.98 4.80
C MET C 178 7.27 40.55 4.89
N VAL C 179 7.15 41.69 5.55
CA VAL C 179 5.87 42.35 5.79
C VAL C 179 5.86 43.68 5.06
N TYR C 180 4.75 43.97 4.39
CA TYR C 180 4.57 45.18 3.62
C TYR C 180 3.49 46.05 4.27
N ARG C 181 3.79 47.34 4.42
CA ARG C 181 2.88 48.30 5.02
C ARG C 181 2.33 49.23 3.95
N TYR C 182 1.02 49.43 3.95
CA TYR C 182 0.40 50.30 2.96
C TYR C 182 -0.94 50.80 3.48
N GLU C 183 -1.32 51.99 3.01
CA GLU C 183 -2.59 52.60 3.34
C GLU C 183 -3.44 52.79 2.09
N VAL C 184 -4.76 52.69 2.27
CA VAL C 184 -5.71 52.89 1.20
C VAL C 184 -6.80 53.83 1.70
N TYR C 185 -7.10 54.86 0.90
CA TYR C 185 -8.16 55.80 1.24
C TYR C 185 -9.46 55.34 0.61
N ASP C 186 -10.53 55.28 1.42
CA ASP C 186 -11.84 54.83 0.96
C ASP C 186 -12.57 56.03 0.38
N TYR C 187 -12.36 56.26 -0.92
CA TYR C 187 -13.04 57.37 -1.59
C TYR C 187 -14.55 57.16 -1.62
N ARG C 188 -14.99 55.93 -1.88
CA ARG C 188 -16.42 55.67 -2.01
C ARG C 188 -17.15 55.89 -0.69
N SER C 189 -16.55 55.43 0.41
CA SER C 189 -17.17 55.63 1.72
C SER C 189 -17.18 57.10 2.10
N ALA C 190 -16.13 57.83 1.75
CA ALA C 190 -16.09 59.27 2.03
C ALA C 190 -17.11 60.03 1.19
N ALA C 191 -17.43 59.51 0.01
CA ALA C 191 -18.41 60.17 -0.86
C ALA C 191 -19.85 59.87 -0.47
N LEU C 192 -20.09 58.89 0.41
CA LEU C 192 -21.45 58.56 0.79
C LEU C 192 -22.12 59.75 1.47
N ARG C 193 -23.41 59.93 1.17
CA ARG C 193 -24.14 61.07 1.72
C ARG C 193 -24.27 60.96 3.23
N GLU C 194 -24.44 59.74 3.75
CA GLU C 194 -24.52 59.53 5.19
C GLU C 194 -23.21 59.83 5.92
N HIS C 195 -22.10 59.95 5.18
CA HIS C 195 -20.79 60.14 5.78
C HIS C 195 -20.26 61.57 5.58
N GLN C 196 -21.15 62.51 5.24
CA GLN C 196 -20.73 63.90 5.12
C GLN C 196 -20.19 64.40 6.45
N LEU C 197 -19.04 65.07 6.40
CA LEU C 197 -18.42 65.54 7.64
C LEU C 197 -19.28 66.58 8.35
N LYS C 198 -20.18 67.24 7.64
CA LYS C 198 -21.11 68.18 8.23
C LYS C 198 -22.49 67.53 8.36
N ALA C 199 -23.07 67.62 9.55
CA ALA C 199 -24.36 66.96 9.78
C ALA C 199 -25.47 67.55 8.92
N ALA C 200 -25.38 68.85 8.62
CA ALA C 200 -26.44 69.50 7.84
C ALA C 200 -26.50 68.98 6.41
N LYS C 201 -25.43 68.39 5.90
CA LYS C 201 -25.36 67.96 4.51
C LYS C 201 -25.66 66.47 4.35
N ARG C 202 -26.07 65.78 5.41
CA ARG C 202 -26.36 64.36 5.33
C ARG C 202 -27.82 64.07 4.97
N ASN C 203 -28.66 65.10 4.88
CA ASN C 203 -30.05 64.90 4.49
C ASN C 203 -30.50 66.14 3.72
N LEU C 204 -30.84 65.95 2.45
CA LEU C 204 -31.30 67.05 1.61
C LEU C 204 -32.80 67.30 1.74
N ASN C 205 -33.52 66.46 2.48
CA ASN C 205 -34.94 66.68 2.72
C ASN C 205 -35.10 67.79 3.75
N THR C 206 -35.76 68.88 3.35
CA THR C 206 -35.91 70.03 4.25
C THR C 206 -36.90 69.77 5.37
N ASP C 207 -37.82 68.80 5.19
CA ASP C 207 -38.77 68.47 6.25
C ASP C 207 -38.08 67.91 7.48
N ILE C 208 -36.88 67.37 7.35
CA ILE C 208 -36.18 66.70 8.44
C ILE C 208 -35.16 67.66 9.02
N LYS C 209 -35.15 67.79 10.35
CA LYS C 209 -34.20 68.63 11.06
C LYS C 209 -33.05 67.79 11.60
N VAL C 210 -31.83 68.29 11.41
CA VAL C 210 -30.63 67.54 11.76
C VAL C 210 -30.53 67.48 13.29
N ASP C 211 -30.59 66.28 13.84
CA ASP C 211 -30.43 66.12 15.28
C ASP C 211 -29.00 66.48 15.68
N PRO C 212 -28.80 67.29 16.71
CA PRO C 212 -27.43 67.57 17.17
C PRO C 212 -26.77 66.36 17.82
N ASN C 213 -27.55 65.54 18.53
CA ASN C 213 -27.00 64.37 19.21
C ASN C 213 -26.67 63.24 18.26
N ALA C 214 -27.26 63.22 17.06
CA ALA C 214 -27.06 62.11 16.14
C ALA C 214 -25.58 61.90 15.86
N VAL C 215 -25.13 60.66 16.00
CA VAL C 215 -23.74 60.28 15.79
C VAL C 215 -23.68 59.17 14.76
N VAL C 216 -22.69 59.24 13.88
CA VAL C 216 -22.46 58.22 12.86
C VAL C 216 -21.23 57.42 13.28
N MET C 217 -21.37 56.10 13.33
CA MET C 217 -20.28 55.21 13.69
C MET C 217 -19.60 54.73 12.42
N ILE C 218 -18.28 54.86 12.37
CA ILE C 218 -17.50 54.43 11.22
C ILE C 218 -16.45 53.43 11.68
N SER C 219 -16.11 52.50 10.78
CA SER C 219 -15.10 51.49 11.02
C SER C 219 -13.95 51.68 10.06
N LYS C 220 -12.74 51.49 10.56
CA LYS C 220 -11.54 51.56 9.72
C LYS C 220 -10.53 50.54 10.23
N ASP C 221 -9.49 50.29 9.42
CA ASP C 221 -8.45 49.35 9.76
C ASP C 221 -7.15 50.10 10.04
N THR C 222 -6.46 49.71 11.10
CA THR C 222 -5.12 50.22 11.37
C THR C 222 -4.21 49.07 11.78
N ALA C 223 -2.91 49.30 11.65
CA ALA C 223 -1.91 48.32 12.03
C ALA C 223 -0.63 49.04 12.39
N PHE C 224 0.15 48.43 13.28
CA PHE C 224 1.42 49.03 13.68
C PHE C 224 2.36 47.95 14.19
N VAL C 225 3.63 48.34 14.33
CA VAL C 225 4.67 47.50 14.87
C VAL C 225 4.99 48.02 16.28
N ASP C 226 4.74 47.18 17.29
CA ASP C 226 5.03 47.58 18.65
C ASP C 226 6.52 47.43 18.94
N GLU C 227 6.93 47.88 20.13
CA GLU C 227 8.34 47.79 20.50
C GLU C 227 8.85 46.35 20.48
N SER C 228 7.98 45.40 20.81
CA SER C 228 8.36 43.99 20.75
C SER C 228 8.50 43.47 19.33
N GLY C 229 8.07 44.24 18.33
CA GLY C 229 8.18 43.84 16.94
C GLY C 229 6.99 43.09 16.39
N ASN C 230 6.00 42.75 17.21
CA ASN C 230 4.83 42.03 16.74
C ASN C 230 3.87 42.97 16.02
N ILE C 231 3.19 42.45 15.01
CA ILE C 231 2.27 43.24 14.21
C ILE C 231 0.91 43.26 14.91
N ILE C 232 0.43 44.45 15.24
CA ILE C 232 -0.89 44.63 15.85
C ILE C 232 -1.81 45.23 14.81
N SER C 233 -2.83 44.47 14.41
CA SER C 233 -3.85 44.93 13.48
C SER C 233 -5.19 45.00 14.20
N GLU C 234 -5.95 46.06 13.91
CA GLU C 234 -7.20 46.27 14.61
C GLU C 234 -8.19 47.01 13.73
N THR C 235 -9.47 46.79 14.01
CA THR C 235 -10.57 47.54 13.41
C THR C 235 -11.11 48.52 14.44
N ILE C 236 -11.02 49.81 14.13
CA ILE C 236 -11.44 50.87 15.03
C ILE C 236 -12.83 51.34 14.62
N THR C 237 -13.75 51.34 15.57
CA THR C 237 -15.09 51.89 15.39
C THR C 237 -15.21 53.14 16.24
N ARG C 238 -15.54 54.26 15.63
CA ARG C 238 -15.57 55.52 16.35
C ARG C 238 -16.52 56.47 15.63
N PRO C 239 -16.97 57.53 16.29
CA PRO C 239 -17.83 58.51 15.62
C PRO C 239 -17.10 59.17 14.46
N LEU C 240 -17.86 59.45 13.40
CA LEU C 240 -17.30 60.09 12.22
C LEU C 240 -16.96 61.54 12.53
N SER C 241 -15.68 61.89 12.45
CA SER C 241 -15.23 63.24 12.77
C SER C 241 -14.28 63.87 11.78
N SER C 242 -13.55 63.09 10.97
CA SER C 242 -12.51 63.65 10.11
C SER C 242 -12.27 62.72 8.92
N GLU C 243 -11.39 63.16 8.03
CA GLU C 243 -11.05 62.37 6.85
C GLU C 243 -10.26 61.12 7.22
N TYR C 244 -9.51 61.17 8.33
CA TYR C 244 -8.74 60.00 8.73
C TYR C 244 -9.62 58.81 9.05
N ASP C 245 -10.93 59.04 9.23
CA ASP C 245 -11.86 57.95 9.43
C ASP C 245 -12.01 57.07 8.20
N PHE C 246 -11.52 57.51 7.04
CA PHE C 246 -11.67 56.77 5.79
C PHE C 246 -10.35 56.20 5.28
N LEU C 247 -9.33 56.17 6.13
CA LEU C 247 -8.02 55.63 5.78
C LEU C 247 -7.83 54.28 6.45
N ASN C 248 -7.47 53.27 5.67
CA ASN C 248 -7.24 51.92 6.16
C ASN C 248 -5.77 51.58 6.02
N THR C 249 -5.15 51.10 7.10
CA THR C 249 -3.73 50.78 7.13
C THR C 249 -3.57 49.28 7.33
N TYR C 250 -2.70 48.67 6.52
CA TYR C 250 -2.44 47.24 6.60
C TYR C 250 -0.95 46.98 6.62
N ILE C 251 -0.54 46.04 7.47
CA ILE C 251 0.79 45.44 7.45
C ILE C 251 0.58 43.96 7.23
N VAL C 252 0.98 43.46 6.06
CA VAL C 252 0.64 42.12 5.61
C VAL C 252 1.94 41.36 5.36
N PRO C 253 2.10 40.16 5.91
CA PRO C 253 3.21 39.29 5.48
C PRO C 253 2.92 38.78 4.07
N ILE C 254 3.85 39.06 3.15
CA ILE C 254 3.59 38.90 1.72
C ILE C 254 4.37 37.76 1.09
N TYR C 255 5.18 37.03 1.87
CA TYR C 255 5.90 35.92 1.28
C TYR C 255 4.95 34.78 0.93
N PRO C 256 5.08 34.19 -0.25
CA PRO C 256 4.13 33.15 -0.67
C PRO C 256 4.13 31.97 0.29
N ASP C 257 2.96 31.37 0.46
CA ASP C 257 2.81 30.17 1.28
C ASP C 257 3.15 28.97 0.41
N GLU C 258 4.40 28.51 0.50
CA GLU C 258 4.84 27.40 -0.34
C GLU C 258 4.37 26.05 0.17
N THR C 259 3.96 25.96 1.43
CA THR C 259 3.51 24.70 1.98
C THR C 259 2.16 24.25 1.43
N CYS C 260 1.47 25.12 0.69
CA CYS C 260 0.16 24.76 0.15
C CYS C 260 0.23 23.45 -0.62
N TRP C 261 1.27 23.27 -1.43
CA TRP C 261 1.42 22.04 -2.21
C TRP C 261 1.27 20.80 -1.33
N VAL C 262 1.91 20.82 -0.15
CA VAL C 262 1.81 19.68 0.75
C VAL C 262 0.42 19.62 1.38
N ASN C 263 -0.13 20.77 1.75
CA ASN C 263 -1.37 20.78 2.52
C ASN C 263 -2.59 20.50 1.65
N ASP C 264 -2.57 20.93 0.39
CA ASP C 264 -3.74 20.77 -0.46
C ASP C 264 -3.98 19.31 -0.83
N PHE C 265 -2.93 18.51 -0.92
CA PHE C 265 -3.02 17.15 -1.44
C PHE C 265 -2.39 16.16 -0.46
N PRO C 266 -3.14 15.67 0.52
CA PRO C 266 -2.62 14.63 1.40
C PRO C 266 -2.37 13.33 0.65
N ASN C 267 -1.36 12.59 1.10
CA ASN C 267 -1.01 11.30 0.52
C ASN C 267 -0.52 11.45 -0.92
N ALA C 268 0.32 12.45 -1.17
CA ALA C 268 0.90 12.67 -2.48
C ALA C 268 2.33 13.16 -2.30
N ARG C 269 3.13 12.99 -3.36
CA ARG C 269 4.53 13.45 -3.36
C ARG C 269 4.57 14.82 -4.01
N THR C 270 4.15 15.84 -3.25
CA THR C 270 4.07 17.20 -3.73
C THR C 270 5.02 18.15 -2.99
N GLU C 271 5.87 17.61 -2.11
CA GLU C 271 6.84 18.45 -1.42
C GLU C 271 7.91 19.00 -2.37
N ILE C 272 8.14 18.34 -3.49
CA ILE C 272 9.09 18.85 -4.48
C ILE C 272 8.67 20.23 -4.95
N TYR C 273 7.36 20.43 -5.15
CA TYR C 273 6.87 21.74 -5.57
C TYR C 273 6.93 22.73 -4.42
N THR C 274 6.65 22.29 -3.20
CA THR C 274 6.82 23.15 -2.04
C THR C 274 8.26 23.62 -1.88
N ARG C 275 9.21 22.88 -2.43
CA ARG C 275 10.62 23.26 -2.34
C ARG C 275 11.13 24.04 -3.55
N MET C 276 10.60 23.79 -4.74
CA MET C 276 11.19 24.33 -5.96
C MET C 276 10.30 25.29 -6.75
N TYR C 277 8.98 25.24 -6.59
CA TYR C 277 8.11 25.95 -7.53
C TYR C 277 8.40 27.45 -7.53
N PHE C 278 8.50 28.05 -6.35
CA PHE C 278 8.78 29.48 -6.24
C PHE C 278 10.27 29.80 -6.26
N ASN C 279 11.13 28.80 -6.17
CA ASN C 279 12.57 29.01 -6.05
C ASN C 279 13.38 28.50 -7.23
N HIS C 280 12.75 27.89 -8.21
CA HIS C 280 13.50 27.35 -9.34
C HIS C 280 13.45 28.30 -10.52
N PRO C 281 14.57 28.61 -11.16
CA PRO C 281 14.54 29.53 -12.30
C PRO C 281 13.71 29.03 -13.47
N GLY C 282 13.49 27.72 -13.58
CA GLY C 282 12.67 27.20 -14.66
C GLY C 282 11.20 27.48 -14.50
N TYR C 283 10.75 27.77 -13.28
CA TYR C 283 9.36 28.11 -13.00
C TYR C 283 9.13 29.61 -12.99
N ASP C 284 10.08 30.40 -13.48
CA ASP C 284 9.97 31.85 -13.36
C ASP C 284 8.72 32.38 -14.06
N ASP C 285 8.40 31.83 -15.24
CA ASP C 285 7.25 32.29 -16.01
C ASP C 285 5.98 31.52 -15.70
N TYR C 286 6.02 30.62 -14.72
CA TYR C 286 4.80 29.97 -14.29
C TYR C 286 4.05 30.86 -13.30
N PRO C 287 2.73 30.78 -13.28
CA PRO C 287 1.95 31.64 -12.38
C PRO C 287 2.30 31.39 -10.92
N VAL C 288 2.31 32.46 -10.14
CA VAL C 288 2.57 32.37 -8.71
C VAL C 288 1.32 31.85 -8.02
N VAL C 289 1.51 30.87 -7.12
CA VAL C 289 0.41 30.30 -6.36
C VAL C 289 0.72 30.49 -4.88
N GLY C 290 -0.19 30.03 -4.02
CA GLY C 290 -0.01 30.19 -2.59
C GLY C 290 -0.16 31.62 -2.12
N ILE C 291 -0.74 32.48 -2.93
CA ILE C 291 -0.95 33.89 -2.59
C ILE C 291 -2.39 34.06 -2.12
N SER C 292 -2.56 34.63 -0.94
CA SER C 292 -3.89 34.89 -0.42
C SER C 292 -4.44 36.19 -0.97
N TRP C 293 -5.73 36.42 -0.72
CA TRP C 293 -6.40 37.62 -1.23
C TRP C 293 -5.77 38.88 -0.66
N GLU C 294 -5.43 38.87 0.63
CA GLU C 294 -4.78 40.02 1.25
C GLU C 294 -3.41 40.29 0.63
N GLN C 295 -2.65 39.23 0.37
CA GLN C 295 -1.34 39.39 -0.25
C GLN C 295 -1.47 39.92 -1.67
N ALA C 296 -2.50 39.49 -2.41
CA ALA C 296 -2.73 40.03 -3.75
C ALA C 296 -3.07 41.50 -3.70
N GLN C 297 -3.89 41.91 -2.72
CA GLN C 297 -4.20 43.34 -2.58
C GLN C 297 -2.95 44.13 -2.23
N ALA C 298 -2.10 43.60 -1.34
CA ALA C 298 -0.86 44.27 -1.00
C ALA C 298 0.05 44.39 -2.22
N PHE C 299 0.12 43.35 -3.04
CA PHE C 299 0.92 43.42 -4.27
C PHE C 299 0.38 44.47 -5.21
N CYS C 300 -0.95 44.57 -5.33
CA CYS C 300 -1.53 45.59 -6.20
C CYS C 300 -1.21 46.99 -5.69
N ALA C 301 -1.27 47.21 -4.38
CA ALA C 301 -0.91 48.50 -3.82
C ALA C 301 0.56 48.83 -4.08
N TRP C 302 1.44 47.85 -3.90
CA TRP C 302 2.85 48.07 -4.19
C TRP C 302 3.06 48.40 -5.65
N ARG C 303 2.35 47.70 -6.55
CA ARG C 303 2.48 47.97 -7.97
C ARG C 303 2.03 49.38 -8.31
N SER C 304 0.93 49.83 -7.71
CA SER C 304 0.48 51.20 -7.94
C SER C 304 1.52 52.21 -7.49
N GLU C 305 2.07 52.02 -6.28
CA GLU C 305 3.08 52.95 -5.79
C GLU C 305 4.32 52.94 -6.69
N PHE C 306 4.76 51.74 -7.09
CA PHE C 306 5.93 51.60 -7.93
C PHE C 306 5.72 52.29 -9.28
N PHE C 307 4.54 52.12 -9.86
CA PHE C 307 4.22 52.77 -11.13
C PHE C 307 4.22 54.28 -10.98
N ARG C 308 3.59 54.79 -9.92
CA ARG C 308 3.52 56.23 -9.73
C ARG C 308 4.90 56.84 -9.55
N LYS C 309 5.78 56.16 -8.80
CA LYS C 309 7.10 56.71 -8.55
C LYS C 309 7.88 56.98 -9.84
N GLY C 310 7.64 56.19 -10.88
CA GLY C 310 8.45 56.28 -12.08
C GLY C 310 7.83 56.99 -13.27
N ILE C 311 6.85 57.86 -13.03
CA ILE C 311 6.18 58.56 -14.11
C ILE C 311 6.08 60.04 -13.76
N ARG C 312 5.99 60.88 -14.79
CA ARG C 312 5.86 62.32 -14.65
C ARG C 312 4.44 62.72 -15.01
N LEU C 313 3.73 63.33 -14.06
CA LEU C 313 2.33 63.69 -14.24
C LEU C 313 2.17 65.20 -14.19
N PRO C 314 1.60 65.82 -15.22
CA PRO C 314 1.31 67.26 -15.15
C PRO C 314 0.43 67.59 -13.95
N GLU C 315 0.38 68.88 -13.63
CA GLU C 315 -0.45 69.33 -12.53
C GLU C 315 -1.91 68.96 -12.77
N GLY C 316 -2.54 68.38 -11.75
CA GLY C 316 -3.93 68.02 -11.81
C GLY C 316 -4.24 66.61 -12.28
N GLN C 317 -3.29 65.97 -12.97
CA GLN C 317 -3.55 64.63 -13.49
C GLN C 317 -3.81 63.65 -12.35
N ILE C 318 -4.82 62.81 -12.54
CA ILE C 318 -5.22 61.81 -11.55
C ILE C 318 -5.37 60.47 -12.26
N MET C 319 -4.67 59.46 -11.75
CA MET C 319 -4.74 58.11 -12.28
C MET C 319 -5.39 57.18 -11.26
N ASP C 320 -5.82 56.02 -11.75
CA ASP C 320 -6.37 54.97 -10.90
C ASP C 320 -5.31 53.92 -10.61
N ASP C 321 -5.50 53.20 -9.51
CA ASP C 321 -4.52 52.25 -9.03
C ASP C 321 -4.78 50.86 -9.61
N PHE C 322 -3.73 50.05 -9.63
CA PHE C 322 -3.89 48.64 -9.93
C PHE C 322 -4.75 47.98 -8.86
N ARG C 323 -5.56 47.01 -9.28
CA ARG C 323 -6.48 46.35 -8.37
C ARG C 323 -6.81 44.97 -8.91
N LEU C 324 -7.37 44.15 -8.04
CA LEU C 324 -7.98 42.91 -8.50
C LEU C 324 -9.26 43.22 -9.27
N PRO C 325 -9.56 42.44 -10.31
CA PRO C 325 -10.80 42.67 -11.05
C PRO C 325 -12.01 42.31 -10.21
N THR C 326 -13.13 42.94 -10.54
CA THR C 326 -14.40 42.46 -10.03
C THR C 326 -14.79 41.18 -10.77
N GLU C 327 -15.63 40.37 -10.12
CA GLU C 327 -16.04 39.12 -10.77
C GLU C 327 -16.81 39.40 -12.05
N ALA C 328 -17.60 40.47 -12.07
CA ALA C 328 -18.29 40.86 -13.30
C ALA C 328 -17.30 41.29 -14.38
N GLU C 329 -16.31 42.10 -14.01
CA GLU C 329 -15.28 42.50 -14.97
C GLU C 329 -14.52 41.28 -15.49
N TRP C 330 -14.13 40.37 -14.59
CA TRP C 330 -13.41 39.19 -15.00
C TRP C 330 -14.23 38.32 -15.94
N GLU C 331 -15.51 38.11 -15.62
CA GLU C 331 -16.35 37.29 -16.49
C GLU C 331 -16.55 37.96 -17.84
N TYR C 332 -16.72 39.28 -17.87
CA TYR C 332 -16.85 39.97 -19.14
C TYR C 332 -15.58 39.83 -19.98
N ALA C 333 -14.41 39.93 -19.35
CA ALA C 333 -13.17 39.84 -20.10
C ALA C 333 -12.88 38.41 -20.57
N ALA C 334 -13.25 37.42 -19.76
CA ALA C 334 -12.97 36.03 -20.12
C ALA C 334 -13.77 35.60 -21.33
N ARG C 335 -15.03 36.03 -21.44
CA ARG C 335 -15.91 35.62 -22.52
C ARG C 335 -15.87 36.59 -23.70
N MET C 336 -14.90 37.51 -23.74
CA MET C 336 -14.74 38.43 -24.85
C MET C 336 -15.99 39.28 -25.05
N GLY C 337 -16.64 39.63 -23.95
CA GLY C 337 -17.83 40.48 -24.02
C GLY C 337 -18.94 39.91 -24.86
N ASP C 338 -18.98 38.59 -25.04
CA ASP C 338 -20.00 37.94 -25.86
C ASP C 338 -20.74 36.93 -24.99
N SER C 339 -22.07 37.02 -24.98
CA SER C 339 -22.89 36.17 -24.13
C SER C 339 -23.06 34.76 -24.67
N ASN C 340 -22.66 34.52 -25.92
CA ASN C 340 -22.78 33.19 -26.52
C ASN C 340 -21.61 32.28 -26.20
N ASN C 341 -20.59 32.78 -25.51
CA ASN C 341 -19.39 32.00 -25.21
C ASN C 341 -19.47 31.47 -23.79
N LYS C 342 -19.32 30.15 -23.64
CA LYS C 342 -19.17 29.56 -22.31
C LYS C 342 -17.73 29.53 -21.84
N TYR C 343 -16.78 29.48 -22.77
CA TYR C 343 -15.37 29.44 -22.43
C TYR C 343 -14.67 30.63 -23.07
N PRO C 344 -13.39 30.85 -22.77
CA PRO C 344 -12.66 31.96 -23.43
C PRO C 344 -12.24 31.60 -24.85
N TRP C 345 -13.16 31.02 -25.62
CA TRP C 345 -12.93 30.75 -27.03
C TRP C 345 -14.28 30.61 -27.71
N SER C 346 -14.28 30.84 -29.02
CA SER C 346 -15.54 30.86 -29.77
C SER C 346 -16.21 29.50 -29.80
N THR C 347 -15.43 28.44 -30.00
CA THR C 347 -16.01 27.12 -30.14
C THR C 347 -16.60 26.64 -28.82
N GLU C 348 -17.54 25.70 -28.91
CA GLU C 348 -18.17 25.11 -27.73
C GLU C 348 -17.47 23.84 -27.26
N ASP C 349 -16.50 23.33 -28.01
CA ASP C 349 -15.77 22.15 -27.59
C ASP C 349 -14.64 22.54 -26.64
N LEU C 350 -13.84 21.55 -26.27
CA LEU C 350 -12.68 21.77 -25.42
C LEU C 350 -11.36 21.46 -26.13
N ARG C 351 -11.41 21.01 -27.37
CA ARG C 351 -10.22 20.71 -28.16
C ARG C 351 -10.35 21.34 -29.54
N THR C 352 -9.21 21.60 -30.16
CA THR C 352 -9.19 22.09 -31.53
C THR C 352 -9.55 20.96 -32.49
N GLY C 353 -9.57 21.29 -33.78
CA GLY C 353 -9.89 20.28 -34.78
C GLY C 353 -8.93 19.11 -34.80
N ARG C 354 -7.71 19.33 -34.33
CA ARG C 354 -6.68 18.30 -34.29
C ARG C 354 -6.60 17.58 -32.95
N GLY C 355 -7.52 17.86 -32.04
CA GLY C 355 -7.56 17.19 -30.75
C GLY C 355 -6.76 17.83 -29.65
N CYS C 356 -6.19 19.01 -29.88
CA CYS C 356 -5.41 19.68 -28.84
C CYS C 356 -6.35 20.45 -27.91
N PHE C 357 -6.16 20.28 -26.61
CA PHE C 357 -6.98 20.98 -25.64
C PHE C 357 -6.66 22.47 -25.65
N LEU C 358 -7.67 23.27 -25.27
CA LEU C 358 -7.57 24.73 -25.31
C LEU C 358 -7.14 25.34 -23.99
N GLY C 359 -6.93 24.52 -22.96
CA GLY C 359 -6.52 25.04 -21.66
C GLY C 359 -5.87 23.95 -20.86
N ASN C 360 -5.38 24.33 -19.68
CA ASN C 360 -4.67 23.43 -18.78
C ASN C 360 -5.58 23.16 -17.57
N PHE C 361 -6.29 22.04 -17.62
CA PHE C 361 -7.19 21.63 -16.55
C PHE C 361 -7.08 20.12 -16.39
N LYS C 362 -8.02 19.53 -15.67
CA LYS C 362 -8.05 18.08 -15.48
C LYS C 362 -9.12 17.46 -16.37
N PRO C 363 -8.78 17.10 -17.61
CA PRO C 363 -9.81 16.64 -18.56
C PRO C 363 -10.30 15.23 -18.30
N GLY C 364 -9.43 14.35 -17.79
CA GLY C 364 -9.82 12.97 -17.58
C GLY C 364 -9.86 12.58 -16.11
N GLU C 365 -10.51 11.45 -15.82
CA GLU C 365 -10.58 10.98 -14.44
C GLU C 365 -9.20 10.57 -13.96
N GLY C 366 -8.67 11.30 -12.99
CA GLY C 366 -7.33 11.05 -12.52
C GLY C 366 -6.30 11.35 -13.60
N ASP C 367 -6.75 12.03 -14.65
CA ASP C 367 -5.94 12.31 -15.83
C ASP C 367 -5.77 13.81 -15.96
N TYR C 368 -4.77 14.35 -15.27
CA TYR C 368 -4.45 15.78 -15.39
C TYR C 368 -3.66 16.08 -16.66
N THR C 369 -2.83 15.15 -17.11
CA THR C 369 -1.85 15.42 -18.16
C THR C 369 -2.41 15.29 -19.56
N ALA C 370 -3.72 15.07 -19.71
CA ALA C 370 -4.28 14.91 -21.05
C ALA C 370 -4.00 16.11 -21.94
N ASP C 371 -3.83 17.29 -21.35
CA ASP C 371 -3.51 18.50 -22.10
C ASP C 371 -2.02 18.78 -22.16
N GLY C 372 -1.19 17.92 -21.59
CA GLY C 372 0.24 18.07 -21.62
C GLY C 372 0.86 18.53 -20.31
N HIS C 373 0.06 18.99 -19.36
CA HIS C 373 0.58 19.53 -18.11
C HIS C 373 -0.19 18.96 -16.94
N LEU C 374 0.54 18.62 -15.87
CA LEU C 374 -0.07 18.14 -14.64
C LEU C 374 -0.34 19.30 -13.68
N ILE C 375 0.72 19.99 -13.26
CA ILE C 375 0.62 21.21 -12.45
C ILE C 375 0.55 22.39 -13.41
N PRO C 376 0.47 23.64 -12.92
CA PRO C 376 0.39 24.78 -13.84
C PRO C 376 1.49 24.77 -14.90
N SER C 377 1.33 25.56 -15.95
CA SER C 377 2.27 25.60 -17.05
C SER C 377 2.72 27.04 -17.29
N ARG C 378 3.75 27.19 -18.11
CA ARG C 378 4.24 28.51 -18.48
C ARG C 378 3.11 29.32 -19.09
N VAL C 379 2.98 30.58 -18.65
CA VAL C 379 1.94 31.43 -19.19
C VAL C 379 2.11 31.57 -20.70
N SER C 380 0.98 31.66 -21.40
CA SER C 380 0.93 31.78 -22.85
C SER C 380 1.21 30.46 -23.56
N SER C 381 0.99 29.32 -22.90
CA SER C 381 1.17 28.02 -23.53
C SER C 381 0.03 27.63 -24.45
N PHE C 382 -1.07 28.38 -24.44
CA PHE C 382 -2.21 28.12 -25.31
C PHE C 382 -2.56 29.40 -26.04
N SER C 383 -3.49 29.29 -26.99
CA SER C 383 -3.91 30.44 -27.76
C SER C 383 -4.65 31.45 -26.88
N PRO C 384 -4.52 32.74 -27.16
CA PRO C 384 -5.17 33.74 -26.31
C PRO C 384 -6.61 34.00 -26.68
N ASN C 385 -7.22 34.95 -25.98
CA ASN C 385 -8.59 35.38 -26.24
C ASN C 385 -8.64 36.25 -27.49
N ASP C 386 -9.87 36.55 -27.92
CA ASP C 386 -10.05 37.60 -28.91
C ASP C 386 -9.60 38.96 -28.36
N PHE C 387 -9.74 39.15 -27.04
CA PHE C 387 -9.21 40.34 -26.39
C PHE C 387 -7.70 40.28 -26.24
N GLY C 388 -7.09 39.11 -26.35
CA GLY C 388 -5.67 38.95 -26.17
C GLY C 388 -5.23 38.43 -24.82
N LEU C 389 -6.13 37.82 -24.06
CA LEU C 389 -5.83 37.33 -22.72
C LEU C 389 -5.52 35.83 -22.75
N TYR C 390 -4.54 35.42 -21.95
CA TYR C 390 -4.13 34.03 -21.85
C TYR C 390 -4.60 33.43 -20.54
N ASP C 391 -4.95 32.14 -20.59
CA ASP C 391 -5.16 31.32 -19.40
C ASP C 391 -6.32 31.81 -18.55
N MET C 392 -7.34 32.42 -19.17
CA MET C 392 -8.53 32.77 -18.40
C MET C 392 -9.34 31.55 -18.03
N ALA C 393 -9.09 30.40 -18.67
CA ALA C 393 -9.64 29.12 -18.27
C ALA C 393 -8.48 28.18 -17.95
N GLY C 394 -8.52 27.58 -16.77
CA GLY C 394 -7.49 26.63 -16.38
C GLY C 394 -6.22 27.30 -15.87
N ASN C 395 -5.17 26.48 -15.78
CA ASN C 395 -3.91 26.89 -15.15
C ASN C 395 -4.13 27.16 -13.67
N VAL C 396 -4.30 28.42 -13.29
CA VAL C 396 -4.62 28.80 -11.92
C VAL C 396 -5.89 29.62 -11.91
N ALA C 397 -6.75 29.37 -10.92
CA ALA C 397 -7.92 30.20 -10.71
C ALA C 397 -7.51 31.52 -10.05
N GLU C 398 -8.27 32.56 -10.33
CA GLU C 398 -7.82 33.93 -10.06
C GLU C 398 -8.72 34.62 -9.04
N TRP C 399 -8.08 35.33 -8.11
CA TRP C 399 -8.80 36.13 -7.14
C TRP C 399 -9.54 37.28 -7.82
N THR C 400 -10.72 37.60 -7.31
CA THR C 400 -11.43 38.83 -7.64
C THR C 400 -11.63 39.64 -6.37
N SER C 401 -11.97 40.91 -6.53
CA SER C 401 -12.19 41.79 -5.39
C SER C 401 -13.59 41.66 -4.80
N THR C 402 -14.46 40.87 -5.41
CA THR C 402 -15.84 40.77 -4.97
C THR C 402 -15.95 39.84 -3.77
N ALA C 403 -16.71 40.28 -2.77
CA ALA C 403 -17.06 39.40 -1.66
C ALA C 403 -18.09 38.38 -2.15
N PHE C 404 -17.99 37.16 -1.62
CA PHE C 404 -18.83 36.07 -2.08
C PHE C 404 -20.18 36.09 -1.39
N SER C 405 -21.25 35.99 -2.17
CA SER C 405 -22.61 35.83 -1.67
C SER C 405 -23.36 34.94 -2.64
N GLU C 406 -24.23 34.09 -2.09
CA GLU C 406 -24.97 33.16 -2.94
C GLU C 406 -25.92 33.91 -3.88
N SER C 407 -26.51 34.99 -3.39
CA SER C 407 -27.38 35.84 -4.20
C SER C 407 -26.66 37.12 -4.62
N GLY C 408 -25.34 37.03 -4.77
CA GLY C 408 -24.55 38.21 -5.10
C GLY C 408 -24.86 38.81 -6.45
N LEU C 409 -25.23 37.98 -7.43
CA LEU C 409 -25.56 38.51 -8.75
C LEU C 409 -26.80 39.38 -8.72
N LYS C 410 -27.76 39.07 -7.84
CA LYS C 410 -28.97 39.88 -7.73
C LYS C 410 -28.73 41.15 -6.92
N GLN C 411 -27.72 41.15 -6.05
CA GLN C 411 -27.49 42.27 -5.14
C GLN C 411 -26.55 43.32 -5.69
N MET C 412 -25.81 43.02 -6.75
CA MET C 412 -24.93 44.01 -7.35
C MET C 412 -25.74 44.95 -8.25
N SER C 413 -25.05 45.99 -8.73
CA SER C 413 -25.67 46.99 -9.58
C SER C 413 -25.67 46.54 -11.05
N ASP C 414 -26.36 47.31 -11.88
CA ASP C 414 -26.37 47.08 -13.32
C ASP C 414 -25.09 47.57 -13.98
N ILE C 415 -24.54 48.68 -13.51
CA ILE C 415 -23.37 49.31 -14.11
C ILE C 415 -22.19 49.11 -13.16
N ASN C 416 -21.06 48.67 -13.72
CA ASN C 416 -19.85 48.42 -12.96
C ASN C 416 -20.16 47.62 -11.68
N PRO C 417 -20.80 46.46 -11.80
CA PRO C 417 -21.24 45.74 -10.60
C PRO C 417 -20.08 45.40 -9.68
N GLU C 418 -20.33 45.53 -8.38
CA GLU C 418 -19.32 45.21 -7.38
C GLU C 418 -20.01 44.95 -6.06
N LEU C 419 -19.50 43.96 -5.32
CA LEU C 419 -19.97 43.64 -3.98
C LEU C 419 -18.75 43.68 -3.06
N GLU C 420 -18.45 44.88 -2.56
CA GLU C 420 -17.24 45.12 -1.78
C GLU C 420 -17.55 45.02 -0.30
N TYR C 421 -16.75 44.25 0.42
CA TYR C 421 -16.87 44.14 1.86
C TYR C 421 -15.48 44.16 2.49
N LYS C 422 -15.30 45.06 3.46
CA LYS C 422 -14.07 45.10 4.26
C LYS C 422 -14.42 44.48 5.62
N ALA C 423 -14.16 43.19 5.75
CA ALA C 423 -14.55 42.47 6.96
C ALA C 423 -13.78 42.98 8.17
N ALA C 424 -14.47 43.01 9.31
CA ALA C 424 -13.83 43.33 10.57
C ALA C 424 -13.02 42.14 11.07
N LEU C 425 -11.97 42.43 11.83
CA LEU C 425 -11.10 41.36 12.31
C LEU C 425 -11.86 40.38 13.20
N THR C 426 -12.72 40.90 14.07
CA THR C 426 -13.53 40.06 14.94
C THR C 426 -14.81 39.58 14.27
N ASP C 427 -14.93 39.73 12.95
CA ASP C 427 -16.07 39.20 12.24
C ASP C 427 -15.99 37.68 12.17
N PRO C 428 -17.14 37.00 12.07
CA PRO C 428 -17.11 35.55 11.88
C PRO C 428 -16.37 35.19 10.59
N TYR C 429 -15.67 34.05 10.64
CA TYR C 429 -14.87 33.62 9.50
C TYR C 429 -15.70 33.50 8.23
N ILE C 430 -16.99 33.17 8.37
CA ILE C 430 -17.84 32.93 7.21
C ILE C 430 -18.00 34.17 6.35
N LEU C 431 -17.72 35.35 6.89
CA LEU C 431 -17.90 36.60 6.17
C LEU C 431 -16.66 37.04 5.40
N LYS C 432 -15.59 36.23 5.41
CA LYS C 432 -14.33 36.61 4.80
C LYS C 432 -14.03 35.83 3.53
N GLN C 433 -15.06 35.42 2.81
CA GLN C 433 -14.91 34.67 1.57
C GLN C 433 -14.99 35.61 0.37
N LYS C 434 -14.10 35.38 -0.60
CA LYS C 434 -14.04 36.17 -1.82
C LYS C 434 -14.17 35.25 -3.03
N VAL C 435 -14.73 35.83 -4.11
CA VAL C 435 -15.04 35.06 -5.30
C VAL C 435 -13.77 34.73 -6.07
N VAL C 436 -13.73 33.52 -6.63
CA VAL C 436 -12.64 33.03 -7.46
C VAL C 436 -13.22 32.58 -8.80
N ARG C 437 -12.48 32.86 -9.87
CA ARG C 437 -12.97 32.66 -11.23
C ARG C 437 -11.94 31.94 -12.07
N GLY C 438 -12.42 31.17 -13.04
CA GLY C 438 -11.57 30.64 -14.09
C GLY C 438 -11.33 29.14 -14.08
N GLY C 439 -11.10 28.58 -12.90
CA GLY C 439 -10.69 27.19 -12.81
C GLY C 439 -9.18 27.05 -12.90
N SER C 440 -8.69 25.90 -12.42
CA SER C 440 -7.25 25.67 -12.36
C SER C 440 -6.86 24.36 -13.02
N TRP C 441 -5.58 24.00 -12.86
CA TRP C 441 -5.06 22.76 -13.42
C TRP C 441 -5.71 21.52 -12.82
N LYS C 442 -6.32 21.64 -11.64
CA LYS C 442 -6.92 20.50 -10.95
C LYS C 442 -8.44 20.50 -11.05
N ASP C 443 -9.02 21.32 -11.91
CA ASP C 443 -10.47 21.44 -12.02
C ASP C 443 -10.99 20.65 -13.23
N VAL C 444 -12.24 20.20 -13.11
CA VAL C 444 -12.92 19.54 -14.22
C VAL C 444 -13.49 20.62 -15.13
N ALA C 445 -13.93 20.22 -16.33
CA ALA C 445 -14.34 21.19 -17.34
C ALA C 445 -15.45 22.11 -16.84
N ARG C 446 -16.26 21.64 -15.88
CA ARG C 446 -17.34 22.47 -15.38
C ARG C 446 -16.83 23.74 -14.72
N PHE C 447 -15.75 23.62 -13.94
CA PHE C 447 -15.27 24.75 -13.16
C PHE C 447 -14.34 25.67 -13.95
N ILE C 448 -13.92 25.27 -15.15
CA ILE C 448 -13.19 26.17 -16.03
C ILE C 448 -14.13 26.94 -16.95
N ARG C 449 -15.43 26.72 -16.85
CA ARG C 449 -16.40 27.56 -17.53
C ARG C 449 -16.36 28.97 -16.94
N SER C 450 -16.45 29.97 -17.81
CA SER C 450 -16.28 31.35 -17.36
C SER C 450 -17.38 31.81 -16.41
N ALA C 451 -18.55 31.16 -16.43
CA ALA C 451 -19.66 31.58 -15.59
C ALA C 451 -19.68 30.92 -14.22
N THR C 452 -18.82 29.92 -13.99
CA THR C 452 -18.81 29.21 -12.71
C THR C 452 -18.08 30.05 -11.67
N ARG C 453 -18.67 30.16 -10.48
CA ARG C 453 -18.11 30.92 -9.38
C ARG C 453 -17.60 29.96 -8.31
N SER C 454 -16.39 30.17 -7.84
CA SER C 454 -15.88 29.51 -6.65
C SER C 454 -15.62 30.58 -5.59
N HIS C 455 -15.12 30.17 -4.44
CA HIS C 455 -14.80 31.14 -3.40
C HIS C 455 -13.72 30.58 -2.51
N GLU C 456 -13.04 31.48 -1.81
CA GLU C 456 -12.02 31.09 -0.86
C GLU C 456 -11.90 32.15 0.22
N TYR C 457 -11.46 31.73 1.41
CA TYR C 457 -11.25 32.68 2.49
C TYR C 457 -10.08 33.60 2.17
N GLN C 458 -10.21 34.86 2.60
CA GLN C 458 -9.28 35.89 2.16
C GLN C 458 -7.85 35.65 2.65
N ASN C 459 -7.66 34.89 3.73
CA ASN C 459 -6.34 34.66 4.29
C ASN C 459 -5.75 33.32 3.89
N VAL C 460 -6.35 32.64 2.91
CA VAL C 460 -5.95 31.30 2.52
C VAL C 460 -5.28 31.35 1.15
N GLY C 461 -4.12 30.72 1.04
CA GLY C 461 -3.43 30.56 -0.23
C GLY C 461 -3.48 29.10 -0.67
N ARG C 462 -3.59 28.90 -1.98
CA ARG C 462 -3.73 27.57 -2.55
C ARG C 462 -2.75 27.38 -3.69
N SER C 463 -2.40 26.12 -3.95
CA SER C 463 -1.50 25.78 -5.05
C SER C 463 -2.19 25.84 -6.40
N TYR C 464 -3.43 26.31 -6.46
CA TYR C 464 -4.17 26.40 -7.71
C TYR C 464 -4.89 27.74 -7.86
N ILE C 465 -4.54 28.74 -7.05
CA ILE C 465 -5.13 30.06 -7.14
C ILE C 465 -4.02 31.07 -7.36
N GLY C 466 -4.10 31.82 -8.46
CA GLY C 466 -3.23 32.94 -8.70
C GLY C 466 -4.04 34.22 -8.82
N PHE C 467 -3.62 35.14 -9.69
CA PHE C 467 -4.38 36.37 -9.88
C PHE C 467 -3.71 37.20 -10.95
N ARG C 468 -4.48 38.13 -11.51
CA ARG C 468 -3.96 39.16 -12.41
C ARG C 468 -4.63 40.48 -12.03
N CYS C 469 -4.01 41.58 -12.46
CA CYS C 469 -4.45 42.90 -12.05
C CYS C 469 -5.20 43.61 -13.18
N VAL C 470 -6.01 44.59 -12.79
CA VAL C 470 -6.74 45.44 -13.72
C VAL C 470 -6.52 46.90 -13.31
N ARG C 471 -6.86 47.79 -14.23
CA ARG C 471 -6.73 49.22 -13.98
C ARG C 471 -7.78 49.96 -14.80
N THR C 472 -8.63 50.73 -14.13
CA THR C 472 -9.61 51.52 -14.85
C THR C 472 -8.90 52.46 -15.81
N SER C 473 -9.38 52.50 -17.05
CA SER C 473 -8.77 53.31 -18.10
C SER C 473 -9.68 54.48 -18.41
N ILE C 474 -9.13 55.69 -18.36
CA ILE C 474 -9.88 56.90 -18.70
C ILE C 474 -9.77 57.06 -20.22
N ALA C 475 -10.84 56.69 -20.93
CA ALA C 475 -10.88 56.72 -22.38
C ALA C 475 -12.13 57.43 -22.84
N PHE C 476 -12.03 58.12 -23.97
CA PHE C 476 -13.13 58.92 -24.47
C PHE C 476 -13.44 58.58 -25.93
N THR D 49 -23.87 42.37 18.78
CA THR D 49 -23.43 41.11 18.19
C THR D 49 -22.80 41.35 16.83
N LEU D 50 -23.56 41.98 15.93
CA LEU D 50 -23.03 42.33 14.62
C LEU D 50 -22.01 43.44 14.72
N SER D 51 -21.00 43.37 13.87
CA SER D 51 -20.00 44.44 13.81
C SER D 51 -20.54 45.62 13.01
N ASN D 52 -19.86 46.76 13.14
CA ASN D 52 -20.26 47.95 12.41
C ASN D 52 -20.16 47.72 10.91
N ARG D 53 -19.09 47.05 10.47
CA ARG D 53 -18.93 46.74 9.05
C ARG D 53 -20.10 45.90 8.55
N ALA D 54 -20.49 44.88 9.33
CA ALA D 54 -21.60 44.03 8.91
C ALA D 54 -22.91 44.80 8.86
N GLN D 55 -23.14 45.69 9.83
CA GLN D 55 -24.36 46.50 9.82
C GLN D 55 -24.41 47.38 8.58
N GLU D 56 -23.29 48.05 8.26
CA GLU D 56 -23.25 48.91 7.08
C GLU D 56 -23.49 48.09 5.82
N PHE D 57 -22.85 46.92 5.70
CA PHE D 57 -23.03 46.08 4.54
C PHE D 57 -24.48 45.63 4.39
N ASN D 58 -25.09 45.19 5.50
CA ASN D 58 -26.47 44.73 5.45
C ASN D 58 -27.41 45.86 5.06
N ARG D 59 -27.22 47.05 5.62
CA ARG D 59 -28.08 48.17 5.25
C ARG D 59 -27.85 48.59 3.80
N ARG D 60 -26.67 48.33 3.26
CA ARG D 60 -26.43 48.55 1.85
C ARG D 60 -27.06 47.45 0.98
N LEU D 61 -27.32 46.28 1.54
CA LEU D 61 -27.90 45.16 0.80
C LEU D 61 -29.41 45.07 0.94
N THR D 62 -30.09 46.18 1.22
CA THR D 62 -31.54 46.21 1.34
C THR D 62 -32.15 46.84 0.09
N GLN D 63 -33.25 46.27 -0.37
CA GLN D 63 -33.93 46.78 -1.55
C GLN D 63 -34.83 47.95 -1.18
N LYS D 64 -34.74 49.04 -1.95
CA LYS D 64 -35.54 50.23 -1.73
C LYS D 64 -36.47 50.44 -2.93
N THR D 65 -37.76 50.60 -2.65
CA THR D 65 -38.77 50.81 -3.68
C THR D 65 -39.52 52.12 -3.46
N ASP D 66 -38.86 53.09 -2.82
CA ASP D 66 -39.50 54.33 -2.39
C ASP D 66 -40.06 55.15 -3.55
N ASN D 67 -39.24 55.44 -4.56
CA ASN D 67 -39.65 56.34 -5.64
C ASN D 67 -39.78 55.61 -6.97
N ALA D 68 -40.18 54.35 -6.91
CA ALA D 68 -40.35 53.56 -8.13
C ALA D 68 -41.47 54.14 -8.98
N PRO D 69 -41.25 54.39 -10.27
CA PRO D 69 -42.34 54.87 -11.13
C PRO D 69 -43.39 53.81 -11.42
N TRP D 70 -43.08 52.54 -11.18
CA TRP D 70 -44.00 51.45 -11.46
C TRP D 70 -43.90 50.42 -10.34
N ARG D 71 -45.06 49.87 -9.95
CA ARG D 71 -45.13 48.91 -8.86
C ARG D 71 -46.26 47.94 -9.12
N ARG D 72 -46.16 46.74 -8.54
CA ARG D 72 -47.23 45.76 -8.63
C ARG D 72 -47.07 44.75 -7.52
N VAL D 73 -48.11 44.59 -6.69
CA VAL D 73 -48.11 43.64 -5.59
C VAL D 73 -48.84 42.38 -6.04
N VAL D 74 -48.23 41.22 -5.78
CA VAL D 74 -48.77 39.94 -6.20
C VAL D 74 -48.70 38.97 -5.02
N TYR D 75 -49.82 38.31 -4.73
CA TYR D 75 -49.90 37.29 -3.69
C TYR D 75 -49.90 35.92 -4.36
N ARG D 76 -48.84 35.15 -4.11
CA ARG D 76 -48.62 33.85 -4.70
C ARG D 76 -48.77 32.75 -3.64
N ARG D 77 -49.24 31.59 -4.09
CA ARG D 77 -49.31 30.40 -3.25
C ARG D 77 -48.20 29.44 -3.68
N VAL D 78 -47.28 29.16 -2.77
CA VAL D 78 -46.15 28.29 -3.02
C VAL D 78 -46.44 26.94 -2.37
N ASP D 79 -46.51 25.89 -3.18
CA ASP D 79 -46.85 24.55 -2.71
C ASP D 79 -45.56 23.79 -2.37
N LEU D 80 -45.43 23.38 -1.11
CA LEU D 80 -44.23 22.70 -0.65
C LEU D 80 -44.10 21.29 -1.21
N MET D 81 -45.14 20.74 -1.82
CA MET D 81 -45.11 19.41 -2.40
C MET D 81 -44.53 19.38 -3.80
N GLU D 82 -43.80 20.41 -4.20
CA GLU D 82 -43.16 20.48 -5.50
C GLU D 82 -41.65 20.54 -5.33
N GLU D 83 -40.93 19.90 -6.26
CA GLU D 83 -39.49 20.01 -6.27
C GLU D 83 -39.10 21.46 -6.55
N SER D 84 -38.03 21.91 -5.88
CA SER D 84 -37.56 23.28 -5.84
C SER D 84 -38.44 24.14 -4.92
N ASN D 85 -39.53 23.59 -4.39
CA ASN D 85 -40.33 24.25 -3.37
C ASN D 85 -40.23 23.57 -2.01
N ALA D 86 -39.81 22.30 -1.97
CA ALA D 86 -39.63 21.57 -0.73
C ALA D 86 -38.39 22.02 0.03
N VAL D 87 -37.68 23.04 -0.46
CA VAL D 87 -36.56 23.59 0.29
C VAL D 87 -37.03 24.12 1.63
N LEU D 88 -38.22 24.71 1.67
CA LEU D 88 -38.80 25.19 2.92
C LEU D 88 -39.41 24.09 3.76
N TYR D 89 -39.46 22.86 3.24
CA TYR D 89 -40.13 21.75 3.91
C TYR D 89 -39.16 20.82 4.62
N TYR D 90 -38.00 20.57 4.03
CA TYR D 90 -37.06 19.61 4.60
C TYR D 90 -36.34 20.21 5.81
N PRO D 91 -36.26 19.48 6.93
CA PRO D 91 -36.92 18.21 7.22
C PRO D 91 -38.34 18.42 7.73
N PRO D 92 -39.28 17.54 7.42
CA PRO D 92 -40.65 17.73 7.92
C PRO D 92 -40.71 17.81 9.43
N ARG D 93 -39.87 17.08 10.12
CA ARG D 93 -39.69 17.19 11.57
C ARG D 93 -38.21 17.31 11.87
N PRO D 94 -37.85 18.02 12.94
CA PRO D 94 -36.44 18.33 13.18
C PRO D 94 -35.60 17.07 13.28
N ILE D 95 -34.41 17.13 12.70
CA ILE D 95 -33.42 16.06 12.77
C ILE D 95 -32.19 16.64 13.45
N GLY D 96 -32.09 16.46 14.76
CA GLY D 96 -31.03 17.08 15.52
C GLY D 96 -31.18 18.59 15.56
N ASP D 97 -30.27 19.30 14.90
CA ASP D 97 -30.34 20.75 14.80
C ASP D 97 -30.86 21.23 13.45
N ARG D 98 -31.44 20.33 12.66
CA ARG D 98 -31.97 20.65 11.34
C ARG D 98 -33.48 20.85 11.45
N LYS D 99 -33.94 22.05 11.06
CA LYS D 99 -35.36 22.37 11.06
C LYS D 99 -35.75 22.97 9.74
N ASN D 100 -37.01 22.79 9.36
CA ASN D 100 -37.56 23.46 8.20
C ASN D 100 -37.99 24.87 8.58
N LEU D 101 -38.52 25.62 7.61
CA LEU D 101 -38.82 27.02 7.84
C LEU D 101 -39.85 27.21 8.95
N PHE D 102 -40.92 26.41 8.94
CA PHE D 102 -41.96 26.59 9.94
C PHE D 102 -41.47 26.22 11.33
N SER D 103 -40.59 25.22 11.43
CA SER D 103 -40.01 24.90 12.73
C SER D 103 -39.24 26.08 13.29
N THR D 104 -38.45 26.74 12.45
CA THR D 104 -37.72 27.94 12.88
C THR D 104 -38.68 29.05 13.30
N ILE D 105 -39.75 29.25 12.52
CA ILE D 105 -40.72 30.30 12.85
C ILE D 105 -41.37 30.02 14.19
N PHE D 106 -41.80 28.78 14.40
CA PHE D 106 -42.43 28.41 15.66
C PHE D 106 -41.47 28.56 16.83
N GLY D 107 -40.20 28.17 16.63
CA GLY D 107 -39.22 28.34 17.69
C GLY D 107 -39.00 29.80 18.04
N LEU D 108 -38.90 30.66 17.04
CA LEU D 108 -38.72 32.08 17.29
C LEU D 108 -39.93 32.68 17.99
N ILE D 109 -41.13 32.23 17.63
CA ILE D 109 -42.33 32.70 18.30
C ILE D 109 -42.39 32.21 19.74
N ASN D 110 -41.87 31.01 20.01
CA ASN D 110 -41.84 30.51 21.38
C ASN D 110 -41.05 31.46 22.28
N SER D 111 -40.00 32.05 21.75
CA SER D 111 -39.32 33.16 22.42
C SER D 111 -40.10 34.44 22.12
N ASN D 112 -39.53 35.59 22.46
CA ASN D 112 -40.11 36.88 22.13
C ASN D 112 -39.38 37.54 20.97
N SER D 113 -38.84 36.73 20.05
CA SER D 113 -37.95 37.20 19.01
C SER D 113 -38.59 37.28 17.63
N LEU D 114 -39.92 37.15 17.55
CA LEU D 114 -40.61 37.25 16.26
C LEU D 114 -42.02 37.74 16.48
N ASP D 115 -42.37 38.85 15.85
CA ASP D 115 -43.72 39.39 15.90
C ASP D 115 -44.47 38.98 14.63
N VAL D 116 -45.54 38.20 14.80
CA VAL D 116 -46.37 37.76 13.69
C VAL D 116 -47.77 38.33 13.90
N TYR D 117 -48.52 38.43 12.80
CA TYR D 117 -49.78 39.15 12.80
C TYR D 117 -50.88 38.29 12.21
N GLU D 118 -52.12 38.57 12.63
CA GLU D 118 -53.25 37.74 12.25
C GLU D 118 -53.49 37.78 10.74
N TYR D 119 -53.91 36.65 10.20
CA TYR D 119 -54.30 36.57 8.80
C TYR D 119 -55.75 37.00 8.67
N LEU D 120 -55.96 38.18 8.09
CA LEU D 120 -57.30 38.66 7.78
C LEU D 120 -57.64 38.35 6.31
N ASP D 121 -58.93 38.32 6.03
CA ASP D 121 -59.44 37.97 4.70
C ASP D 121 -59.70 39.26 3.92
N GLY D 122 -58.68 39.73 3.21
CA GLY D 122 -58.85 40.90 2.38
C GLY D 122 -57.71 41.89 2.42
N PHE D 123 -57.00 41.97 3.53
CA PHE D 123 -55.94 42.96 3.70
C PHE D 123 -54.96 42.47 4.75
N GLU D 124 -53.82 43.17 4.81
CA GLU D 124 -52.76 42.88 5.76
C GLU D 124 -52.50 44.10 6.63
N ALA D 125 -52.58 43.93 7.94
CA ALA D 125 -52.36 45.02 8.89
C ALA D 125 -51.33 44.55 9.92
N PHE D 126 -50.08 44.99 9.74
CA PHE D 126 -49.00 44.62 10.66
C PHE D 126 -48.84 45.69 11.75
N THR D 127 -49.92 45.91 12.48
CA THR D 127 -49.96 46.88 13.57
C THR D 127 -50.13 46.18 14.89
N ASP D 128 -49.85 46.91 15.98
CA ASP D 128 -49.91 46.32 17.31
C ASP D 128 -51.30 45.77 17.62
N GLN D 129 -52.34 46.31 16.98
CA GLN D 129 -53.68 45.81 17.23
C GLN D 129 -53.86 44.39 16.69
N TYR D 130 -53.13 44.04 15.65
CA TYR D 130 -53.25 42.73 15.02
C TYR D 130 -52.11 41.78 15.38
N LYS D 131 -51.18 42.21 16.23
CA LYS D 131 -50.11 41.33 16.66
C LYS D 131 -50.70 40.08 17.31
N ILE D 132 -50.10 38.93 17.02
CA ILE D 132 -50.64 37.64 17.42
C ILE D 132 -50.13 37.28 18.81
N LYS D 133 -51.06 36.94 19.70
CA LYS D 133 -50.70 36.42 21.01
C LYS D 133 -50.51 34.90 20.91
N PHE D 134 -49.34 34.44 21.34
CA PHE D 134 -49.02 33.02 21.17
C PHE D 134 -50.00 32.13 21.92
N GLN D 135 -50.39 32.53 23.13
CA GLN D 135 -51.29 31.71 23.93
C GLN D 135 -52.59 31.44 23.17
N GLU D 136 -53.20 32.48 22.61
CA GLU D 136 -54.45 32.30 21.86
C GLU D 136 -54.18 32.06 20.38
N PHE D 137 -53.25 31.17 20.11
CA PHE D 137 -53.03 30.58 18.79
C PHE D 137 -52.95 29.08 18.85
N LEU D 138 -52.31 28.52 19.88
CA LEU D 138 -52.27 27.07 20.07
C LEU D 138 -53.66 26.53 20.36
N ASP D 139 -54.42 27.20 21.22
CA ASP D 139 -55.79 26.78 21.46
C ASP D 139 -56.63 26.94 20.20
N ARG D 140 -56.43 28.03 19.46
CA ARG D 140 -57.22 28.25 18.26
C ARG D 140 -57.00 27.15 17.23
N PHE D 141 -55.75 26.73 17.03
CA PHE D 141 -55.45 25.66 16.09
C PHE D 141 -55.21 24.32 16.77
N GLY D 142 -55.51 24.20 18.05
CA GLY D 142 -55.44 22.93 18.73
C GLY D 142 -54.06 22.30 18.83
N ILE D 143 -53.07 23.10 19.21
CA ILE D 143 -51.71 22.61 19.41
C ILE D 143 -51.51 22.36 20.91
N TYR D 144 -51.15 21.13 21.25
CA TYR D 144 -50.96 20.76 22.64
C TYR D 144 -49.74 21.48 23.23
N TYR D 145 -49.88 21.96 24.46
CA TYR D 145 -48.80 22.67 25.12
C TYR D 145 -48.93 22.54 26.62
N GLN D 146 -47.83 22.80 27.31
CA GLN D 146 -47.72 22.69 28.76
C GLN D 146 -47.04 23.94 29.30
N PRO D 147 -47.19 24.21 30.60
CA PRO D 147 -46.45 25.32 31.19
C PRO D 147 -44.95 25.14 31.00
N SER D 148 -44.27 26.24 30.75
CA SER D 148 -42.84 26.19 30.45
C SER D 148 -42.02 25.99 31.72
N THR D 149 -40.78 25.55 31.53
CA THR D 149 -39.84 25.43 32.64
C THR D 149 -39.05 26.71 32.88
N ASN D 150 -39.13 27.68 31.97
CA ASN D 150 -38.39 28.93 32.10
C ASN D 150 -38.98 29.94 31.14
N LYS D 151 -39.31 31.13 31.64
CA LYS D 151 -39.95 32.14 30.83
C LYS D 151 -39.04 32.76 29.78
N ASN D 152 -37.74 32.52 29.85
CA ASN D 152 -36.79 33.06 28.88
C ASN D 152 -36.71 32.12 27.68
N ALA D 153 -36.92 32.67 26.48
CA ALA D 153 -36.88 31.91 25.24
C ALA D 153 -37.84 30.72 25.26
N GLU D 154 -38.83 30.73 26.15
CA GLU D 154 -39.81 29.66 26.23
C GLU D 154 -41.08 30.22 26.86
N LEU D 155 -42.07 30.52 26.02
CA LEU D 155 -43.37 30.93 26.53
C LEU D 155 -44.16 29.74 27.05
N PHE D 156 -44.06 28.60 26.38
CA PHE D 156 -44.77 27.39 26.78
C PHE D 156 -43.89 26.18 26.46
N LYS D 157 -44.44 25.00 26.70
CA LYS D 157 -43.76 23.74 26.40
C LYS D 157 -44.56 23.01 25.34
N VAL D 158 -43.98 22.85 24.15
CA VAL D 158 -44.63 22.20 23.03
C VAL D 158 -43.73 21.09 22.51
N ALA D 159 -44.28 19.89 22.38
CA ALA D 159 -43.55 18.77 21.83
C ALA D 159 -43.43 18.90 20.30
N ASP D 160 -42.42 18.24 19.75
CA ASP D 160 -42.21 18.30 18.30
C ASP D 160 -43.40 17.71 17.55
N SER D 161 -43.95 16.60 18.04
CA SER D 161 -45.11 16.00 17.41
C SER D 161 -46.31 16.95 17.39
N ASP D 162 -46.36 17.91 18.33
CA ASP D 162 -47.45 18.87 18.35
C ASP D 162 -47.27 19.94 17.28
N ILE D 163 -46.04 20.35 17.03
CA ILE D 163 -45.75 21.44 16.08
C ILE D 163 -46.07 20.95 14.66
N PRO D 164 -46.93 21.67 13.93
CA PRO D 164 -47.30 21.27 12.57
C PRO D 164 -46.26 21.63 11.51
N SER D 165 -45.01 21.27 11.77
CA SER D 165 -43.96 21.53 10.80
C SER D 165 -44.16 20.72 9.52
N ALA D 166 -44.79 19.56 9.62
CA ALA D 166 -45.08 18.72 8.47
C ALA D 166 -46.47 18.95 7.91
N GLU D 167 -47.42 19.39 8.73
CA GLU D 167 -48.76 19.68 8.24
C GLU D 167 -48.80 20.99 7.47
N VAL D 168 -47.98 21.97 7.86
CA VAL D 168 -47.88 23.21 7.11
C VAL D 168 -47.24 22.88 5.76
N LYS D 169 -48.04 22.95 4.70
CA LYS D 169 -47.60 22.44 3.41
C LYS D 169 -47.67 23.47 2.28
N ALA D 170 -48.02 24.72 2.59
CA ALA D 170 -48.05 25.77 1.58
C ALA D 170 -47.75 27.10 2.26
N TYR D 171 -47.32 28.06 1.45
CA TYR D 171 -46.99 29.39 1.94
C TYR D 171 -47.64 30.45 1.05
N TYR D 172 -48.00 31.58 1.66
CA TYR D 172 -48.41 32.76 0.94
C TYR D 172 -47.24 33.73 0.88
N VAL D 173 -46.90 34.19 -0.33
CA VAL D 173 -45.80 35.11 -0.53
C VAL D 173 -46.34 36.38 -1.16
N LYS D 174 -46.08 37.52 -0.52
CA LYS D 174 -46.52 38.82 -1.00
C LYS D 174 -45.33 39.51 -1.66
N GLU D 175 -45.21 39.37 -2.98
CA GLU D 175 -44.13 39.99 -3.73
C GLU D 175 -44.53 41.38 -4.18
N GLU D 176 -43.54 42.25 -4.35
CA GLU D 176 -43.72 43.57 -4.94
C GLU D 176 -42.71 43.71 -6.06
N TRP D 177 -43.20 43.69 -7.30
CA TRP D 177 -42.37 44.01 -8.45
C TRP D 177 -42.28 45.53 -8.56
N TYR D 178 -41.07 46.04 -8.76
CA TYR D 178 -40.85 47.47 -8.82
C TYR D 178 -39.81 47.79 -9.89
N PHE D 179 -39.87 49.02 -10.38
CA PHE D 179 -38.95 49.55 -11.37
C PHE D 179 -38.09 50.61 -10.70
N THR D 180 -36.79 50.35 -10.61
CA THR D 180 -35.89 51.26 -9.94
C THR D 180 -35.71 52.53 -10.76
N PRO D 181 -35.85 53.71 -10.16
CA PRO D 181 -35.72 54.95 -10.96
C PRO D 181 -34.30 55.23 -11.39
N THR D 182 -33.33 55.07 -10.49
CA THR D 182 -31.94 55.41 -10.83
C THR D 182 -31.33 54.41 -11.81
N ASN D 183 -31.66 53.12 -11.65
CA ASN D 183 -31.01 52.08 -12.43
C ASN D 183 -31.80 51.66 -13.65
N SER D 184 -33.12 51.82 -13.65
CA SER D 184 -33.97 51.43 -14.77
C SER D 184 -33.98 49.91 -14.96
N ASP D 185 -34.15 49.18 -13.86
CA ASP D 185 -34.28 47.73 -13.88
C ASP D 185 -35.45 47.31 -13.00
N VAL D 186 -35.96 46.11 -13.29
CA VAL D 186 -37.10 45.55 -12.58
C VAL D 186 -36.60 44.56 -11.55
N ASP D 187 -37.12 44.68 -10.32
CA ASP D 187 -36.76 43.77 -9.26
C ASP D 187 -38.01 43.35 -8.48
N ILE D 188 -37.84 42.37 -7.62
CA ILE D 188 -38.91 41.84 -6.78
C ILE D 188 -38.47 41.89 -5.33
N LYS D 189 -39.33 42.41 -4.47
CA LYS D 189 -39.07 42.49 -3.04
C LYS D 189 -40.15 41.73 -2.29
N ILE D 190 -39.75 40.83 -1.40
CA ILE D 190 -40.71 40.05 -0.64
C ILE D 190 -41.16 40.84 0.58
N GLN D 191 -42.47 40.98 0.73
CA GLN D 191 -43.05 41.75 1.83
C GLN D 191 -43.37 40.88 3.03
N ALA D 192 -44.07 39.77 2.82
CA ALA D 192 -44.50 38.93 3.92
C ALA D 192 -44.74 37.51 3.41
N ILE D 193 -44.76 36.57 4.36
CA ILE D 193 -45.06 35.17 4.08
C ILE D 193 -46.06 34.68 5.10
N CYS D 194 -46.81 33.65 4.72
CA CYS D 194 -47.87 33.11 5.58
C CYS D 194 -47.97 31.60 5.43
N PRO D 195 -47.64 30.84 6.46
CA PRO D 195 -47.74 29.37 6.35
C PRO D 195 -49.20 28.93 6.28
N ILE D 196 -49.42 27.81 5.60
CA ILE D 196 -50.76 27.26 5.43
C ILE D 196 -50.75 25.82 5.97
N MET D 197 -51.45 25.61 7.07
CA MET D 197 -51.66 24.28 7.62
C MET D 197 -52.66 23.52 6.77
N THR D 198 -52.31 22.29 6.41
CA THR D 198 -53.12 21.47 5.51
C THR D 198 -53.92 20.42 6.27
N GLY D 199 -54.20 20.67 7.55
CA GLY D 199 -54.88 19.68 8.36
C GLY D 199 -56.24 19.33 7.79
N GLN D 200 -56.66 18.10 8.07
CA GLN D 200 -57.92 17.59 7.55
C GLN D 200 -59.10 18.43 8.05
N ASP D 201 -60.11 18.57 7.19
CA ASP D 201 -61.32 19.28 7.57
C ASP D 201 -62.23 18.37 8.38
N GLU D 202 -62.82 18.92 9.44
CA GLU D 202 -63.75 18.16 10.26
C GLU D 202 -64.95 17.74 9.42
N PHE D 203 -65.47 16.54 9.69
CA PHE D 203 -66.59 15.92 9.01
C PHE D 203 -66.20 15.40 7.63
N GLY D 204 -64.99 15.70 7.15
CA GLY D 204 -64.54 15.27 5.85
C GLY D 204 -63.92 16.40 5.07
N GLU D 205 -63.42 16.07 3.88
CA GLU D 205 -62.80 17.05 3.01
C GLU D 205 -61.53 17.61 3.61
N VAL D 206 -60.76 18.34 2.82
CA VAL D 206 -59.51 18.95 3.25
C VAL D 206 -59.73 20.44 3.47
N ARG D 207 -59.16 20.97 4.55
CA ARG D 207 -59.28 22.38 4.88
C ARG D 207 -57.88 22.97 5.06
N ASN D 208 -57.63 24.08 4.37
CA ASN D 208 -56.34 24.77 4.43
C ASN D 208 -56.53 26.10 5.14
N GLN D 209 -55.94 26.23 6.32
CA GLN D 209 -56.09 27.44 7.13
C GLN D 209 -54.80 28.24 7.13
N PRO D 210 -54.79 29.44 6.58
CA PRO D 210 -53.63 30.32 6.77
C PRO D 210 -53.45 30.64 8.25
N LEU D 211 -52.19 30.71 8.68
CA LEU D 211 -51.90 30.88 10.10
C LEU D 211 -51.74 32.35 10.48
N PHE D 212 -50.77 33.03 9.87
CA PHE D 212 -50.48 34.42 10.23
C PHE D 212 -49.48 34.98 9.22
N TRP D 213 -49.36 36.30 9.23
CA TRP D 213 -48.45 37.00 8.33
C TRP D 213 -47.15 37.31 9.07
N ILE D 214 -46.03 36.95 8.45
CA ILE D 214 -44.70 37.22 8.98
C ILE D 214 -44.07 38.30 8.10
N PRO D 215 -43.91 39.53 8.58
CA PRO D 215 -43.17 40.52 7.81
C PRO D 215 -41.76 40.02 7.53
N TYR D 216 -41.35 40.11 6.27
CA TYR D 216 -40.08 39.50 5.87
C TYR D 216 -38.90 40.17 6.55
N GLU D 217 -38.99 41.47 6.82
CA GLU D 217 -37.91 42.14 7.54
C GLU D 217 -37.74 41.59 8.95
N ASN D 218 -38.82 41.05 9.54
CA ASN D 218 -38.74 40.51 10.89
C ASN D 218 -37.99 39.19 10.91
N ILE D 219 -38.17 38.35 9.90
CA ILE D 219 -37.57 37.03 9.87
C ILE D 219 -36.27 36.97 9.08
N ARG D 220 -35.92 38.01 8.33
CA ARG D 220 -34.74 37.95 7.48
C ARG D 220 -33.46 37.65 8.26
N PRO D 221 -33.17 38.33 9.37
CA PRO D 221 -31.91 38.03 10.08
C PRO D 221 -31.81 36.59 10.54
N TYR D 222 -32.93 35.97 10.92
CA TYR D 222 -32.88 34.61 11.46
C TYR D 222 -32.69 33.57 10.37
N ILE D 223 -33.30 33.77 9.19
CA ILE D 223 -33.22 32.78 8.13
C ILE D 223 -32.02 33.00 7.22
N ALA D 224 -31.19 33.99 7.50
CA ALA D 224 -29.95 34.20 6.75
C ALA D 224 -28.78 33.41 7.31
N ARG D 225 -29.00 32.65 8.39
CA ARG D 225 -27.93 31.90 9.02
C ARG D 225 -28.07 30.39 8.88
N GLU D 226 -29.26 29.88 8.60
CA GLU D 226 -29.51 28.45 8.52
C GLU D 226 -29.29 27.99 7.08
N ARG D 227 -28.26 27.18 6.86
CA ARG D 227 -27.95 26.68 5.53
C ARG D 227 -28.86 25.50 5.18
N VAL D 228 -29.27 25.46 3.91
CA VAL D 228 -30.15 24.41 3.41
C VAL D 228 -29.59 23.90 2.09
N MET D 229 -30.12 22.77 1.65
CA MET D 229 -29.80 22.20 0.34
C MET D 229 -30.93 22.50 -0.62
N LEU D 230 -30.59 22.95 -1.82
CA LEU D 230 -31.55 23.43 -2.79
C LEU D 230 -32.04 22.35 -3.75
N SER D 231 -31.60 21.10 -3.58
CA SER D 231 -31.95 20.06 -4.54
C SER D 231 -31.92 18.71 -3.85
N SER D 232 -32.57 17.75 -4.48
CA SER D 232 -32.49 16.36 -4.06
C SER D 232 -31.31 15.63 -4.68
N LEU D 233 -30.85 16.10 -5.84
CA LEU D 233 -29.70 15.51 -6.52
C LEU D 233 -28.37 16.01 -5.98
N ASN D 234 -28.37 17.08 -5.19
CA ASN D 234 -27.17 17.60 -4.56
C ASN D 234 -27.55 18.01 -3.14
N ASN D 235 -27.04 17.26 -2.16
CA ASN D 235 -27.43 17.45 -0.76
C ASN D 235 -26.54 18.44 -0.03
N THR D 236 -25.58 19.06 -0.70
CA THR D 236 -24.75 20.06 -0.05
C THR D 236 -25.60 21.23 0.41
N ARG D 237 -25.36 21.67 1.65
CA ARG D 237 -26.10 22.79 2.22
C ARG D 237 -25.33 24.09 1.99
N ASN D 238 -25.33 24.51 0.72
CA ASN D 238 -24.53 25.64 0.28
C ASN D 238 -25.35 26.92 0.13
N SER D 239 -26.58 26.95 0.63
CA SER D 239 -27.45 28.11 0.49
C SER D 239 -28.19 28.33 1.80
N THR D 240 -29.02 29.37 1.83
CA THR D 240 -29.86 29.69 2.97
C THR D 240 -31.28 29.96 2.49
N ILE D 241 -32.21 29.98 3.43
CA ILE D 241 -33.60 30.33 3.10
C ILE D 241 -33.66 31.75 2.55
N ASP D 242 -32.85 32.65 3.10
CA ASP D 242 -32.81 34.01 2.60
C ASP D 242 -32.37 34.05 1.15
N ASP D 243 -31.36 33.26 0.78
CA ASP D 243 -30.95 33.17 -0.62
C ASP D 243 -32.06 32.58 -1.47
N PHE D 244 -32.76 31.57 -0.94
CA PHE D 244 -33.85 30.96 -1.68
C PHE D 244 -34.94 31.98 -2.02
N PHE D 245 -35.28 32.84 -1.06
CA PHE D 245 -36.30 33.85 -1.32
C PHE D 245 -35.77 34.98 -2.20
N ARG D 246 -34.54 35.43 -1.95
CA ARG D 246 -33.99 36.56 -2.70
C ARG D 246 -33.70 36.20 -4.15
N LEU D 247 -33.40 34.93 -4.42
CA LEU D 247 -33.17 34.47 -5.78
C LEU D 247 -34.45 34.12 -6.51
N ASN D 248 -35.60 34.18 -5.84
CA ASN D 248 -36.89 33.85 -6.43
C ASN D 248 -36.88 32.42 -6.99
N LEU D 249 -36.35 31.49 -6.20
CA LEU D 249 -36.30 30.09 -6.59
C LEU D 249 -37.61 29.37 -6.37
N TYR D 250 -38.54 29.96 -5.62
CA TYR D 250 -39.84 29.34 -5.39
C TYR D 250 -40.73 29.50 -6.62
N LYS D 251 -41.63 28.54 -6.79
CA LYS D 251 -42.58 28.53 -7.90
C LYS D 251 -43.99 28.47 -7.32
N GLY D 252 -44.76 29.55 -7.51
CA GLY D 252 -46.11 29.62 -7.00
C GLY D 252 -47.06 30.15 -8.06
N ASP D 253 -48.35 29.97 -7.79
CA ASP D 253 -49.41 30.46 -8.65
C ASP D 253 -49.99 31.73 -8.06
N ILE D 254 -50.16 32.75 -8.89
CA ILE D 254 -50.72 34.01 -8.40
C ILE D 254 -52.14 33.75 -7.93
N VAL D 255 -52.40 34.03 -6.66
CA VAL D 255 -53.74 33.91 -6.11
C VAL D 255 -54.39 35.25 -5.88
N LYS D 256 -53.63 36.34 -5.81
CA LYS D 256 -54.23 37.65 -5.65
C LYS D 256 -53.31 38.71 -6.26
N THR D 257 -53.89 39.86 -6.57
CA THR D 257 -53.13 40.99 -7.10
C THR D 257 -53.75 42.26 -6.54
N GLU D 258 -52.90 43.22 -6.19
CA GLU D 258 -53.39 44.50 -5.69
C GLU D 258 -54.09 45.25 -6.82
N ASN D 259 -55.42 45.32 -6.75
CA ASN D 259 -56.22 46.00 -7.75
C ASN D 259 -57.13 46.99 -7.05
N LEU D 260 -57.90 47.74 -7.85
CA LEU D 260 -58.75 48.79 -7.31
C LEU D 260 -60.03 48.29 -6.69
N HIS D 261 -60.42 47.03 -6.96
CA HIS D 261 -61.61 46.45 -6.37
C HIS D 261 -61.30 45.53 -5.20
N ASN D 262 -60.03 45.35 -4.86
CA ASN D 262 -59.63 44.46 -3.76
C ASN D 262 -60.08 43.02 -4.01
N ARG D 263 -60.20 42.65 -5.28
CA ARG D 263 -60.66 41.32 -5.64
C ARG D 263 -59.52 40.31 -5.59
N ALA D 264 -59.87 39.09 -5.20
CA ALA D 264 -58.96 37.96 -5.27
C ALA D 264 -59.35 37.06 -6.43
N LEU D 265 -58.37 36.34 -6.98
CA LEU D 265 -58.64 35.49 -8.12
C LEU D 265 -59.75 34.49 -7.84
N ALA D 266 -59.89 34.06 -6.59
CA ALA D 266 -60.92 33.08 -6.25
C ALA D 266 -62.32 33.65 -6.46
N GLU D 267 -62.50 34.96 -6.22
CA GLU D 267 -63.82 35.57 -6.31
C GLU D 267 -64.38 35.59 -7.72
N TYR D 268 -63.54 35.37 -8.75
CA TYR D 268 -64.04 35.36 -10.12
C TYR D 268 -63.47 34.23 -10.96
N CYS D 269 -62.79 33.26 -10.36
CA CYS D 269 -62.30 32.06 -11.05
C CYS D 269 -62.82 30.84 -10.30
N PRO D 270 -64.01 30.34 -10.63
CA PRO D 270 -64.59 29.24 -9.87
C PRO D 270 -63.77 27.96 -9.91
N THR D 271 -63.50 27.46 -11.11
CA THR D 271 -62.78 26.20 -11.26
C THR D 271 -61.27 26.41 -11.10
N PRO D 272 -60.56 25.39 -10.63
CA PRO D 272 -59.09 25.50 -10.53
C PRO D 272 -58.42 25.77 -11.86
N ASP D 273 -58.94 25.20 -12.95
CA ASP D 273 -58.33 25.42 -14.26
C ASP D 273 -58.39 26.89 -14.64
N SER D 274 -59.52 27.55 -14.37
CA SER D 274 -59.63 28.98 -14.62
C SER D 274 -58.66 29.76 -13.75
N MET D 275 -58.44 29.31 -12.51
CA MET D 275 -57.46 29.99 -11.65
C MET D 275 -56.06 29.89 -12.24
N LYS D 276 -55.69 28.70 -12.74
CA LYS D 276 -54.37 28.56 -13.36
C LYS D 276 -54.27 29.43 -14.61
N MET D 277 -55.34 29.49 -15.40
CA MET D 277 -55.33 30.33 -16.60
C MET D 277 -55.13 31.80 -16.24
N GLU D 278 -55.85 32.27 -15.21
CA GLU D 278 -55.72 33.67 -14.80
C GLU D 278 -54.32 33.96 -14.27
N SER D 279 -53.75 33.03 -13.50
CA SER D 279 -52.39 33.20 -13.03
C SER D 279 -51.42 33.30 -14.19
N LYS D 280 -51.58 32.45 -15.20
CA LYS D 280 -50.74 32.51 -16.40
C LYS D 280 -50.89 33.86 -17.10
N ARG D 281 -52.12 34.36 -17.18
CA ARG D 281 -52.35 35.65 -17.82
C ARG D 281 -51.64 36.78 -17.08
N ILE D 282 -51.72 36.78 -15.75
CA ILE D 282 -51.07 37.84 -14.98
C ILE D 282 -49.56 37.75 -15.08
N ASP D 283 -49.02 36.52 -15.06
CA ASP D 283 -47.58 36.36 -15.24
C ASP D 283 -47.14 36.84 -16.61
N LYS D 284 -47.97 36.60 -17.64
CA LYS D 284 -47.69 37.14 -18.96
C LYS D 284 -47.70 38.66 -18.94
N GLU D 285 -48.62 39.27 -18.19
CA GLU D 285 -48.63 40.73 -18.09
C GLU D 285 -47.32 41.25 -17.50
N LEU D 286 -46.85 40.63 -16.43
CA LEU D 286 -45.61 41.08 -15.80
C LEU D 286 -44.43 40.91 -16.75
N GLN D 287 -44.32 39.73 -17.37
CA GLN D 287 -43.22 39.49 -18.30
C GLN D 287 -43.30 40.43 -19.49
N GLY D 288 -44.51 40.77 -19.92
CA GLY D 288 -44.66 41.71 -21.03
C GLY D 288 -44.22 43.11 -20.66
N PHE D 289 -44.51 43.53 -19.43
CA PHE D 289 -43.98 44.82 -18.99
C PHE D 289 -42.44 44.81 -19.04
N ARG D 290 -41.84 43.77 -18.48
CA ARG D 290 -40.37 43.69 -18.50
C ARG D 290 -39.84 43.72 -19.94
N ASP D 291 -40.47 42.95 -20.84
CA ASP D 291 -40.00 42.90 -22.21
C ASP D 291 -40.17 44.24 -22.92
N GLY D 292 -41.30 44.91 -22.69
CA GLY D 292 -41.56 46.19 -23.33
C GLY D 292 -40.69 47.31 -22.81
N LEU D 293 -40.07 47.13 -21.65
CA LEU D 293 -39.12 48.14 -21.18
C LEU D 293 -38.04 48.43 -22.22
N PHE D 294 -37.56 47.40 -22.91
CA PHE D 294 -36.37 47.52 -23.73
C PHE D 294 -36.68 47.28 -25.21
N VAL D 295 -35.80 47.80 -26.06
CA VAL D 295 -36.02 47.81 -27.50
C VAL D 295 -34.81 47.25 -28.23
N THR D 296 -33.92 46.57 -27.51
CA THR D 296 -32.68 46.12 -28.11
C THR D 296 -32.84 44.87 -28.97
N GLN D 297 -34.01 44.22 -28.93
CA GLN D 297 -34.26 43.04 -29.74
C GLN D 297 -35.29 43.29 -30.83
N ASP D 298 -35.57 44.55 -31.15
CA ASP D 298 -36.46 44.91 -32.24
C ASP D 298 -35.62 45.10 -33.50
N THR D 299 -35.87 44.27 -34.51
CA THR D 299 -35.14 44.33 -35.77
C THR D 299 -36.00 44.87 -36.91
N THR D 300 -37.00 45.69 -36.61
CA THR D 300 -37.87 46.28 -37.61
C THR D 300 -37.30 47.59 -38.17
N TRP D 301 -36.01 47.80 -38.03
CA TRP D 301 -35.36 49.01 -38.54
C TRP D 301 -34.74 48.77 -39.91
N GLY E 32 33.20 11.78 -4.88
CA GLY E 32 32.00 11.07 -5.26
C GLY E 32 32.01 10.60 -6.71
N GLY E 33 30.90 10.79 -7.39
CA GLY E 33 30.76 10.42 -8.79
C GLY E 33 29.48 9.67 -9.02
N GLU E 34 29.45 8.90 -10.11
CA GLU E 34 28.27 8.16 -10.51
C GLU E 34 28.31 6.74 -9.95
N LEU E 35 27.31 5.94 -10.33
CA LEU E 35 27.17 4.58 -9.82
C LEU E 35 27.78 3.61 -10.82
N THR E 36 29.10 3.52 -10.81
CA THR E 36 29.79 2.45 -11.51
C THR E 36 29.71 1.19 -10.65
N GLY E 37 30.40 0.13 -11.04
CA GLY E 37 30.40 -1.13 -10.32
C GLY E 37 31.74 -1.41 -9.68
N ALA E 38 31.71 -2.12 -8.56
CA ALA E 38 32.92 -2.60 -7.91
C ALA E 38 33.11 -4.05 -8.35
N LYS E 39 33.75 -4.22 -9.50
CA LYS E 39 33.90 -5.54 -10.09
C LYS E 39 34.91 -6.37 -9.31
N LEU E 40 34.78 -7.68 -9.43
CA LEU E 40 35.70 -8.64 -8.83
C LEU E 40 36.70 -9.14 -9.86
N SER E 41 37.81 -9.68 -9.36
CA SER E 41 38.84 -10.21 -10.24
C SER E 41 38.38 -11.52 -10.87
N SER E 42 38.51 -11.62 -12.19
CA SER E 42 38.01 -12.79 -12.89
C SER E 42 38.73 -14.05 -12.44
N TRP E 43 37.99 -15.16 -12.40
CA TRP E 43 38.52 -16.45 -11.99
C TRP E 43 38.66 -17.37 -13.20
N ASN E 44 39.46 -18.42 -13.03
CA ASN E 44 39.66 -19.44 -14.04
C ASN E 44 39.03 -20.74 -13.56
N GLU E 45 38.16 -21.32 -14.40
CA GLU E 45 37.43 -22.52 -14.02
C GLU E 45 38.11 -23.74 -14.60
N PRO E 46 38.72 -24.62 -13.78
CA PRO E 46 39.36 -25.83 -14.31
C PRO E 46 38.33 -26.90 -14.61
N SER E 47 38.17 -27.23 -15.88
CA SER E 47 37.25 -28.29 -16.27
C SER E 47 37.77 -29.64 -15.78
N PRO E 48 36.97 -30.40 -15.04
CA PRO E 48 37.49 -31.66 -14.48
C PRO E 48 37.76 -32.68 -15.57
N PHE E 49 38.77 -33.51 -15.31
CA PHE E 49 39.14 -34.58 -16.23
C PHE E 49 38.21 -35.77 -16.08
N GLY E 50 37.78 -36.33 -17.21
CA GLY E 50 36.89 -37.47 -17.19
C GLY E 50 35.44 -37.13 -16.93
N MET E 51 35.05 -35.86 -17.07
CA MET E 51 33.68 -35.43 -16.81
C MET E 51 33.11 -34.75 -18.04
N ILE E 52 31.78 -34.76 -18.12
CA ILE E 52 31.03 -34.02 -19.13
C ILE E 52 30.15 -33.01 -18.42
N GLN E 53 29.62 -32.06 -19.18
CA GLN E 53 28.81 -30.98 -18.64
C GLN E 53 27.35 -31.26 -18.91
N VAL E 54 26.55 -31.31 -17.85
CA VAL E 54 25.11 -31.51 -17.93
C VAL E 54 24.45 -30.14 -17.76
N PRO E 55 23.72 -29.64 -18.76
CA PRO E 55 23.15 -28.30 -18.67
C PRO E 55 22.00 -28.24 -17.68
N ARG E 56 21.72 -27.03 -17.23
CA ARG E 56 20.55 -26.79 -16.41
C ARG E 56 19.28 -27.06 -17.21
N GLY E 57 18.23 -27.47 -16.52
CA GLY E 57 16.99 -27.78 -17.21
C GLY E 57 15.92 -28.24 -16.25
N SER E 58 14.89 -28.85 -16.82
CA SER E 58 13.74 -29.32 -16.06
C SER E 58 13.34 -30.69 -16.57
N ILE E 59 12.72 -31.47 -15.68
CA ILE E 59 12.28 -32.82 -16.03
C ILE E 59 11.21 -33.25 -15.05
N VAL E 60 10.33 -34.15 -15.51
CA VAL E 60 9.31 -34.74 -14.65
C VAL E 60 9.89 -36.05 -14.11
N LEU E 61 10.37 -36.02 -12.88
CA LEU E 61 10.86 -37.23 -12.23
C LEU E 61 9.72 -38.21 -12.02
N GLY E 62 10.03 -39.50 -12.15
CA GLY E 62 9.03 -40.52 -11.96
C GLY E 62 8.38 -40.97 -13.25
N ASN E 63 7.51 -41.95 -13.11
CA ASN E 63 6.78 -42.53 -14.23
C ASN E 63 5.30 -42.18 -14.14
N LYS E 64 4.72 -41.77 -15.26
CA LYS E 64 3.31 -41.40 -15.26
C LYS E 64 2.40 -42.62 -15.17
N GLU E 65 2.81 -43.74 -15.74
CA GLU E 65 2.00 -44.95 -15.78
C GLU E 65 2.68 -46.06 -14.97
N ALA E 66 1.86 -46.80 -14.22
CA ALA E 66 2.36 -47.87 -13.36
C ALA E 66 2.28 -49.22 -14.06
N ASP E 67 2.94 -50.21 -13.45
CA ASP E 67 2.94 -51.56 -14.00
C ASP E 67 1.60 -52.25 -13.77
N SER E 68 1.00 -52.05 -12.61
CA SER E 68 -0.30 -52.62 -12.25
C SER E 68 -0.21 -54.11 -11.93
N LEU E 69 0.97 -54.70 -12.14
CA LEU E 69 1.26 -56.03 -11.62
C LEU E 69 2.32 -56.02 -10.55
N TRP E 70 3.12 -54.95 -10.46
CA TRP E 70 4.03 -54.74 -9.35
C TRP E 70 3.33 -54.11 -8.15
N GLY E 71 2.08 -53.67 -8.30
CA GLY E 71 1.33 -53.13 -7.18
C GLY E 71 1.98 -51.91 -6.56
N ILE E 72 2.58 -51.05 -7.36
CA ILE E 72 3.28 -49.86 -6.89
C ILE E 72 2.67 -48.64 -7.55
N PRO E 73 2.02 -47.75 -6.80
CA PRO E 73 1.40 -46.58 -7.42
C PRO E 73 2.43 -45.68 -8.10
N ALA E 74 1.99 -45.04 -9.18
CA ALA E 74 2.87 -44.16 -9.94
C ALA E 74 2.95 -42.79 -9.26
N GLU E 75 4.16 -42.32 -9.04
CA GLU E 75 4.41 -41.00 -8.45
C GLU E 75 5.31 -40.20 -9.38
N SER E 76 4.88 -38.99 -9.72
CA SER E 76 5.62 -38.12 -10.61
C SER E 76 5.68 -36.72 -10.04
N ARG E 77 6.75 -36.00 -10.38
CA ARG E 77 6.95 -34.65 -9.89
C ARG E 77 7.88 -33.87 -10.81
N PRO E 78 7.45 -32.73 -11.34
CA PRO E 78 8.35 -31.92 -12.17
C PRO E 78 9.28 -31.07 -11.31
N ILE E 79 10.55 -31.00 -11.73
CA ILE E 79 11.59 -30.29 -11.00
C ILE E 79 12.54 -29.65 -11.99
N SER E 80 13.39 -28.76 -11.47
CA SER E 80 14.43 -28.09 -12.23
C SER E 80 15.76 -28.22 -11.50
N VAL E 81 16.85 -28.34 -12.28
CA VAL E 81 18.19 -28.43 -11.72
C VAL E 81 19.13 -27.55 -12.53
N ASP E 82 20.25 -27.19 -11.90
CA ASP E 82 21.27 -26.39 -12.52
C ASP E 82 22.34 -27.26 -13.16
N ALA E 83 23.21 -26.65 -13.96
CA ALA E 83 24.25 -27.37 -14.66
C ALA E 83 25.28 -27.93 -13.69
N PHE E 84 25.86 -29.07 -14.06
CA PHE E 84 26.90 -29.67 -13.23
C PHE E 84 27.78 -30.57 -14.10
N TRP E 85 28.99 -30.81 -13.61
CA TRP E 85 29.88 -31.79 -14.22
C TRP E 85 29.56 -33.18 -13.67
N MET E 86 29.52 -34.17 -14.55
CA MET E 86 29.27 -35.55 -14.15
C MET E 86 30.29 -36.47 -14.78
N ASP E 87 30.75 -37.45 -14.01
CA ASP E 87 31.69 -38.44 -14.52
C ASP E 87 31.12 -39.15 -15.73
N ARG E 88 31.94 -39.30 -16.77
CA ARG E 88 31.50 -39.97 -17.99
C ARG E 88 31.11 -41.41 -17.71
N THR E 89 31.88 -42.11 -16.89
CA THR E 89 31.62 -43.50 -16.54
C THR E 89 31.58 -43.65 -15.03
N GLU E 90 31.22 -44.84 -14.58
CA GLU E 90 31.28 -45.16 -13.16
C GLU E 90 32.74 -45.27 -12.72
N ILE E 91 32.97 -45.05 -11.43
CA ILE E 91 34.32 -45.19 -10.88
C ILE E 91 34.81 -46.62 -11.10
N THR E 92 36.03 -46.76 -11.62
CA THR E 92 36.59 -48.05 -11.93
C THR E 92 37.45 -48.56 -10.77
N ASN E 93 37.95 -49.79 -10.91
CA ASN E 93 38.80 -50.37 -9.87
C ASN E 93 40.10 -49.60 -9.72
N ALA E 94 40.68 -49.14 -10.84
CA ALA E 94 41.94 -48.40 -10.76
C ALA E 94 41.75 -47.04 -10.13
N GLN E 95 40.65 -46.35 -10.45
CA GLN E 95 40.41 -45.03 -9.89
C GLN E 95 40.26 -45.09 -8.36
N TYR E 96 39.58 -46.12 -7.86
CA TYR E 96 39.47 -46.30 -6.42
C TYR E 96 40.76 -46.83 -5.81
N ARG E 97 41.52 -47.63 -6.55
CA ARG E 97 42.82 -48.08 -6.08
C ARG E 97 43.76 -46.91 -5.89
N GLN E 98 43.58 -45.84 -6.67
CA GLN E 98 44.37 -44.63 -6.44
C GLN E 98 44.11 -44.06 -5.04
N PHE E 99 42.84 -43.99 -4.64
CA PHE E 99 42.48 -43.56 -3.30
C PHE E 99 43.08 -44.47 -2.24
N VAL E 100 42.95 -45.79 -2.45
CA VAL E 100 43.48 -46.75 -1.49
C VAL E 100 44.98 -46.60 -1.35
N TYR E 101 45.69 -46.42 -2.47
CA TYR E 101 47.13 -46.29 -2.45
C TYR E 101 47.56 -44.99 -1.80
N TYR E 102 46.81 -43.91 -2.00
CA TYR E 102 47.11 -42.68 -1.29
C TYR E 102 47.00 -42.88 0.21
N VAL E 103 45.93 -43.55 0.66
CA VAL E 103 45.77 -43.80 2.10
C VAL E 103 46.93 -44.63 2.62
N ARG E 104 47.31 -45.67 1.87
CA ARG E 104 48.41 -46.53 2.28
C ARG E 104 49.71 -45.73 2.40
N ASP E 105 50.01 -44.90 1.39
CA ASP E 105 51.25 -44.13 1.42
C ASP E 105 51.25 -43.12 2.55
N SER E 106 50.12 -42.44 2.80
CA SER E 106 50.07 -41.49 3.89
C SER E 106 50.29 -42.17 5.23
N ILE E 107 49.65 -43.33 5.45
CA ILE E 107 49.84 -44.02 6.72
C ILE E 107 51.26 -44.52 6.87
N ILE E 108 51.87 -45.01 5.77
CA ILE E 108 53.24 -45.48 5.85
C ILE E 108 54.19 -44.35 6.17
N ARG E 109 53.99 -43.19 5.55
CA ARG E 109 54.84 -42.03 5.86
C ARG E 109 54.64 -41.57 7.30
N GLU E 110 53.39 -41.56 7.78
CA GLU E 110 53.15 -41.16 9.16
C GLU E 110 53.86 -42.11 10.12
N ARG E 111 53.90 -43.40 9.80
CA ARG E 111 54.59 -44.35 10.66
C ARG E 111 56.10 -44.24 10.55
N LEU E 112 56.63 -43.92 9.37
CA LEU E 112 58.07 -43.78 9.21
C LEU E 112 58.62 -42.69 10.12
N ALA E 113 57.99 -41.53 10.12
CA ALA E 113 58.37 -40.44 11.03
C ALA E 113 57.70 -40.58 12.38
N ASP E 114 57.83 -41.77 12.98
CA ASP E 114 57.23 -42.07 14.26
C ASP E 114 58.25 -42.82 15.11
N PRO E 115 58.33 -42.51 16.41
CA PRO E 115 59.28 -43.23 17.26
C PRO E 115 59.04 -44.72 17.33
N ALA E 116 57.77 -45.15 17.29
CA ALA E 116 57.46 -46.56 17.46
C ALA E 116 58.02 -47.40 16.32
N TYR E 117 57.86 -46.94 15.07
CA TYR E 117 58.27 -47.73 13.91
C TYR E 117 59.60 -47.26 13.35
N GLY E 118 59.69 -46.00 12.97
CA GLY E 118 60.92 -45.45 12.42
C GLY E 118 61.55 -44.40 13.32
N GLY E 119 61.34 -43.13 12.98
CA GLY E 119 61.92 -42.04 13.72
C GLY E 119 62.49 -40.98 12.81
N ASN E 120 62.58 -41.29 11.51
CA ASN E 120 63.13 -40.37 10.54
C ASN E 120 62.19 -39.18 10.40
N GLU E 121 62.59 -38.05 10.99
CA GLU E 121 61.75 -36.86 10.97
C GLU E 121 61.67 -36.20 9.60
N GLU E 122 62.50 -36.63 8.65
CA GLU E 122 62.44 -36.06 7.31
C GLU E 122 61.10 -36.34 6.63
N TYR E 123 60.33 -37.30 7.13
CA TYR E 123 59.03 -37.65 6.58
C TYR E 123 57.91 -36.77 7.13
N LYS E 124 58.17 -35.93 8.12
CA LYS E 124 57.15 -35.05 8.71
C LYS E 124 57.76 -33.67 8.91
N ILE E 125 57.47 -32.76 7.98
CA ILE E 125 57.97 -31.39 8.08
C ILE E 125 57.25 -30.69 9.23
N THR E 126 58.03 -30.00 10.07
CA THR E 126 57.48 -29.26 11.20
C THR E 126 58.07 -27.87 11.33
N GLU E 127 58.86 -27.42 10.36
CA GLU E 127 59.47 -26.10 10.43
C GLU E 127 59.75 -25.61 9.02
N ASN E 128 59.91 -24.29 8.89
CA ASN E 128 60.28 -23.68 7.63
C ASN E 128 61.79 -23.69 7.45
N LYS E 129 62.23 -23.34 6.25
CA LYS E 129 63.66 -23.18 6.02
C LYS E 129 64.26 -22.12 6.94
N PHE E 130 63.48 -21.10 7.28
CA PHE E 130 63.92 -20.04 8.17
C PHE E 130 63.81 -20.43 9.65
N GLY E 131 63.24 -21.58 9.95
CA GLY E 131 63.07 -22.03 11.32
C GLY E 131 61.75 -21.66 11.97
N GLU E 132 60.82 -21.10 11.21
CA GLU E 132 59.52 -20.74 11.77
C GLU E 132 58.70 -22.00 12.02
N PRO E 133 58.27 -22.27 13.25
CA PRO E 133 57.39 -23.42 13.48
C PRO E 133 56.13 -23.32 12.63
N VAL E 134 55.74 -24.45 12.03
CA VAL E 134 54.62 -24.51 11.12
C VAL E 134 53.79 -25.76 11.42
N THR E 135 52.63 -25.84 10.79
CA THR E 135 51.75 -26.98 11.00
C THR E 135 52.47 -28.27 10.59
N PRO E 136 52.49 -29.29 11.45
CA PRO E 136 53.16 -30.54 11.09
C PRO E 136 52.42 -31.23 9.95
N HIS E 137 53.16 -31.56 8.88
CA HIS E 137 52.57 -32.20 7.72
C HIS E 137 53.60 -33.11 7.07
N LEU E 138 53.11 -34.07 6.30
CA LEU E 138 53.99 -35.00 5.62
C LEU E 138 54.73 -34.33 4.49
N ASP E 139 55.92 -34.84 4.18
CA ASP E 139 56.75 -34.37 3.08
C ASP E 139 56.70 -35.43 1.98
N TRP E 140 55.76 -35.27 1.05
CA TRP E 140 55.60 -36.25 -0.03
C TRP E 140 56.71 -36.18 -1.06
N SER E 141 57.59 -35.18 -0.99
CA SER E 141 58.66 -35.06 -1.97
C SER E 141 59.62 -36.24 -1.89
N LYS E 142 59.98 -36.66 -0.68
CA LYS E 142 60.94 -37.74 -0.52
C LYS E 142 60.26 -39.09 -0.76
N PRO E 143 60.82 -39.95 -1.60
CA PRO E 143 60.18 -41.23 -1.88
C PRO E 143 60.21 -42.15 -0.67
N ILE E 144 59.22 -43.03 -0.60
CA ILE E 144 59.19 -44.05 0.47
C ILE E 144 60.26 -45.09 0.19
N PRO E 145 60.94 -45.61 1.21
CA PRO E 145 62.03 -46.55 0.96
C PRO E 145 61.51 -47.83 0.29
N SER E 146 62.31 -48.35 -0.64
CA SER E 146 61.98 -49.62 -1.26
C SER E 146 62.16 -50.76 -0.26
N GLU E 147 61.39 -51.82 -0.45
CA GLU E 147 61.43 -52.95 0.49
C GLU E 147 62.82 -53.56 0.53
N LYS E 148 63.50 -53.64 -0.62
CA LYS E 148 64.85 -54.20 -0.64
C LYS E 148 65.89 -53.21 -0.11
N ARG E 149 65.68 -51.91 -0.34
CA ARG E 149 66.65 -50.89 0.02
C ARG E 149 66.35 -50.20 1.35
N ALA E 150 65.31 -50.62 2.06
CA ALA E 150 64.91 -49.98 3.30
C ALA E 150 65.47 -50.73 4.50
N THR E 151 65.74 -49.99 5.56
CA THR E 151 66.35 -50.55 6.75
C THR E 151 65.31 -51.36 7.53
N GLU E 152 65.72 -51.87 8.69
CA GLU E 152 64.85 -52.73 9.48
C GLU E 152 63.62 -51.97 9.98
N GLU E 153 63.83 -50.77 10.54
CA GLU E 153 62.72 -49.98 11.03
C GLU E 153 61.79 -49.57 9.90
N GLU E 154 62.36 -49.19 8.76
CA GLU E 154 61.54 -48.83 7.61
C GLU E 154 60.72 -50.02 7.13
N ILE E 155 61.33 -51.22 7.11
CA ILE E 155 60.60 -52.41 6.71
C ILE E 155 59.45 -52.68 7.67
N ALA E 156 59.70 -52.52 8.98
CA ALA E 156 58.62 -52.73 9.95
C ALA E 156 57.50 -51.72 9.74
N ALA E 157 57.85 -50.46 9.51
CA ALA E 157 56.83 -49.44 9.29
C ALA E 157 56.00 -49.75 8.05
N ILE E 158 56.66 -50.19 6.98
CA ILE E 158 55.93 -50.55 5.75
C ILE E 158 55.02 -51.74 6.01
N ASN E 159 55.54 -52.76 6.69
CA ASN E 159 54.77 -53.97 6.94
C ASN E 159 53.60 -53.76 7.90
N SER E 160 53.65 -52.68 8.69
CA SER E 160 52.57 -52.44 9.65
C SER E 160 51.21 -52.34 8.97
N VAL E 161 51.17 -51.95 7.70
CA VAL E 161 49.91 -51.75 6.98
C VAL E 161 49.54 -52.97 6.14
N TYR E 162 50.24 -54.09 6.30
CA TYR E 162 49.96 -55.31 5.57
C TYR E 162 49.59 -56.43 6.54
N TYR E 163 48.86 -57.40 6.01
CA TYR E 163 48.45 -58.59 6.74
C TYR E 163 48.74 -59.80 5.87
N THR E 164 49.37 -60.81 6.46
CA THR E 164 49.71 -62.04 5.76
C THR E 164 48.89 -63.18 6.34
N ASN E 165 48.19 -63.91 5.47
CA ASN E 165 47.43 -65.06 5.92
C ASN E 165 48.37 -66.10 6.50
N PRO E 166 48.16 -66.55 7.74
CA PRO E 166 49.07 -67.56 8.31
C PRO E 166 49.04 -68.88 7.56
N VAL E 167 48.01 -69.14 6.76
CA VAL E 167 47.88 -70.40 6.04
C VAL E 167 48.38 -70.22 4.61
N THR E 168 47.76 -69.31 3.87
CA THR E 168 48.08 -69.14 2.45
C THR E 168 49.30 -68.25 2.21
N HIS E 169 49.77 -67.54 3.24
CA HIS E 169 50.98 -66.71 3.12
C HIS E 169 50.82 -65.64 2.05
N ASP E 170 49.61 -65.11 1.91
CA ASP E 170 49.33 -64.04 0.96
C ASP E 170 49.35 -62.70 1.69
N ARG E 171 50.16 -61.78 1.18
CA ARG E 171 50.31 -60.46 1.77
C ARG E 171 49.35 -59.48 1.10
N LYS E 172 48.39 -58.97 1.86
CA LYS E 172 47.43 -58.01 1.34
C LYS E 172 47.29 -56.84 2.30
N LEU E 173 46.91 -55.69 1.77
CA LEU E 173 46.69 -54.52 2.62
C LEU E 173 45.67 -54.86 3.70
N ASN E 174 46.00 -54.52 4.94
CA ASN E 174 45.11 -54.82 6.04
C ASN E 174 43.91 -53.89 6.01
N PRO E 175 42.69 -54.41 5.82
CA PRO E 175 41.52 -53.50 5.75
C PRO E 175 41.31 -52.71 7.01
N ASP E 176 41.61 -53.27 8.19
CA ASP E 176 41.46 -52.54 9.44
C ASP E 176 42.40 -51.36 9.55
N GLN E 177 43.46 -51.32 8.73
CA GLN E 177 44.41 -50.22 8.74
C GLN E 177 44.14 -49.16 7.69
N MET E 178 43.34 -49.48 6.67
CA MET E 178 43.07 -48.56 5.57
C MET E 178 41.91 -47.66 5.96
N VAL E 179 42.22 -46.63 6.73
CA VAL E 179 41.23 -45.68 7.25
C VAL E 179 41.59 -44.29 6.79
N TYR E 180 40.62 -43.57 6.25
CA TYR E 180 40.78 -42.21 5.78
C TYR E 180 40.09 -41.26 6.76
N ARG E 181 40.78 -40.20 7.14
CA ARG E 181 40.24 -39.17 8.01
C ARG E 181 39.95 -37.92 7.21
N TYR E 182 38.80 -37.29 7.50
CA TYR E 182 38.46 -36.07 6.77
C TYR E 182 37.34 -35.33 7.51
N GLU E 183 37.30 -34.02 7.27
CA GLU E 183 36.32 -33.14 7.89
C GLU E 183 35.53 -32.40 6.82
N VAL E 184 34.27 -32.12 7.15
CA VAL E 184 33.36 -31.40 6.25
C VAL E 184 32.62 -30.35 7.05
N TYR E 185 32.50 -29.15 6.48
CA TYR E 185 31.78 -28.05 7.11
C TYR E 185 30.36 -28.00 6.56
N ASP E 186 29.38 -27.96 7.45
CA ASP E 186 27.96 -27.92 7.08
C ASP E 186 27.58 -26.46 6.78
N TYR E 187 27.79 -26.06 5.53
CA TYR E 187 27.45 -24.69 5.12
C TYR E 187 25.95 -24.44 5.20
N ARG E 188 25.13 -25.40 4.75
CA ARG E 188 23.69 -25.19 4.75
C ARG E 188 23.13 -25.11 6.16
N SER E 189 23.65 -25.93 7.08
CA SER E 189 23.20 -25.87 8.47
C SER E 189 23.66 -24.58 9.14
N ALA E 190 24.87 -24.11 8.81
CA ALA E 190 25.38 -22.89 9.41
C ALA E 190 24.59 -21.66 8.94
N ALA E 191 24.01 -21.72 7.74
CA ALA E 191 23.27 -20.59 7.20
C ALA E 191 21.83 -20.54 7.69
N LEU E 192 21.35 -21.57 8.39
CA LEU E 192 19.98 -21.59 8.85
C LEU E 192 19.72 -20.43 9.81
N ARG E 193 18.55 -19.82 9.69
CA ARG E 193 18.20 -18.71 10.58
C ARG E 193 18.15 -19.16 12.03
N GLU E 194 17.65 -20.37 12.27
CA GLU E 194 17.61 -20.90 13.64
C GLU E 194 19.00 -21.13 14.21
N HIS E 195 20.02 -21.25 13.36
CA HIS E 195 21.37 -21.59 13.80
C HIS E 195 22.29 -20.37 13.82
N GLN E 196 21.73 -19.16 13.78
CA GLN E 196 22.56 -17.96 13.90
C GLN E 196 23.27 -17.96 15.25
N LEU E 197 24.53 -17.51 15.24
CA LEU E 197 25.32 -17.51 16.47
C LEU E 197 24.88 -16.42 17.44
N LYS E 198 24.04 -15.49 17.01
CA LYS E 198 23.46 -14.48 17.88
C LYS E 198 21.96 -14.74 18.01
N ALA E 199 21.47 -14.75 19.24
CA ALA E 199 20.06 -15.04 19.46
C ALA E 199 19.17 -14.00 18.80
N ALA E 200 19.54 -12.73 18.91
CA ALA E 200 18.71 -11.67 18.34
C ALA E 200 18.55 -11.81 16.83
N LYS E 201 19.50 -12.47 16.18
CA LYS E 201 19.45 -12.66 14.73
C LYS E 201 18.71 -13.92 14.32
N ARG E 202 18.13 -14.65 15.27
CA ARG E 202 17.42 -15.89 14.96
C ARG E 202 15.95 -15.69 14.65
N ASN E 203 15.43 -14.47 14.83
CA ASN E 203 14.02 -14.20 14.56
C ASN E 203 13.89 -12.75 14.14
N LEU E 204 13.40 -12.51 12.93
CA LEU E 204 13.26 -11.16 12.40
C LEU E 204 11.95 -10.50 12.79
N ASN E 205 10.97 -11.25 13.29
CA ASN E 205 9.71 -10.67 13.73
C ASN E 205 9.96 -9.83 14.97
N THR E 206 9.76 -8.51 14.87
CA THR E 206 10.03 -7.61 15.98
C THR E 206 9.02 -7.74 17.11
N ASP E 207 7.90 -8.43 16.89
CA ASP E 207 6.95 -8.67 17.96
C ASP E 207 7.45 -9.68 18.98
N ILE E 208 8.43 -10.50 18.61
CA ILE E 208 8.94 -11.57 19.46
C ILE E 208 10.23 -11.12 20.11
N LYS E 209 10.32 -11.29 21.42
CA LYS E 209 11.50 -10.92 22.18
C LYS E 209 12.48 -12.09 22.25
N VAL E 210 13.76 -11.76 22.40
CA VAL E 210 14.81 -12.77 22.49
C VAL E 210 14.90 -13.25 23.93
N ASP E 211 14.73 -14.55 24.12
CA ASP E 211 14.77 -15.13 25.47
C ASP E 211 16.18 -15.61 25.77
N PRO E 212 16.85 -15.07 26.78
CA PRO E 212 18.21 -15.54 27.09
C PRO E 212 18.28 -17.02 27.43
N ASN E 213 17.24 -17.56 28.07
CA ASN E 213 17.24 -18.97 28.47
C ASN E 213 17.07 -19.92 27.29
N ALA E 214 16.78 -19.40 26.10
CA ALA E 214 16.59 -20.27 24.95
C ALA E 214 17.93 -20.81 24.45
N VAL E 215 18.04 -22.12 24.34
CA VAL E 215 19.23 -22.78 23.85
C VAL E 215 18.85 -23.63 22.64
N VAL E 216 19.70 -23.59 21.62
CA VAL E 216 19.50 -24.38 20.40
C VAL E 216 20.45 -25.58 20.48
N MET E 217 19.88 -26.78 20.46
CA MET E 217 20.66 -28.00 20.48
C MET E 217 21.08 -28.36 19.05
N ILE E 218 22.37 -28.65 18.87
CA ILE E 218 22.91 -29.03 17.58
C ILE E 218 23.66 -30.34 17.73
N SER E 219 23.71 -31.10 16.64
CA SER E 219 24.40 -32.37 16.59
C SER E 219 25.51 -32.32 15.55
N LYS E 220 26.64 -32.96 15.86
CA LYS E 220 27.75 -33.04 14.93
C LYS E 220 28.42 -34.39 15.08
N ASP E 221 29.20 -34.77 14.07
CA ASP E 221 29.92 -36.03 14.08
C ASP E 221 31.38 -35.78 14.39
N THR E 222 31.95 -36.56 15.31
CA THR E 222 33.38 -36.50 15.58
C THR E 222 33.93 -37.92 15.63
N ALA E 223 35.21 -38.03 15.33
CA ALA E 223 35.91 -39.31 15.35
C ALA E 223 37.36 -39.08 15.72
N PHE E 224 37.95 -40.05 16.40
CA PHE E 224 39.35 -39.96 16.79
C PHE E 224 39.89 -41.36 17.02
N VAL E 225 41.19 -41.43 17.32
CA VAL E 225 41.88 -42.69 17.59
C VAL E 225 42.38 -42.63 19.03
N ASP E 226 41.88 -43.55 19.86
CA ASP E 226 42.32 -43.61 21.24
C ASP E 226 43.73 -44.21 21.32
N GLU E 227 44.32 -44.14 22.51
CA GLU E 227 45.65 -44.69 22.72
C GLU E 227 45.72 -46.16 22.32
N SER E 228 44.62 -46.90 22.50
CA SER E 228 44.59 -48.32 22.14
C SER E 228 44.64 -48.53 20.63
N GLY E 229 44.45 -47.50 19.82
CA GLY E 229 44.48 -47.62 18.39
C GLY E 229 43.15 -47.90 17.73
N ASN E 230 42.06 -47.92 18.49
CA ASN E 230 40.73 -48.13 17.93
C ASN E 230 40.10 -46.80 17.52
N ILE E 231 39.20 -46.87 16.56
CA ILE E 231 38.50 -45.70 16.06
C ILE E 231 37.25 -45.49 16.89
N ILE E 232 37.13 -44.31 17.50
CA ILE E 232 35.97 -43.93 18.28
C ILE E 232 35.22 -42.85 17.50
N SER E 233 33.99 -43.16 17.12
CA SER E 233 33.11 -42.23 16.42
C SER E 233 31.88 -41.97 17.27
N GLU E 234 31.42 -40.72 17.29
CA GLU E 234 30.23 -40.41 18.06
C GLU E 234 29.55 -39.16 17.50
N THR E 235 28.29 -39.00 17.88
CA THR E 235 27.50 -37.82 17.57
C THR E 235 27.33 -36.99 18.83
N ILE E 236 27.92 -35.80 18.84
CA ILE E 236 27.85 -34.89 19.97
C ILE E 236 26.65 -33.97 19.79
N THR E 237 25.79 -33.93 20.81
CA THR E 237 24.65 -33.02 20.85
C THR E 237 24.87 -32.03 21.98
N ARG E 238 24.96 -30.75 21.63
CA ARG E 238 25.29 -29.72 22.61
C ARG E 238 24.64 -28.42 22.19
N PRO E 239 24.54 -27.45 23.10
CA PRO E 239 23.99 -26.14 22.71
C PRO E 239 24.88 -25.45 21.69
N LEU E 240 24.24 -24.70 20.80
CA LEU E 240 24.96 -24.00 19.74
C LEU E 240 25.74 -22.84 20.32
N SER E 241 27.06 -22.87 20.18
CA SER E 241 27.91 -21.81 20.72
C SER E 241 28.98 -21.28 19.77
N SER E 242 29.38 -22.04 18.75
CA SER E 242 30.49 -21.63 17.90
C SER E 242 30.34 -22.27 16.53
N GLU E 243 31.27 -21.92 15.63
CA GLU E 243 31.28 -22.47 14.28
C GLU E 243 31.68 -23.94 14.26
N TYR E 244 32.43 -24.39 15.26
CA TYR E 244 32.84 -25.79 15.32
C TYR E 244 31.64 -26.72 15.48
N ASP E 245 30.48 -26.18 15.84
CA ASP E 245 29.26 -26.97 15.89
C ASP E 245 28.83 -27.46 14.51
N PHE E 246 29.38 -26.89 13.43
CA PHE E 246 28.99 -27.26 12.08
C PHE E 246 30.09 -28.04 11.36
N LEU E 247 31.10 -28.51 12.07
CA LEU E 247 32.17 -29.31 11.49
C LEU E 247 31.97 -30.77 11.86
N ASN E 248 31.96 -31.64 10.86
CA ASN E 248 31.81 -33.07 11.05
C ASN E 248 33.11 -33.77 10.68
N THR E 249 33.57 -34.67 11.54
CA THR E 249 34.82 -35.40 11.33
C THR E 249 34.52 -36.88 11.21
N TYR E 250 35.14 -37.53 10.22
CA TYR E 250 34.94 -38.94 9.99
C TYR E 250 36.29 -39.63 9.79
N ILE E 251 36.40 -40.84 10.35
CA ILE E 251 37.47 -41.77 10.04
C ILE E 251 36.80 -43.04 9.55
N VAL E 252 36.99 -43.36 8.28
CA VAL E 252 36.24 -44.40 7.59
C VAL E 252 37.22 -45.41 7.02
N PRO E 253 37.06 -46.70 7.32
CA PRO E 253 37.84 -47.72 6.58
C PRO E 253 37.35 -47.81 5.15
N ILE E 254 38.26 -47.59 4.20
CA ILE E 254 37.89 -47.36 2.81
C ILE E 254 38.28 -48.49 1.88
N TYR E 255 38.81 -49.59 2.41
CA TYR E 255 39.16 -50.70 1.54
C TYR E 255 37.89 -51.41 1.06
N PRO E 256 37.77 -51.74 -0.22
CA PRO E 256 36.53 -52.34 -0.72
C PRO E 256 36.21 -53.64 0.00
N ASP E 257 34.93 -53.90 0.18
CA ASP E 257 34.43 -55.14 0.79
C ASP E 257 34.31 -56.18 -0.31
N GLU E 258 35.41 -56.90 -0.57
CA GLU E 258 35.43 -57.85 -1.66
C GLU E 258 34.61 -59.10 -1.38
N THR E 259 34.22 -59.32 -0.12
CA THR E 259 33.44 -60.51 0.22
C THR E 259 31.99 -60.42 -0.22
N CYS E 260 31.54 -59.26 -0.71
CA CYS E 260 30.15 -59.13 -1.17
C CYS E 260 29.80 -60.22 -2.16
N TRP E 261 30.70 -60.52 -3.10
CA TRP E 261 30.44 -61.55 -4.09
C TRP E 261 30.00 -62.85 -3.42
N VAL E 262 30.64 -63.22 -2.32
CA VAL E 262 30.26 -64.45 -1.62
C VAL E 262 28.94 -64.26 -0.88
N ASN E 263 28.76 -63.11 -0.23
CA ASN E 263 27.61 -62.93 0.65
C ASN E 263 26.33 -62.63 -0.11
N ASP E 264 26.42 -61.94 -1.25
CA ASP E 264 25.23 -61.60 -2.01
C ASP E 264 24.60 -62.83 -2.65
N PHE E 265 25.40 -63.83 -3.00
CA PHE E 265 24.94 -64.98 -3.78
C PHE E 265 25.26 -66.28 -3.07
N PRO E 266 24.35 -66.78 -2.26
CA PRO E 266 24.54 -68.12 -1.67
C PRO E 266 24.37 -69.20 -2.72
N ASN E 267 25.06 -70.33 -2.48
CA ASN E 267 24.98 -71.49 -3.36
C ASN E 267 25.43 -71.16 -4.78
N ALA E 268 26.45 -70.32 -4.89
CA ALA E 268 27.04 -69.95 -6.17
C ALA E 268 28.55 -69.95 -6.05
N ARG E 269 29.22 -70.21 -7.16
CA ARG E 269 30.68 -70.20 -7.22
C ARG E 269 31.14 -68.80 -7.59
N THR E 270 31.06 -67.90 -6.60
CA THR E 270 31.39 -66.49 -6.81
C THR E 270 32.59 -66.04 -5.99
N GLU E 271 33.32 -66.96 -5.36
CA GLU E 271 34.51 -66.60 -4.61
C GLU E 271 35.66 -66.21 -5.52
N ILE E 272 35.66 -66.65 -6.77
CA ILE E 272 36.70 -66.24 -7.71
C ILE E 272 36.70 -64.73 -7.87
N TYR E 273 35.52 -64.12 -7.93
CA TYR E 273 35.43 -62.68 -8.05
C TYR E 273 35.81 -61.99 -6.73
N THR E 274 35.48 -62.62 -5.61
CA THR E 274 35.93 -62.11 -4.32
C THR E 274 37.45 -62.11 -4.23
N ARG E 275 38.11 -63.01 -4.96
CA ARG E 275 39.56 -63.09 -4.92
C ARG E 275 40.25 -62.21 -5.96
N MET E 276 39.63 -61.99 -7.12
CA MET E 276 40.35 -61.40 -8.25
C MET E 276 39.73 -60.15 -8.85
N TYR E 277 38.51 -59.76 -8.46
CA TYR E 277 37.85 -58.66 -9.16
C TYR E 277 38.58 -57.34 -8.93
N PHE E 278 38.87 -57.01 -7.67
CA PHE E 278 39.56 -55.77 -7.34
C PHE E 278 41.07 -55.91 -7.40
N ASN E 279 41.59 -57.10 -7.69
CA ASN E 279 43.02 -57.35 -7.65
C ASN E 279 43.61 -57.82 -8.98
N HIS E 280 42.81 -57.86 -10.04
CA HIS E 280 43.33 -58.33 -11.31
C HIS E 280 43.50 -57.17 -12.29
N PRO E 281 44.61 -57.11 -13.03
CA PRO E 281 44.78 -56.03 -14.01
C PRO E 281 43.76 -56.04 -15.12
N GLY E 282 43.16 -57.20 -15.41
CA GLY E 282 42.15 -57.26 -16.45
C GLY E 282 40.86 -56.60 -16.06
N TYR E 283 40.59 -56.49 -14.77
CA TYR E 283 39.40 -55.83 -14.25
C TYR E 283 39.65 -54.36 -13.90
N ASP E 284 40.76 -53.79 -14.37
CA ASP E 284 41.14 -52.45 -13.95
C ASP E 284 40.10 -51.42 -14.38
N ASP E 285 39.57 -51.56 -15.59
CA ASP E 285 38.62 -50.60 -16.13
C ASP E 285 37.17 -50.98 -15.87
N TYR E 286 36.94 -51.95 -15.04
CA TYR E 286 35.60 -52.33 -14.63
C TYR E 286 35.17 -51.49 -13.43
N PRO E 287 33.86 -51.26 -13.27
CA PRO E 287 33.41 -50.45 -12.13
C PRO E 287 33.72 -51.13 -10.81
N VAL E 288 34.04 -50.31 -9.81
CA VAL E 288 34.35 -50.80 -8.48
C VAL E 288 33.05 -51.12 -7.74
N VAL E 289 33.03 -52.27 -7.06
CA VAL E 289 31.88 -52.68 -6.26
C VAL E 289 32.32 -52.91 -4.83
N GLY E 290 31.39 -53.28 -3.97
CA GLY E 290 31.70 -53.47 -2.57
C GLY E 290 32.00 -52.19 -1.82
N ILE E 291 31.61 -51.05 -2.39
CA ILE E 291 31.86 -49.74 -1.81
C ILE E 291 30.57 -49.26 -1.16
N SER E 292 30.65 -48.88 0.11
CA SER E 292 29.47 -48.41 0.82
C SER E 292 29.30 -46.90 0.61
N TRP E 293 28.15 -46.39 1.07
CA TRP E 293 27.85 -44.97 0.92
C TRP E 293 28.90 -44.11 1.64
N GLU E 294 29.29 -44.52 2.85
CA GLU E 294 30.30 -43.78 3.59
C GLU E 294 31.64 -43.80 2.88
N GLN E 295 32.02 -44.95 2.31
CA GLN E 295 33.29 -45.04 1.59
C GLN E 295 33.26 -44.17 0.34
N ALA E 296 32.10 -44.11 -0.34
CA ALA E 296 31.97 -43.24 -1.50
C ALA E 296 32.11 -41.78 -1.11
N GLN E 297 31.51 -41.39 0.02
CA GLN E 297 31.67 -40.01 0.48
C GLN E 297 33.13 -39.71 0.82
N ALA E 298 33.81 -40.66 1.46
CA ALA E 298 35.23 -40.47 1.77
C ALA E 298 36.05 -40.34 0.49
N PHE E 299 35.74 -41.14 -0.53
CA PHE E 299 36.45 -41.03 -1.80
C PHE E 299 36.21 -39.67 -2.44
N CYS E 300 34.97 -39.16 -2.39
CA CYS E 300 34.69 -37.85 -2.95
C CYS E 300 35.44 -36.76 -2.21
N ALA E 301 35.50 -36.85 -0.88
CA ALA E 301 36.27 -35.87 -0.11
C ALA E 301 37.74 -35.92 -0.47
N TRP E 302 38.31 -37.12 -0.61
CA TRP E 302 39.71 -37.24 -0.99
C TRP E 302 39.94 -36.68 -2.39
N ARG E 303 39.01 -36.92 -3.30
CA ARG E 303 39.14 -36.38 -4.65
C ARG E 303 39.13 -34.86 -4.65
N SER E 304 38.24 -34.26 -3.85
CA SER E 304 38.20 -32.81 -3.72
C SER E 304 39.52 -32.28 -3.16
N GLU E 305 40.03 -32.93 -2.11
CA GLU E 305 41.29 -32.50 -1.51
C GLU E 305 42.43 -32.60 -2.52
N PHE E 306 42.49 -33.70 -3.26
CA PHE E 306 43.51 -33.88 -4.29
C PHE E 306 43.43 -32.78 -5.34
N PHE E 307 42.22 -32.53 -5.85
CA PHE E 307 42.05 -31.52 -6.89
C PHE E 307 42.48 -30.14 -6.39
N ARG E 308 42.08 -29.77 -5.17
CA ARG E 308 42.49 -28.48 -4.63
C ARG E 308 44.00 -28.42 -4.46
N LYS E 309 44.61 -29.51 -3.99
CA LYS E 309 46.06 -29.54 -3.86
C LYS E 309 46.77 -29.38 -5.18
N GLY E 310 46.15 -29.80 -6.29
CA GLY E 310 46.81 -29.72 -7.57
C GLY E 310 46.38 -28.57 -8.47
N ILE E 311 46.16 -27.39 -7.91
CA ILE E 311 45.73 -26.23 -8.69
C ILE E 311 46.11 -24.96 -7.95
N ARG E 312 46.32 -23.90 -8.72
CA ARG E 312 46.55 -22.55 -8.19
C ARG E 312 45.31 -21.71 -8.44
N LEU E 313 44.84 -21.01 -7.41
CA LEU E 313 43.59 -20.27 -7.50
C LEU E 313 43.81 -18.78 -7.27
N PRO E 314 43.23 -17.92 -8.09
CA PRO E 314 43.29 -16.48 -7.81
C PRO E 314 42.63 -16.14 -6.48
N GLU E 315 43.08 -15.04 -5.88
CA GLU E 315 42.58 -14.62 -4.58
C GLU E 315 41.07 -14.54 -4.57
N GLY E 316 40.45 -15.13 -3.55
CA GLY E 316 39.01 -15.13 -3.40
C GLY E 316 38.29 -16.26 -4.10
N GLN E 317 38.97 -17.02 -4.96
CA GLN E 317 38.31 -18.08 -5.70
C GLN E 317 37.75 -19.13 -4.75
N ILE E 318 36.52 -19.56 -5.01
CA ILE E 318 35.85 -20.60 -4.23
C ILE E 318 35.39 -21.68 -5.20
N MET E 319 35.71 -22.93 -4.87
CA MET E 319 35.36 -24.08 -5.69
C MET E 319 34.43 -25.01 -4.92
N ASP E 320 33.62 -25.75 -5.65
CA ASP E 320 32.72 -26.75 -5.08
C ASP E 320 33.36 -28.13 -5.15
N ASP E 321 33.20 -28.90 -4.08
CA ASP E 321 33.84 -30.19 -3.98
C ASP E 321 33.11 -31.25 -4.80
N PHE E 322 33.82 -32.33 -5.12
CA PHE E 322 33.21 -33.50 -5.71
C PHE E 322 32.24 -34.14 -4.71
N ARG E 323 31.12 -34.66 -5.23
CA ARG E 323 30.10 -35.24 -4.37
C ARG E 323 29.33 -36.30 -5.14
N LEU E 324 28.59 -37.12 -4.40
CA LEU E 324 27.61 -37.98 -5.02
C LEU E 324 26.45 -37.15 -5.56
N PRO E 325 25.88 -37.55 -6.70
CA PRO E 325 24.74 -36.81 -7.24
C PRO E 325 23.50 -36.99 -6.38
N THR E 326 22.64 -35.98 -6.40
CA THR E 326 21.30 -36.18 -5.86
C THR E 326 20.51 -37.08 -6.82
N GLU E 327 19.48 -37.73 -6.28
CA GLU E 327 18.70 -38.63 -7.12
C GLU E 327 17.97 -37.86 -8.21
N ALA E 328 17.55 -36.63 -7.93
CA ALA E 328 16.96 -35.78 -8.97
C ALA E 328 17.98 -35.47 -10.06
N GLU E 329 19.20 -35.11 -9.66
CA GLU E 329 20.25 -34.85 -10.65
C GLU E 329 20.54 -36.10 -11.46
N TRP E 330 20.62 -37.25 -10.81
CA TRP E 330 20.91 -38.49 -11.51
C TRP E 330 19.82 -38.81 -12.51
N GLU E 331 18.56 -38.70 -12.10
CA GLU E 331 17.48 -39.01 -13.03
C GLU E 331 17.46 -38.04 -14.20
N TYR E 332 17.70 -36.75 -13.93
CA TYR E 332 17.71 -35.76 -15.00
C TYR E 332 18.83 -36.04 -16.00
N ALA E 333 20.02 -36.40 -15.50
CA ALA E 333 21.13 -36.67 -16.39
C ALA E 333 20.94 -37.97 -17.17
N ALA E 334 20.38 -38.99 -16.53
CA ALA E 334 20.21 -40.29 -17.18
C ALA E 334 19.25 -40.21 -18.36
N ARG E 335 18.17 -39.43 -18.21
CA ARG E 335 17.16 -39.32 -19.24
C ARG E 335 17.41 -38.15 -20.18
N MET E 336 18.59 -37.53 -20.12
CA MET E 336 18.97 -36.46 -21.04
C MET E 336 18.05 -35.25 -20.93
N GLY E 337 17.50 -35.02 -19.74
CA GLY E 337 16.64 -33.88 -19.50
C GLY E 337 15.35 -33.90 -20.31
N ASP E 338 14.94 -35.06 -20.80
CA ASP E 338 13.72 -35.21 -21.57
C ASP E 338 12.76 -36.13 -20.81
N SER E 339 11.52 -35.68 -20.63
CA SER E 339 10.53 -36.48 -19.93
C SER E 339 9.93 -37.58 -20.79
N ASN E 340 10.21 -37.60 -22.09
CA ASN E 340 9.71 -38.64 -22.96
C ASN E 340 10.55 -39.92 -22.91
N ASN E 341 11.67 -39.90 -22.19
CA ASN E 341 12.58 -41.04 -22.13
C ASN E 341 12.34 -41.83 -20.86
N LYS E 342 12.18 -43.14 -21.00
CA LYS E 342 12.16 -44.02 -19.84
C LYS E 342 13.53 -44.62 -19.54
N TYR E 343 14.42 -44.63 -20.52
CA TYR E 343 15.76 -45.18 -20.37
C TYR E 343 16.77 -44.14 -20.81
N PRO E 344 18.07 -44.41 -20.67
CA PRO E 344 19.07 -43.46 -21.18
C PRO E 344 19.27 -43.61 -22.68
N TRP E 345 18.17 -43.73 -23.42
CA TRP E 345 18.20 -43.77 -24.88
C TRP E 345 16.83 -43.40 -25.40
N SER E 346 16.81 -42.88 -26.63
CA SER E 346 15.56 -42.34 -27.18
C SER E 346 14.50 -43.42 -27.35
N THR E 347 14.89 -44.57 -27.88
CA THR E 347 13.92 -45.60 -28.20
C THR E 347 13.31 -46.20 -26.93
N GLU E 348 12.09 -46.69 -27.05
CA GLU E 348 11.43 -47.40 -25.96
C GLU E 348 11.86 -48.86 -25.87
N ASP E 349 12.53 -49.38 -26.89
CA ASP E 349 12.98 -50.76 -26.90
C ASP E 349 14.31 -50.90 -26.15
N LEU E 350 14.59 -52.12 -25.71
CA LEU E 350 15.83 -52.42 -25.02
C LEU E 350 16.93 -52.92 -25.93
N ARG E 351 16.67 -53.00 -27.24
CA ARG E 351 17.66 -53.44 -28.22
C ARG E 351 17.64 -52.50 -29.41
N THR E 352 18.72 -52.57 -30.19
CA THR E 352 18.80 -51.79 -31.43
C THR E 352 17.96 -52.48 -32.50
N GLY E 353 18.03 -51.97 -33.73
CA GLY E 353 17.35 -52.61 -34.84
C GLY E 353 17.95 -53.96 -35.20
N ARG E 354 19.20 -54.20 -34.83
CA ARG E 354 19.87 -55.47 -35.11
C ARG E 354 19.75 -56.46 -33.95
N GLY E 355 19.07 -56.09 -32.88
CA GLY E 355 18.86 -56.99 -31.75
C GLY E 355 19.93 -56.94 -30.68
N CYS E 356 20.78 -55.92 -30.67
CA CYS E 356 21.81 -55.78 -29.65
C CYS E 356 21.26 -54.98 -28.48
N PHE E 357 21.47 -55.50 -27.27
CA PHE E 357 20.96 -54.82 -26.08
C PHE E 357 21.74 -53.55 -25.80
N LEU E 358 21.05 -52.57 -25.21
CA LEU E 358 21.60 -51.24 -24.98
C LEU E 358 22.27 -51.09 -23.62
N GLY E 359 22.28 -52.15 -22.81
CA GLY E 359 22.92 -52.10 -21.51
C GLY E 359 23.19 -53.49 -20.99
N ASN E 360 23.84 -53.55 -19.83
CA ASN E 360 24.23 -54.81 -19.20
C ASN E 360 23.34 -55.03 -17.98
N PHE E 361 22.40 -55.95 -18.10
CA PHE E 361 21.47 -56.28 -17.02
C PHE E 361 21.09 -57.74 -17.16
N LYS E 362 20.02 -58.14 -16.49
CA LYS E 362 19.49 -59.49 -16.62
C LYS E 362 18.29 -59.48 -17.57
N PRO E 363 18.51 -59.67 -18.87
CA PRO E 363 17.40 -59.53 -19.83
C PRO E 363 16.46 -60.72 -19.82
N GLY E 364 16.98 -61.92 -19.56
CA GLY E 364 16.20 -63.13 -19.54
C GLY E 364 16.09 -63.73 -18.15
N GLU E 365 15.33 -64.83 -18.09
CA GLU E 365 15.15 -65.56 -16.84
C GLU E 365 16.35 -66.47 -16.61
N GLY E 366 17.10 -66.23 -15.54
CA GLY E 366 18.30 -66.98 -15.27
C GLY E 366 19.34 -66.77 -16.36
N ASP E 367 19.15 -65.71 -17.15
CA ASP E 367 19.96 -65.44 -18.34
C ASP E 367 20.52 -64.03 -18.23
N TYR E 368 21.68 -63.90 -17.58
CA TYR E 368 22.35 -62.61 -17.48
C TYR E 368 23.16 -62.27 -18.71
N THR E 369 23.51 -63.25 -19.53
CA THR E 369 24.47 -63.10 -20.61
C THR E 369 23.85 -62.75 -21.95
N ALA E 370 22.53 -62.50 -21.99
CA ALA E 370 21.90 -62.16 -23.26
C ALA E 370 22.50 -60.91 -23.87
N ASP E 371 23.03 -60.02 -23.04
CA ASP E 371 23.71 -58.81 -23.52
C ASP E 371 25.21 -59.02 -23.70
N GLY E 372 25.71 -60.22 -23.45
CA GLY E 372 27.11 -60.53 -23.62
C GLY E 372 27.91 -60.60 -22.32
N HIS E 373 27.38 -60.05 -21.23
CA HIS E 373 28.11 -59.98 -19.98
C HIS E 373 27.28 -60.55 -18.85
N LEU E 374 27.93 -61.33 -17.99
CA LEU E 374 27.30 -61.92 -16.81
C LEU E 374 27.45 -61.03 -15.59
N ILE E 375 28.67 -60.58 -15.32
CA ILE E 375 28.96 -59.66 -14.22
C ILE E 375 29.24 -58.29 -14.83
N PRO E 376 29.50 -57.26 -14.04
CA PRO E 376 29.72 -55.93 -14.62
C PRO E 376 30.78 -55.97 -15.70
N SER E 377 30.52 -55.26 -16.80
CA SER E 377 31.43 -55.22 -17.93
C SER E 377 32.34 -54.00 -17.84
N ARG E 378 33.32 -53.96 -18.73
CA ARG E 378 34.20 -52.80 -18.83
C ARG E 378 33.38 -51.55 -19.15
N VAL E 379 33.73 -50.44 -18.50
CA VAL E 379 32.96 -49.21 -18.67
C VAL E 379 33.07 -48.74 -20.12
N SER E 380 31.98 -48.15 -20.62
CA SER E 380 31.91 -47.66 -22.00
C SER E 380 31.81 -48.79 -23.01
N SER E 381 31.21 -49.91 -22.62
CA SER E 381 31.04 -51.03 -23.53
C SER E 381 29.80 -50.90 -24.41
N PHE E 382 28.92 -49.95 -24.11
CA PHE E 382 27.73 -49.67 -24.91
C PHE E 382 27.75 -48.21 -25.35
N SER E 383 26.68 -47.78 -25.98
CA SER E 383 26.61 -46.41 -26.47
C SER E 383 26.34 -45.43 -25.33
N PRO E 384 26.80 -44.19 -25.46
CA PRO E 384 26.59 -43.21 -24.39
C PRO E 384 25.26 -42.48 -24.53
N ASN E 385 25.01 -41.55 -23.61
CA ASN E 385 23.83 -40.70 -23.64
C ASN E 385 23.95 -39.62 -24.71
N ASP E 386 22.88 -38.86 -24.88
CA ASP E 386 23.00 -37.59 -25.60
C ASP E 386 23.85 -36.61 -24.82
N PHE E 387 23.90 -36.77 -23.49
CA PHE E 387 24.81 -36.01 -22.64
C PHE E 387 26.23 -36.56 -22.67
N GLY E 388 26.43 -37.75 -23.23
CA GLY E 388 27.74 -38.37 -23.26
C GLY E 388 28.07 -39.25 -22.08
N LEU E 389 27.06 -39.72 -21.34
CA LEU E 389 27.27 -40.54 -20.15
C LEU E 389 27.11 -42.02 -20.50
N TYR E 390 27.90 -42.85 -19.82
CA TYR E 390 27.95 -44.29 -20.07
C TYR E 390 27.39 -45.06 -18.89
N ASP E 391 26.67 -46.14 -19.20
CA ASP E 391 26.22 -47.12 -18.21
C ASP E 391 25.32 -46.48 -17.15
N MET E 392 24.52 -45.49 -17.56
CA MET E 392 23.51 -44.97 -16.64
C MET E 392 22.41 -46.00 -16.39
N ALA E 393 22.23 -46.95 -17.28
CA ALA E 393 21.35 -48.10 -17.07
C ALA E 393 22.18 -49.37 -17.08
N GLY E 394 22.05 -50.18 -16.03
CA GLY E 394 22.76 -51.44 -15.96
C GLY E 394 24.20 -51.29 -15.50
N ASN E 395 24.94 -52.40 -15.62
CA ASN E 395 26.30 -52.51 -15.10
C ASN E 395 26.27 -52.54 -13.58
N VAL E 396 26.45 -51.38 -12.94
CA VAL E 396 26.38 -51.26 -11.49
C VAL E 396 25.36 -50.17 -11.16
N ALA E 397 24.54 -50.43 -10.14
CA ALA E 397 23.69 -49.39 -9.58
C ALA E 397 24.55 -48.37 -8.85
N GLU E 398 24.05 -47.15 -8.75
CA GLU E 398 24.86 -46.02 -8.34
C GLU E 398 24.30 -45.33 -7.11
N TRP E 399 25.17 -45.05 -6.15
CA TRP E 399 24.79 -44.31 -4.95
C TRP E 399 24.41 -42.87 -5.28
N THR E 400 23.45 -42.35 -4.52
CA THR E 400 23.14 -40.93 -4.51
C THR E 400 23.23 -40.42 -3.08
N SER E 401 23.31 -39.09 -2.94
CA SER E 401 23.39 -38.48 -1.62
C SER E 401 22.03 -38.37 -0.94
N THR E 402 20.94 -38.66 -1.63
CA THR E 402 19.61 -38.49 -1.09
C THR E 402 19.28 -39.61 -0.09
N ALA E 403 18.74 -39.21 1.07
CA ALA E 403 18.20 -40.19 1.99
C ALA E 403 16.89 -40.75 1.45
N PHE E 404 16.65 -42.03 1.72
CA PHE E 404 15.50 -42.70 1.16
C PHE E 404 14.24 -42.43 1.98
N SER E 405 13.16 -42.06 1.29
CA SER E 405 11.85 -41.89 1.89
C SER E 405 10.80 -42.37 0.90
N GLU E 406 9.80 -43.09 1.40
CA GLU E 406 8.75 -43.58 0.51
C GLU E 406 8.01 -42.43 -0.16
N SER E 407 7.85 -41.30 0.55
CA SER E 407 7.35 -40.07 -0.03
C SER E 407 8.46 -39.03 0.13
N GLY E 408 9.38 -39.02 -0.83
CA GLY E 408 10.48 -38.07 -0.82
C GLY E 408 10.40 -37.12 -2.00
N LEU E 409 9.83 -37.61 -3.10
CA LEU E 409 9.59 -36.74 -4.25
C LEU E 409 8.63 -35.63 -3.89
N LYS E 410 7.65 -35.90 -3.04
CA LYS E 410 6.75 -34.86 -2.55
C LYS E 410 7.39 -33.99 -1.50
N GLN E 411 8.31 -34.52 -0.69
CA GLN E 411 8.92 -33.78 0.39
C GLN E 411 10.10 -32.93 -0.04
N MET E 412 10.64 -33.15 -1.23
CA MET E 412 11.76 -32.36 -1.72
C MET E 412 11.28 -31.03 -2.29
N SER E 413 12.24 -30.16 -2.59
CA SER E 413 11.95 -28.85 -3.15
C SER E 413 11.77 -28.93 -4.66
N ASP E 414 11.27 -27.84 -5.24
CA ASP E 414 11.07 -27.76 -6.68
C ASP E 414 12.38 -27.51 -7.43
N ILE E 415 13.29 -26.75 -6.84
CA ILE E 415 14.54 -26.36 -7.48
C ILE E 415 15.69 -27.01 -6.73
N ASN E 416 16.61 -27.62 -7.46
CA ASN E 416 17.74 -28.34 -6.89
C ASN E 416 17.28 -29.28 -5.77
N PRO E 417 16.34 -30.18 -6.05
CA PRO E 417 15.75 -31.00 -5.00
C PRO E 417 16.80 -31.84 -4.29
N GLU E 418 16.66 -31.95 -2.97
CA GLU E 418 17.57 -32.75 -2.17
C GLU E 418 16.89 -33.11 -0.87
N LEU E 419 17.08 -34.36 -0.44
CA LEU E 419 16.62 -34.84 0.86
C LEU E 419 17.85 -35.38 1.57
N GLU E 420 18.43 -34.56 2.43
CA GLU E 420 19.72 -34.84 3.05
C GLU E 420 19.52 -35.16 4.53
N TYR E 421 20.02 -36.31 4.96
CA TYR E 421 19.97 -36.70 6.36
C TYR E 421 21.33 -37.19 6.80
N LYS E 422 21.84 -36.63 7.90
CA LYS E 422 23.05 -37.10 8.54
C LYS E 422 22.62 -37.90 9.77
N ALA E 423 22.56 -39.22 9.61
CA ALA E 423 22.04 -40.07 10.67
C ALA E 423 22.93 -40.06 11.90
N ALA E 424 22.30 -40.04 13.07
CA ALA E 424 23.04 -40.20 14.31
C ALA E 424 23.52 -41.65 14.46
N LEU E 425 24.66 -41.81 15.12
CA LEU E 425 25.23 -43.14 15.26
C LEU E 425 24.30 -44.09 16.01
N THR E 426 23.52 -43.57 16.95
CA THR E 426 22.57 -44.38 17.71
C THR E 426 21.16 -44.30 17.15
N ASP E 427 20.98 -43.73 15.95
CA ASP E 427 19.69 -43.76 15.30
C ASP E 427 19.34 -45.20 14.92
N PRO E 428 18.05 -45.53 14.84
CA PRO E 428 17.67 -46.87 14.38
C PRO E 428 18.17 -47.11 12.96
N TYR E 429 18.49 -48.38 12.69
CA TYR E 429 19.05 -48.74 11.40
C TYR E 429 18.15 -48.31 10.24
N ILE E 430 16.84 -48.24 10.48
CA ILE E 430 15.89 -47.93 9.41
C ILE E 430 16.10 -46.53 8.84
N LEU E 431 16.74 -45.64 9.58
CA LEU E 431 16.93 -44.26 9.16
C LEU E 431 18.19 -44.04 8.35
N LYS E 432 18.95 -45.10 8.06
CA LYS E 432 20.24 -44.98 7.40
C LYS E 432 20.23 -45.54 5.98
N GLN E 433 19.10 -45.44 5.30
CA GLN E 433 18.97 -45.92 3.93
C GLN E 433 19.15 -44.77 2.95
N LYS E 434 19.86 -45.05 1.85
CA LYS E 434 20.15 -44.08 0.83
C LYS E 434 19.68 -44.58 -0.52
N VAL E 435 19.23 -43.63 -1.36
CA VAL E 435 18.64 -43.96 -2.65
C VAL E 435 19.71 -44.48 -3.60
N VAL E 436 19.34 -45.49 -4.39
CA VAL E 436 20.20 -46.09 -5.40
C VAL E 436 19.47 -46.03 -6.73
N ARG E 437 20.20 -45.71 -7.80
CA ARG E 437 19.61 -45.41 -9.09
C ARG E 437 20.29 -46.22 -10.19
N GLY E 438 19.51 -46.60 -11.19
CA GLY E 438 20.05 -47.10 -12.42
C GLY E 438 19.84 -48.57 -12.72
N GLY E 439 19.89 -49.42 -11.72
CA GLY E 439 19.89 -50.84 -11.94
C GLY E 439 21.28 -51.36 -12.26
N SER E 440 21.45 -52.68 -12.13
CA SER E 440 22.77 -53.28 -12.27
C SER E 440 22.77 -54.48 -13.20
N TRP E 441 23.91 -55.17 -13.26
CA TRP E 441 24.07 -56.35 -14.12
C TRP E 441 23.15 -57.49 -13.73
N LYS E 442 22.60 -57.47 -12.51
CA LYS E 442 21.74 -58.54 -12.03
C LYS E 442 20.27 -58.11 -11.93
N ASP E 443 19.91 -56.98 -12.51
CA ASP E 443 18.57 -56.43 -12.39
C ASP E 443 17.76 -56.70 -13.65
N VAL E 444 16.44 -56.79 -13.48
CA VAL E 444 15.52 -56.94 -14.60
C VAL E 444 15.30 -55.58 -15.25
N ALA E 445 14.71 -55.57 -16.45
CA ALA E 445 14.56 -54.33 -17.20
C ALA E 445 13.78 -53.29 -16.42
N ARG E 446 12.89 -53.72 -15.52
CA ARG E 446 12.11 -52.77 -14.74
C ARG E 446 13.00 -51.89 -13.88
N PHE E 447 14.02 -52.48 -13.26
CA PHE E 447 14.86 -51.75 -12.32
C PHE E 447 15.97 -50.96 -12.98
N ILE E 448 16.21 -51.17 -14.29
CA ILE E 448 17.14 -50.32 -15.02
C ILE E 448 16.45 -49.13 -15.63
N ARG E 449 15.16 -48.95 -15.40
CA ARG E 449 14.47 -47.73 -15.81
C ARG E 449 14.98 -46.55 -14.99
N SER E 450 15.07 -45.39 -15.64
CA SER E 450 15.66 -44.21 -15.00
C SER E 450 14.78 -43.64 -13.89
N ALA E 451 13.54 -44.10 -13.76
CA ALA E 451 12.64 -43.59 -12.74
C ALA E 451 12.50 -44.52 -11.54
N THR E 452 12.97 -45.75 -11.63
CA THR E 452 12.85 -46.70 -10.53
C THR E 452 13.86 -46.36 -9.43
N ARG E 453 13.37 -46.27 -8.20
CA ARG E 453 14.20 -45.99 -7.05
C ARG E 453 14.47 -47.28 -6.28
N SER E 454 15.73 -47.46 -5.86
CA SER E 454 16.08 -48.52 -4.92
C SER E 454 16.70 -47.86 -3.70
N HIS E 455 17.10 -48.68 -2.73
CA HIS E 455 17.75 -48.12 -1.55
C HIS E 455 18.66 -49.17 -0.94
N GLU E 456 19.67 -48.68 -0.22
CA GLU E 456 20.56 -49.56 0.51
C GLU E 456 21.03 -48.85 1.77
N TYR E 457 21.40 -49.65 2.77
CA TYR E 457 21.92 -49.08 4.00
C TYR E 457 23.30 -48.49 3.77
N GLN E 458 23.58 -47.36 4.43
CA GLN E 458 24.76 -46.58 4.13
C GLN E 458 26.06 -47.31 4.43
N ASN E 459 26.04 -48.33 5.30
CA ASN E 459 27.24 -49.06 5.65
C ASN E 459 27.36 -50.39 4.93
N VAL E 460 26.53 -50.62 3.92
CA VAL E 460 26.50 -51.90 3.20
C VAL E 460 27.09 -51.70 1.81
N GLY E 461 28.03 -52.56 1.45
CA GLY E 461 28.60 -52.60 0.11
C GLY E 461 28.11 -53.85 -0.62
N ARG E 462 27.81 -53.70 -1.90
CA ARG E 462 27.26 -54.78 -2.71
C ARG E 462 28.09 -54.96 -3.97
N SER E 463 28.00 -56.16 -4.53
CA SER E 463 28.69 -56.48 -5.77
C SER E 463 27.98 -55.93 -7.00
N TYR E 464 26.87 -55.23 -6.81
CA TYR E 464 26.11 -54.65 -7.92
C TYR E 464 25.86 -53.15 -7.72
N ILE E 465 26.61 -52.50 -6.82
CA ILE E 465 26.46 -51.08 -6.56
C ILE E 465 27.83 -50.43 -6.65
N GLY E 466 27.96 -49.46 -7.54
CA GLY E 466 29.14 -48.61 -7.62
C GLY E 466 28.75 -47.16 -7.42
N PHE E 467 29.39 -46.24 -8.14
CA PHE E 467 29.01 -44.84 -8.03
C PHE E 467 29.84 -44.03 -9.01
N ARG E 468 29.34 -42.82 -9.32
CA ARG E 468 30.10 -41.79 -9.99
C ARG E 468 29.87 -40.47 -9.23
N CYS E 469 30.72 -39.49 -9.50
CA CYS E 469 30.68 -38.23 -8.80
C CYS E 469 30.19 -37.10 -9.71
N VAL E 470 29.71 -36.03 -9.07
CA VAL E 470 29.31 -34.82 -9.76
C VAL E 470 30.02 -33.64 -9.10
N ARG E 471 29.92 -32.49 -9.75
CA ARG E 471 30.51 -31.25 -9.23
C ARG E 471 29.71 -30.08 -9.75
N THR E 472 29.15 -29.27 -8.86
CA THR E 472 28.42 -28.10 -9.29
C THR E 472 29.33 -27.20 -10.12
N SER E 473 28.84 -26.80 -11.29
CA SER E 473 29.62 -26.01 -12.24
C SER E 473 29.20 -24.55 -12.16
N ILE E 474 30.19 -23.66 -12.15
CA ILE E 474 29.94 -22.22 -12.13
C ILE E 474 29.86 -21.79 -13.59
N ALA E 475 28.66 -21.75 -14.13
CA ALA E 475 28.42 -21.45 -15.53
C ALA E 475 27.40 -20.33 -15.65
N PHE E 476 27.56 -19.50 -16.67
CA PHE E 476 26.69 -18.35 -16.88
C PHE E 476 26.08 -18.35 -18.27
N THR F 49 13.20 -40.16 23.04
CA THR F 49 13.54 -41.33 22.25
C THR F 49 14.17 -40.93 20.92
N LEU F 50 13.61 -39.90 20.29
CA LEU F 50 14.16 -39.40 19.04
C LEU F 50 15.47 -38.64 19.29
N SER F 51 16.41 -38.80 18.36
CA SER F 51 17.67 -38.08 18.44
C SER F 51 17.49 -36.64 17.95
N ASN F 52 18.51 -35.81 18.20
CA ASN F 52 18.45 -34.43 17.75
C ASN F 52 18.44 -34.35 16.23
N ARG F 53 19.22 -35.20 15.56
CA ARG F 53 19.19 -35.25 14.11
C ARG F 53 17.79 -35.58 13.60
N ALA F 54 17.14 -36.58 14.20
CA ALA F 54 15.80 -36.97 13.75
C ALA F 54 14.79 -35.86 14.00
N GLN F 55 14.90 -35.17 15.13
CA GLN F 55 13.98 -34.07 15.40
C GLN F 55 14.17 -32.94 14.39
N GLU F 56 15.43 -32.60 14.09
CA GLU F 56 15.69 -31.57 13.09
C GLU F 56 15.13 -31.97 11.73
N PHE F 57 15.36 -33.22 11.33
CA PHE F 57 14.86 -33.68 10.04
C PHE F 57 13.34 -33.62 9.99
N ASN F 58 12.66 -34.11 11.03
CA ASN F 58 11.21 -34.11 11.05
C ASN F 58 10.67 -32.69 11.01
N ARG F 59 11.24 -31.79 11.81
CA ARG F 59 10.81 -30.39 11.77
C ARG F 59 11.05 -29.78 10.40
N ARG F 60 12.06 -30.25 9.67
CA ARG F 60 12.30 -29.79 8.31
C ARG F 60 11.33 -30.40 7.31
N LEU F 61 10.71 -31.53 7.63
CA LEU F 61 9.84 -32.23 6.70
C LEU F 61 8.36 -31.86 6.84
N THR F 62 8.04 -30.83 7.61
CA THR F 62 6.65 -30.44 7.81
C THR F 62 6.23 -29.41 6.75
N GLN F 63 4.92 -29.37 6.48
CA GLN F 63 4.37 -28.44 5.52
C GLN F 63 3.86 -27.19 6.24
N LYS F 64 4.28 -26.03 5.76
CA LYS F 64 3.89 -24.75 6.34
C LYS F 64 3.09 -23.97 5.30
N THR F 65 1.85 -23.61 5.66
CA THR F 65 0.97 -22.84 4.80
C THR F 65 0.70 -21.45 5.36
N ASP F 66 1.70 -20.86 6.03
CA ASP F 66 1.48 -19.64 6.78
C ASP F 66 1.16 -18.46 5.86
N ASN F 67 1.98 -18.25 4.83
CA ASN F 67 1.86 -17.09 3.96
C ASN F 67 1.32 -17.43 2.58
N ALA F 68 0.58 -18.53 2.48
CA ALA F 68 0.04 -18.94 1.19
C ALA F 68 -0.89 -17.85 0.65
N PRO F 69 -0.68 -17.37 -0.58
CA PRO F 69 -1.60 -16.39 -1.16
C PRO F 69 -2.90 -17.01 -1.65
N TRP F 70 -3.01 -18.33 -1.71
CA TRP F 70 -4.22 -19.02 -2.11
C TRP F 70 -4.41 -20.24 -1.25
N ARG F 71 -5.62 -20.42 -0.70
CA ARG F 71 -5.95 -21.55 0.14
C ARG F 71 -7.32 -22.07 -0.24
N ARG F 72 -7.54 -23.35 0.03
CA ARG F 72 -8.88 -23.93 -0.13
C ARG F 72 -8.98 -25.16 0.76
N VAL F 73 -9.96 -25.15 1.66
CA VAL F 73 -10.21 -26.27 2.56
C VAL F 73 -11.30 -27.14 1.95
N VAL F 74 -11.05 -28.45 1.88
CA VAL F 74 -11.95 -29.40 1.25
C VAL F 74 -12.15 -30.57 2.20
N TYR F 75 -13.39 -31.05 2.29
CA TYR F 75 -13.74 -32.21 3.08
C TYR F 75 -14.08 -33.36 2.15
N ARG F 76 -13.40 -34.49 2.33
CA ARG F 76 -13.57 -35.64 1.46
C ARG F 76 -14.02 -36.85 2.27
N ARG F 77 -14.95 -37.60 1.72
CA ARG F 77 -15.38 -38.86 2.30
C ARG F 77 -14.65 -39.99 1.58
N VAL F 78 -13.71 -40.62 2.28
CA VAL F 78 -12.92 -41.72 1.74
C VAL F 78 -13.60 -43.02 2.16
N ASP F 79 -14.06 -43.79 1.18
CA ASP F 79 -14.77 -45.04 1.42
C ASP F 79 -13.79 -46.20 1.38
N LEU F 80 -13.79 -47.01 2.44
CA LEU F 80 -12.81 -48.07 2.59
C LEU F 80 -13.14 -49.32 1.78
N MET F 81 -14.33 -49.39 1.19
CA MET F 81 -14.73 -50.52 0.38
C MET F 81 -14.30 -50.39 -1.08
N GLU F 82 -13.31 -49.54 -1.36
CA GLU F 82 -12.78 -49.36 -2.70
C GLU F 82 -11.29 -49.65 -2.71
N GLU F 83 -10.82 -50.28 -3.78
CA GLU F 83 -9.39 -50.53 -3.92
C GLU F 83 -8.63 -49.21 -3.95
N SER F 84 -7.42 -49.23 -3.42
CA SER F 84 -6.58 -48.06 -3.18
C SER F 84 -7.05 -47.28 -1.96
N ASN F 85 -8.16 -47.68 -1.36
CA ASN F 85 -8.66 -47.08 -0.12
C ASN F 85 -8.70 -48.06 1.04
N ALA F 86 -8.68 -49.37 0.79
CA ALA F 86 -8.71 -50.38 1.83
C ALA F 86 -7.38 -50.51 2.56
N VAL F 87 -6.38 -49.72 2.19
CA VAL F 87 -5.11 -49.73 2.90
C VAL F 87 -5.32 -49.41 4.37
N LEU F 88 -6.22 -48.48 4.67
CA LEU F 88 -6.55 -48.15 6.05
C LEU F 88 -7.47 -49.16 6.71
N TYR F 89 -8.00 -50.12 5.95
CA TYR F 89 -8.91 -51.11 6.47
C TYR F 89 -8.24 -52.41 6.87
N TYR F 90 -7.23 -52.84 6.12
CA TYR F 90 -6.60 -54.13 6.39
C TYR F 90 -5.72 -54.04 7.64
N PRO F 91 -5.86 -54.97 8.58
CA PRO F 91 -6.86 -56.05 8.64
C PRO F 91 -8.14 -55.58 9.31
N PRO F 92 -9.30 -56.13 8.94
CA PRO F 92 -10.56 -55.69 9.58
C PRO F 92 -10.53 -55.88 11.09
N ARG F 93 -9.90 -56.93 11.57
CA ARG F 93 -9.65 -57.14 13.00
C ARG F 93 -8.18 -57.47 13.19
N PRO F 94 -7.62 -57.15 14.35
CA PRO F 94 -6.17 -57.30 14.53
C PRO F 94 -5.71 -58.73 14.28
N ILE F 95 -4.58 -58.85 13.60
CA ILE F 95 -3.98 -60.13 13.26
C ILE F 95 -2.62 -60.15 13.94
N GLY F 96 -2.54 -60.75 15.12
CA GLY F 96 -1.31 -60.71 15.89
C GLY F 96 -0.91 -59.29 16.24
N ASP F 97 0.15 -58.80 15.61
CA ASP F 97 0.61 -57.43 15.79
C ASP F 97 0.15 -56.50 14.69
N ARG F 98 -0.71 -56.97 13.78
CA ARG F 98 -1.15 -56.19 12.63
C ARG F 98 -2.53 -55.61 12.92
N LYS F 99 -2.62 -54.28 12.92
CA LYS F 99 -3.87 -53.58 13.14
C LYS F 99 -4.09 -52.56 12.02
N ASN F 100 -5.36 -52.26 11.77
CA ASN F 100 -5.69 -51.21 10.81
C ASN F 100 -5.67 -49.85 11.50
N LEU F 101 -6.06 -48.81 10.77
CA LEU F 101 -5.93 -47.45 11.28
C LEU F 101 -6.79 -47.24 12.53
N PHE F 102 -8.03 -47.71 12.50
CA PHE F 102 -8.91 -47.48 13.64
C PHE F 102 -8.48 -48.29 14.86
N SER F 103 -7.93 -49.49 14.66
CA SER F 103 -7.41 -50.25 15.78
C SER F 103 -6.29 -49.47 16.47
N THR F 104 -5.38 -48.90 15.68
CA THR F 104 -4.32 -48.06 16.24
C THR F 104 -4.89 -46.86 16.97
N ILE F 105 -5.89 -46.20 16.37
CA ILE F 105 -6.47 -45.02 17.00
C ILE F 105 -7.09 -45.37 18.35
N PHE F 106 -7.88 -46.45 18.38
CA PHE F 106 -8.52 -46.87 19.62
C PHE F 106 -7.51 -47.30 20.66
N GLY F 107 -6.46 -48.00 20.24
CA GLY F 107 -5.41 -48.38 21.19
C GLY F 107 -4.71 -47.17 21.78
N LEU F 108 -4.47 -46.15 20.96
CA LEU F 108 -3.84 -44.94 21.46
C LEU F 108 -4.78 -44.17 22.39
N ILE F 109 -6.08 -44.19 22.11
CA ILE F 109 -7.03 -43.50 22.98
C ILE F 109 -7.16 -44.23 24.31
N ASN F 110 -7.11 -45.56 24.29
CA ASN F 110 -7.16 -46.31 25.55
C ASN F 110 -6.00 -45.93 26.44
N SER F 111 -4.86 -45.57 25.85
CA SER F 111 -3.78 -44.90 26.57
C SER F 111 -4.12 -43.42 26.70
N ASN F 112 -3.16 -42.61 27.11
CA ASN F 112 -3.32 -41.15 27.13
C ASN F 112 -2.39 -40.50 26.12
N SER F 113 -2.19 -41.15 24.98
CA SER F 113 -1.23 -40.73 23.98
C SER F 113 -1.88 -40.08 22.76
N LEU F 114 -3.19 -39.88 22.77
CA LEU F 114 -3.87 -39.27 21.63
C LEU F 114 -5.11 -38.53 22.10
N ASP F 115 -5.25 -37.28 21.68
CA ASP F 115 -6.37 -36.43 22.06
C ASP F 115 -7.29 -36.27 20.85
N VAL F 116 -8.55 -36.66 21.00
CA VAL F 116 -9.55 -36.55 19.94
C VAL F 116 -10.64 -35.61 20.42
N TYR F 117 -11.41 -35.10 19.47
CA TYR F 117 -12.40 -34.06 19.73
C TYR F 117 -13.74 -34.43 19.12
N GLU F 118 -14.80 -33.96 19.75
CA GLU F 118 -16.15 -34.30 19.32
C GLU F 118 -16.39 -33.86 17.88
N TYR F 119 -17.09 -34.69 17.12
CA TYR F 119 -17.51 -34.33 15.77
C TYR F 119 -18.78 -33.49 15.88
N LEU F 120 -18.61 -32.17 15.78
CA LEU F 120 -19.73 -31.24 15.81
C LEU F 120 -20.13 -30.90 14.38
N ASP F 121 -21.43 -30.87 14.13
CA ASP F 121 -21.93 -30.60 12.79
C ASP F 121 -21.79 -29.12 12.48
N GLY F 122 -21.07 -28.80 11.40
CA GLY F 122 -20.90 -27.45 10.91
C GLY F 122 -19.50 -26.90 11.08
N PHE F 123 -18.79 -27.31 12.12
CA PHE F 123 -17.49 -26.73 12.41
C PHE F 123 -16.68 -27.70 13.27
N GLU F 124 -15.37 -27.46 13.31
CA GLU F 124 -14.45 -28.23 14.13
C GLU F 124 -13.70 -27.28 15.06
N ALA F 125 -13.60 -27.67 16.33
CA ALA F 125 -12.86 -26.89 17.33
C ALA F 125 -12.04 -27.86 18.16
N PHE F 126 -10.73 -27.84 17.98
CA PHE F 126 -9.83 -28.76 18.69
C PHE F 126 -9.28 -28.09 19.96
N THR F 127 -10.21 -27.70 20.83
CA THR F 127 -9.89 -27.07 22.09
C THR F 127 -10.30 -27.98 23.24
N ASP F 128 -9.75 -27.69 24.43
CA ASP F 128 -10.02 -28.52 25.59
C ASP F 128 -11.50 -28.58 25.93
N GLN F 129 -12.29 -27.60 25.49
CA GLN F 129 -13.72 -27.64 25.74
C GLN F 129 -14.36 -28.83 25.04
N TYR F 130 -13.93 -29.12 23.81
CA TYR F 130 -14.50 -30.20 23.02
C TYR F 130 -13.69 -31.48 23.09
N LYS F 131 -12.63 -31.52 23.89
CA LYS F 131 -11.85 -32.75 24.03
C LYS F 131 -12.75 -33.88 24.52
N ILE F 132 -12.60 -35.04 23.89
CA ILE F 132 -13.49 -36.17 24.18
C ILE F 132 -13.00 -36.94 25.39
N LYS F 133 -13.92 -37.25 26.29
CA LYS F 133 -13.65 -38.12 27.43
C LYS F 133 -13.90 -39.55 26.98
N PHE F 134 -12.88 -40.41 27.10
CA PHE F 134 -12.99 -41.76 26.56
C PHE F 134 -14.13 -42.53 27.21
N GLN F 135 -14.25 -42.45 28.54
CA GLN F 135 -15.30 -43.18 29.23
C GLN F 135 -16.67 -42.83 28.65
N GLU F 136 -16.91 -41.56 28.41
CA GLU F 136 -18.18 -41.13 27.79
C GLU F 136 -18.05 -41.10 26.27
N PHE F 137 -17.52 -42.20 25.73
CA PHE F 137 -17.57 -42.43 24.29
C PHE F 137 -18.03 -43.86 24.01
N LEU F 138 -17.70 -44.77 24.92
CA LEU F 138 -18.00 -46.19 24.70
C LEU F 138 -19.47 -46.48 24.96
N ASP F 139 -19.97 -46.12 26.15
CA ASP F 139 -21.38 -46.34 26.43
C ASP F 139 -22.27 -45.54 25.49
N ARG F 140 -21.77 -44.41 25.00
CA ARG F 140 -22.52 -43.63 24.02
C ARG F 140 -22.77 -44.44 22.75
N PHE F 141 -21.75 -45.16 22.28
CA PHE F 141 -21.84 -45.94 21.05
C PHE F 141 -22.03 -47.42 21.32
N GLY F 142 -22.39 -47.80 22.53
CA GLY F 142 -22.69 -49.19 22.84
C GLY F 142 -21.50 -50.12 22.71
N ILE F 143 -20.36 -49.74 23.26
CA ILE F 143 -19.16 -50.58 23.26
C ILE F 143 -19.00 -51.14 24.67
N TYR F 144 -19.17 -52.45 24.81
CA TYR F 144 -19.07 -53.08 26.11
C TYR F 144 -17.62 -53.09 26.57
N TYR F 145 -17.39 -52.64 27.80
CA TYR F 145 -16.04 -52.56 28.36
C TYR F 145 -16.04 -53.06 29.79
N GLN F 146 -14.84 -53.37 30.28
CA GLN F 146 -14.63 -53.89 31.62
C GLN F 146 -13.55 -53.07 32.32
N PRO F 147 -13.57 -53.04 33.65
CA PRO F 147 -12.52 -52.31 34.38
C PRO F 147 -11.14 -52.85 34.05
N SER F 148 -10.17 -51.95 34.02
CA SER F 148 -8.82 -52.30 33.61
C SER F 148 -8.04 -52.88 34.78
N THR F 149 -7.18 -53.86 34.48
CA THR F 149 -6.29 -54.42 35.47
C THR F 149 -5.01 -53.61 35.64
N ASN F 150 -4.81 -52.59 34.80
CA ASN F 150 -3.68 -51.68 34.93
C ASN F 150 -4.13 -50.28 34.57
N LYS F 151 -3.86 -49.32 35.46
CA LYS F 151 -4.23 -47.93 35.20
C LYS F 151 -3.28 -47.23 34.24
N ASN F 152 -2.16 -47.87 33.89
CA ASN F 152 -1.17 -47.28 33.01
C ASN F 152 -1.37 -47.83 31.60
N ALA F 153 -1.59 -46.93 30.65
CA ALA F 153 -1.75 -47.28 29.24
C ALA F 153 -3.02 -48.06 28.96
N GLU F 154 -3.97 -48.09 29.89
CA GLU F 154 -5.26 -48.73 29.66
C GLU F 154 -6.28 -48.08 30.59
N LEU F 155 -7.09 -47.17 30.05
CA LEU F 155 -8.13 -46.54 30.85
C LEU F 155 -9.28 -47.51 31.11
N PHE F 156 -9.58 -48.38 30.15
CA PHE F 156 -10.59 -49.41 30.30
C PHE F 156 -10.09 -50.67 29.60
N LYS F 157 -10.84 -51.76 29.76
CA LYS F 157 -10.53 -53.02 29.11
C LYS F 157 -11.61 -53.29 28.06
N VAL F 158 -11.21 -53.28 26.79
CA VAL F 158 -12.12 -53.49 25.68
C VAL F 158 -11.61 -54.67 24.86
N ALA F 159 -12.51 -55.61 24.55
CA ALA F 159 -12.16 -56.75 23.73
C ALA F 159 -12.17 -56.36 22.25
N ASP F 160 -11.34 -57.04 21.47
CA ASP F 160 -11.27 -56.74 20.04
C ASP F 160 -12.62 -56.91 19.37
N SER F 161 -13.44 -57.85 19.85
CA SER F 161 -14.77 -58.02 19.29
C SER F 161 -15.65 -56.79 19.54
N ASP F 162 -15.45 -56.12 20.67
CA ASP F 162 -16.22 -54.92 20.97
C ASP F 162 -15.74 -53.72 20.17
N ILE F 163 -14.45 -53.63 19.90
CA ILE F 163 -13.91 -52.49 19.13
C ILE F 163 -14.44 -52.55 17.71
N PRO F 164 -15.01 -51.47 17.19
CA PRO F 164 -15.57 -51.48 15.82
C PRO F 164 -14.51 -51.23 14.76
N SER F 165 -13.46 -52.07 14.77
CA SER F 165 -12.42 -51.94 13.75
C SER F 165 -12.96 -52.18 12.36
N ALA F 166 -13.80 -53.20 12.20
CA ALA F 166 -14.36 -53.53 10.89
C ALA F 166 -15.63 -52.75 10.58
N GLU F 167 -16.28 -52.18 11.60
CA GLU F 167 -17.48 -51.38 11.35
C GLU F 167 -17.14 -50.01 10.78
N VAL F 168 -16.05 -49.41 11.24
CA VAL F 168 -15.62 -48.13 10.71
C VAL F 168 -15.22 -48.34 9.25
N LYS F 169 -16.03 -47.83 8.33
CA LYS F 169 -15.84 -48.12 6.92
C LYS F 169 -15.70 -46.87 6.06
N ALA F 170 -15.51 -45.70 6.66
CA ALA F 170 -15.27 -44.49 5.90
C ALA F 170 -14.54 -43.50 6.80
N TYR F 171 -13.90 -42.53 6.17
CA TYR F 171 -13.19 -41.48 6.89
C TYR F 171 -13.52 -40.12 6.29
N TYR F 172 -13.53 -39.11 7.15
CA TYR F 172 -13.59 -37.72 6.73
C TYR F 172 -12.19 -37.15 6.75
N VAL F 173 -11.71 -36.68 5.60
CA VAL F 173 -10.39 -36.10 5.48
C VAL F 173 -10.55 -34.62 5.22
N LYS F 174 -9.94 -33.80 6.07
CA LYS F 174 -9.95 -32.35 5.93
C LYS F 174 -8.62 -31.95 5.30
N GLU F 175 -8.65 -31.69 3.99
CA GLU F 175 -7.47 -31.28 3.26
C GLU F 175 -7.45 -29.77 3.09
N GLU F 176 -6.25 -29.22 2.99
CA GLU F 176 -6.05 -27.81 2.68
C GLU F 176 -5.09 -27.74 1.50
N TRP F 177 -5.61 -27.35 0.34
CA TRP F 177 -4.76 -27.05 -0.80
C TRP F 177 -4.23 -25.63 -0.65
N TYR F 178 -2.93 -25.46 -0.87
CA TYR F 178 -2.31 -24.15 -0.70
C TYR F 178 -1.27 -23.93 -1.77
N PHE F 179 -0.98 -22.65 -2.01
CA PHE F 179 0.00 -22.20 -2.98
C PHE F 179 1.19 -21.65 -2.22
N THR F 180 2.35 -22.26 -2.41
CA THR F 180 3.54 -21.86 -1.65
C THR F 180 4.06 -20.53 -2.16
N PRO F 181 4.25 -19.53 -1.29
CA PRO F 181 4.74 -18.23 -1.76
C PRO F 181 6.15 -18.29 -2.32
N THR F 182 7.07 -18.87 -1.55
CA THR F 182 8.47 -18.89 -1.97
C THR F 182 8.68 -19.76 -3.20
N ASN F 183 8.08 -20.95 -3.22
CA ASN F 183 8.34 -21.91 -4.29
C ASN F 183 7.41 -21.78 -5.48
N SER F 184 6.21 -21.25 -5.27
CA SER F 184 5.22 -21.06 -6.35
C SER F 184 4.73 -22.41 -6.87
N ASP F 185 4.37 -23.31 -5.96
CA ASP F 185 3.80 -24.60 -6.33
C ASP F 185 2.62 -24.91 -5.41
N VAL F 186 1.75 -25.78 -5.89
CA VAL F 186 0.53 -26.15 -5.17
C VAL F 186 0.79 -27.44 -4.40
N ASP F 187 0.32 -27.49 -3.16
CA ASP F 187 0.47 -28.66 -2.32
C ASP F 187 -0.81 -28.88 -1.51
N ILE F 188 -0.93 -30.06 -0.93
CA ILE F 188 -2.06 -30.45 -0.09
C ILE F 188 -1.54 -30.81 1.29
N LYS F 189 -2.27 -30.39 2.32
CA LYS F 189 -1.91 -30.67 3.70
C LYS F 189 -3.11 -31.28 4.42
N ILE F 190 -2.90 -32.40 5.09
CA ILE F 190 -3.98 -33.02 5.86
C ILE F 190 -4.09 -32.34 7.21
N GLN F 191 -5.31 -31.99 7.60
CA GLN F 191 -5.58 -31.33 8.87
C GLN F 191 -6.15 -32.28 9.92
N ALA F 192 -7.17 -33.05 9.56
CA ALA F 192 -7.80 -33.95 10.50
C ALA F 192 -8.52 -35.05 9.73
N ILE F 193 -8.80 -36.15 10.43
CA ILE F 193 -9.52 -37.28 9.87
C ILE F 193 -10.56 -37.74 10.89
N CYS F 194 -11.73 -38.14 10.39
CA CYS F 194 -12.84 -38.58 11.24
C CYS F 194 -13.29 -39.97 10.83
N PRO F 195 -13.17 -40.98 11.69
CA PRO F 195 -13.67 -42.31 11.33
C PRO F 195 -15.19 -42.34 11.36
N ILE F 196 -15.77 -43.10 10.44
CA ILE F 196 -17.22 -43.20 10.30
C ILE F 196 -17.61 -44.66 10.51
N MET F 197 -18.32 -44.91 11.61
CA MET F 197 -18.84 -46.24 11.91
C MET F 197 -20.17 -46.44 11.20
N THR F 198 -20.33 -47.60 10.56
CA THR F 198 -21.48 -47.85 9.70
C THR F 198 -22.31 -49.03 10.20
N GLY F 199 -22.66 -49.03 11.48
CA GLY F 199 -23.47 -50.09 12.02
C GLY F 199 -24.86 -50.14 11.43
N GLN F 200 -25.75 -50.92 12.05
CA GLN F 200 -27.11 -51.08 11.57
C GLN F 200 -28.07 -50.20 12.37
N ASP F 201 -28.82 -49.36 11.67
CA ASP F 201 -29.73 -48.45 12.35
C ASP F 201 -30.81 -49.22 13.09
N GLU F 202 -31.15 -48.75 14.29
CA GLU F 202 -32.22 -49.36 15.05
C GLU F 202 -33.54 -49.22 14.30
N PHE F 203 -34.37 -50.26 14.38
CA PHE F 203 -35.64 -50.38 13.70
C PHE F 203 -35.43 -50.75 12.22
N GLY F 204 -34.20 -50.74 11.72
CA GLY F 204 -33.91 -51.05 10.35
C GLY F 204 -33.05 -49.99 9.70
N GLU F 205 -32.70 -50.23 8.44
CA GLU F 205 -31.91 -49.29 7.67
C GLU F 205 -30.49 -49.20 8.21
N VAL F 206 -29.58 -48.60 7.44
CA VAL F 206 -28.21 -48.38 7.86
C VAL F 206 -28.04 -46.92 8.26
N ARG F 207 -26.98 -46.66 9.02
CA ARG F 207 -26.74 -45.32 9.54
C ARG F 207 -25.24 -45.13 9.76
N ASN F 208 -24.67 -44.10 9.13
CA ASN F 208 -23.27 -43.76 9.28
C ASN F 208 -23.12 -42.70 10.36
N GLN F 209 -22.23 -42.95 11.31
CA GLN F 209 -22.04 -42.07 12.46
C GLN F 209 -20.58 -41.63 12.58
N PRO F 210 -20.27 -40.35 12.37
CA PRO F 210 -18.93 -39.88 12.68
C PRO F 210 -18.63 -40.03 14.17
N LEU F 211 -17.38 -40.34 14.48
CA LEU F 211 -16.97 -40.63 15.85
C LEU F 211 -16.29 -39.43 16.51
N PHE F 212 -15.22 -38.91 15.92
CA PHE F 212 -14.49 -37.80 16.50
C PHE F 212 -13.49 -37.28 15.46
N TRP F 213 -12.87 -36.15 15.78
CA TRP F 213 -11.88 -35.53 14.91
C TRP F 213 -10.49 -35.76 15.50
N ILE F 214 -9.59 -36.27 14.68
CA ILE F 214 -8.21 -36.51 15.08
C ILE F 214 -7.33 -35.53 14.30
N PRO F 215 -6.78 -34.50 14.94
CA PRO F 215 -5.83 -33.64 14.24
C PRO F 215 -4.66 -34.46 13.73
N TYR F 216 -4.25 -34.17 12.49
CA TYR F 216 -3.26 -35.03 11.85
C TYR F 216 -1.91 -34.95 12.54
N GLU F 217 -1.56 -33.80 13.12
CA GLU F 217 -0.29 -33.68 13.83
C GLU F 217 -0.25 -34.60 15.05
N ASN F 218 -1.41 -34.88 15.65
CA ASN F 218 -1.45 -35.73 16.83
C ASN F 218 -1.15 -37.19 16.46
N ILE F 219 -1.69 -37.66 15.35
CA ILE F 219 -1.55 -39.07 14.97
C ILE F 219 -0.37 -39.32 14.05
N ARG F 220 0.24 -38.27 13.50
CA ARG F 220 1.32 -38.47 12.52
C ARG F 220 2.47 -39.28 13.07
N PRO F 221 3.05 -38.96 14.24
CA PRO F 221 4.20 -39.75 14.71
C PRO F 221 3.88 -41.22 14.89
N TYR F 222 2.66 -41.56 15.26
CA TYR F 222 2.32 -42.96 15.51
C TYR F 222 2.11 -43.76 14.24
N ILE F 223 1.59 -43.13 13.19
CA ILE F 223 1.33 -43.84 11.94
C ILE F 223 2.51 -43.79 10.98
N ALA F 224 3.56 -43.05 11.31
CA ALA F 224 4.76 -43.04 10.49
C ALA F 224 5.66 -44.25 10.75
N ARG F 225 5.31 -45.09 11.73
CA ARG F 225 6.06 -46.30 12.03
C ARG F 225 5.36 -47.58 11.61
N GLU F 226 4.05 -47.54 11.36
CA GLU F 226 3.29 -48.72 10.99
C GLU F 226 3.46 -48.98 9.49
N ARG F 227 4.14 -50.07 9.16
CA ARG F 227 4.35 -50.44 7.77
C ARG F 227 3.15 -51.24 7.27
N VAL F 228 2.65 -50.87 6.09
CA VAL F 228 1.45 -51.48 5.50
C VAL F 228 1.75 -51.83 4.06
N MET F 229 0.83 -52.59 3.45
CA MET F 229 0.88 -52.93 2.04
C MET F 229 -0.17 -52.12 1.30
N LEU F 230 0.22 -51.56 0.16
CA LEU F 230 -0.61 -50.62 -0.59
C LEU F 230 -1.45 -51.27 -1.68
N SER F 231 -1.36 -52.59 -1.86
CA SER F 231 -2.05 -53.24 -2.96
C SER F 231 -2.36 -54.68 -2.59
N SER F 232 -3.36 -55.24 -3.27
CA SER F 232 -3.63 -56.66 -3.17
C SER F 232 -2.76 -57.49 -4.11
N LEU F 233 -2.26 -56.89 -5.20
CA LEU F 233 -1.38 -57.57 -6.12
C LEU F 233 0.07 -57.60 -5.64
N ASN F 234 0.42 -56.84 -4.62
CA ASN F 234 1.75 -56.84 -4.03
C ASN F 234 1.60 -56.69 -2.53
N ASN F 235 1.88 -57.74 -1.78
CA ASN F 235 1.63 -57.77 -0.34
C ASN F 235 2.85 -57.35 0.48
N THR F 236 3.89 -56.84 -0.16
CA THR F 236 5.02 -56.30 0.58
C THR F 236 4.59 -55.11 1.42
N ARG F 237 5.00 -55.10 2.69
CA ARG F 237 4.69 -53.99 3.60
C ARG F 237 5.85 -53.00 3.54
N ASN F 238 5.86 -52.21 2.47
CA ASN F 238 6.95 -51.29 2.20
C ASN F 238 6.62 -49.83 2.47
N SER F 239 5.36 -49.51 2.75
CA SER F 239 4.94 -48.14 2.98
C SER F 239 4.33 -48.01 4.37
N THR F 240 3.93 -46.79 4.72
CA THR F 240 3.27 -46.50 5.98
C THR F 240 1.99 -45.71 5.73
N ILE F 241 1.13 -45.66 6.74
CA ILE F 241 -0.09 -44.88 6.63
C ILE F 241 0.25 -43.41 6.41
N ASP F 242 1.31 -42.92 7.06
CA ASP F 242 1.74 -41.54 6.86
C ASP F 242 2.13 -41.31 5.40
N ASP F 243 2.83 -42.26 4.79
CA ASP F 243 3.13 -42.15 3.36
C ASP F 243 1.86 -42.22 2.53
N PHE F 244 0.90 -43.03 2.97
CA PHE F 244 -0.36 -43.14 2.24
C PHE F 244 -1.08 -41.80 2.20
N PHE F 245 -1.12 -41.08 3.33
CA PHE F 245 -1.79 -39.78 3.34
C PHE F 245 -0.96 -38.70 2.66
N ARG F 246 0.36 -38.69 2.88
CA ARG F 246 1.20 -37.65 2.30
C ARG F 246 1.25 -37.77 0.78
N LEU F 247 1.32 -38.99 0.27
CA LEU F 247 1.33 -39.20 -1.18
C LEU F 247 -0.05 -38.99 -1.80
N ASN F 248 -1.09 -38.85 -0.98
CA ASN F 248 -2.45 -38.63 -1.47
C ASN F 248 -2.91 -39.80 -2.34
N LEU F 249 -2.81 -41.00 -1.78
CA LEU F 249 -3.23 -42.21 -2.48
C LEU F 249 -4.67 -42.58 -2.21
N TYR F 250 -5.34 -41.88 -1.30
CA TYR F 250 -6.75 -42.10 -1.04
C TYR F 250 -7.60 -41.40 -2.09
N LYS F 251 -8.76 -41.99 -2.38
CA LYS F 251 -9.70 -41.44 -3.36
C LYS F 251 -11.04 -41.23 -2.68
N GLY F 252 -11.42 -39.97 -2.48
CA GLY F 252 -12.71 -39.64 -1.93
C GLY F 252 -13.35 -38.50 -2.71
N ASP F 253 -14.66 -38.39 -2.56
CA ASP F 253 -15.42 -37.32 -3.18
C ASP F 253 -15.72 -36.22 -2.18
N ILE F 254 -15.80 -35.00 -2.68
CA ILE F 254 -15.93 -33.83 -1.82
C ILE F 254 -17.34 -33.77 -1.25
N VAL F 255 -17.43 -33.56 0.07
CA VAL F 255 -18.71 -33.41 0.74
C VAL F 255 -18.88 -32.02 1.36
N LYS F 256 -17.84 -31.22 1.42
CA LYS F 256 -17.93 -29.90 2.02
C LYS F 256 -16.75 -29.05 1.54
N THR F 257 -17.00 -27.75 1.42
CA THR F 257 -15.97 -26.79 1.07
C THR F 257 -16.08 -25.59 2.00
N GLU F 258 -14.95 -24.98 2.31
CA GLU F 258 -14.97 -23.78 3.13
C GLU F 258 -15.51 -22.61 2.33
N ASN F 259 -16.82 -22.38 2.41
CA ASN F 259 -17.48 -21.28 1.72
C ASN F 259 -17.99 -20.27 2.73
N LEU F 260 -18.45 -19.13 2.21
CA LEU F 260 -18.85 -18.03 3.08
C LEU F 260 -20.15 -18.30 3.82
N HIS F 261 -20.98 -19.21 3.32
CA HIS F 261 -22.24 -19.53 3.96
C HIS F 261 -22.15 -20.73 4.91
N ASN F 262 -20.97 -21.35 5.03
CA ASN F 262 -20.81 -22.55 5.85
C ASN F 262 -21.76 -23.65 5.39
N ARG F 263 -21.97 -23.74 4.08
CA ARG F 263 -22.86 -24.74 3.50
C ARG F 263 -22.09 -26.01 3.17
N ALA F 264 -22.73 -27.15 3.41
CA ALA F 264 -22.23 -28.43 2.96
C ALA F 264 -22.88 -28.82 1.64
N LEU F 265 -22.28 -29.79 0.96
CA LEU F 265 -22.80 -30.22 -0.33
C LEU F 265 -24.21 -30.80 -0.19
N ALA F 266 -24.46 -31.52 0.91
CA ALA F 266 -25.76 -32.17 1.08
C ALA F 266 -26.89 -31.15 1.18
N GLU F 267 -26.61 -29.95 1.69
CA GLU F 267 -27.67 -28.97 1.90
C GLU F 267 -28.29 -28.49 0.60
N TYR F 268 -27.60 -28.67 -0.54
CA TYR F 268 -28.11 -28.22 -1.82
C TYR F 268 -27.93 -29.27 -2.92
N CYS F 269 -27.73 -30.53 -2.55
CA CYS F 269 -27.67 -31.64 -3.50
C CYS F 269 -28.57 -32.74 -2.99
N PRO F 270 -29.79 -32.88 -3.53
CA PRO F 270 -30.74 -33.85 -2.95
C PRO F 270 -30.35 -35.30 -3.16
N THR F 271 -29.91 -35.67 -4.35
CA THR F 271 -29.67 -37.06 -4.69
C THR F 271 -28.18 -37.37 -4.77
N PRO F 272 -27.80 -38.64 -4.59
CA PRO F 272 -26.37 -38.99 -4.68
C PRO F 272 -25.74 -38.64 -6.01
N ASP F 273 -26.48 -38.76 -7.11
CA ASP F 273 -25.95 -38.38 -8.42
C ASP F 273 -25.58 -36.90 -8.43
N SER F 274 -26.43 -36.05 -7.85
CA SER F 274 -26.12 -34.63 -7.79
C SER F 274 -24.90 -34.38 -6.90
N MET F 275 -24.77 -35.13 -5.81
CA MET F 275 -23.59 -35.01 -4.96
C MET F 275 -22.32 -35.34 -5.74
N LYS F 276 -22.35 -36.42 -6.52
CA LYS F 276 -21.20 -36.77 -7.35
C LYS F 276 -20.91 -35.68 -8.37
N MET F 277 -21.96 -35.12 -8.98
CA MET F 277 -21.76 -34.06 -9.96
C MET F 277 -21.11 -32.84 -9.34
N GLU F 278 -21.56 -32.44 -8.15
CA GLU F 278 -20.99 -31.29 -7.47
C GLU F 278 -19.55 -31.54 -7.06
N SER F 279 -19.25 -32.75 -6.58
CA SER F 279 -17.88 -33.10 -6.25
C SER F 279 -16.99 -33.02 -7.49
N LYS F 280 -17.48 -33.52 -8.62
CA LYS F 280 -16.70 -33.45 -9.86
C LYS F 280 -16.47 -32.00 -10.28
N ARG F 281 -17.49 -31.16 -10.12
CA ARG F 281 -17.34 -29.74 -10.46
C ARG F 281 -16.28 -29.07 -9.59
N ILE F 282 -16.29 -29.35 -8.29
CA ILE F 282 -15.29 -28.75 -7.41
C ILE F 282 -13.90 -29.26 -7.75
N ASP F 283 -13.76 -30.55 -8.04
CA ASP F 283 -12.47 -31.08 -8.44
C ASP F 283 -11.97 -30.44 -9.73
N LYS F 284 -12.89 -30.20 -10.66
CA LYS F 284 -12.52 -29.47 -11.88
C LYS F 284 -12.07 -28.06 -11.56
N GLU F 285 -12.70 -27.41 -10.59
CA GLU F 285 -12.25 -26.07 -10.20
C GLU F 285 -10.82 -26.11 -9.68
N LEU F 286 -10.51 -27.09 -8.82
CA LEU F 286 -9.16 -27.19 -8.26
C LEU F 286 -8.14 -27.47 -9.35
N GLN F 287 -8.43 -28.44 -10.22
CA GLN F 287 -7.53 -28.73 -11.33
C GLN F 287 -7.40 -27.53 -12.26
N GLY F 288 -8.46 -26.73 -12.41
CA GLY F 288 -8.38 -25.56 -13.24
C GLY F 288 -7.45 -24.50 -12.68
N PHE F 289 -7.50 -24.30 -11.36
CA PHE F 289 -6.52 -23.41 -10.74
C PHE F 289 -5.10 -23.91 -10.99
N ARG F 290 -4.86 -25.20 -10.73
CA ARG F 290 -3.52 -25.75 -10.94
C ARG F 290 -3.05 -25.53 -12.37
N ASP F 291 -3.91 -25.82 -13.35
CA ASP F 291 -3.52 -25.68 -14.75
C ASP F 291 -3.31 -24.23 -15.13
N GLY F 292 -4.19 -23.33 -14.67
CA GLY F 292 -4.06 -21.93 -14.99
C GLY F 292 -2.88 -21.25 -14.35
N LEU F 293 -2.25 -21.88 -13.36
CA LEU F 293 -1.03 -21.32 -12.81
C LEU F 293 0.06 -21.13 -13.87
N PHE F 294 0.15 -22.04 -14.84
CA PHE F 294 1.30 -22.09 -15.73
C PHE F 294 0.89 -21.91 -17.19
N VAL F 295 1.88 -21.62 -18.03
CA VAL F 295 1.64 -21.19 -19.40
C VAL F 295 2.48 -21.94 -20.41
N THR F 296 3.30 -22.92 -20.00
CA THR F 296 4.20 -23.57 -20.93
C THR F 296 3.47 -24.40 -21.98
N GLN F 297 2.23 -24.79 -21.71
CA GLN F 297 1.47 -25.61 -22.64
C GLN F 297 0.52 -24.79 -23.51
N ASP F 298 0.60 -23.46 -23.46
CA ASP F 298 -0.22 -22.59 -24.29
C ASP F 298 0.56 -22.30 -25.57
N THR F 299 0.14 -22.94 -26.67
CA THR F 299 0.83 -22.83 -27.95
C THR F 299 0.09 -21.92 -28.92
N THR F 300 -0.60 -20.90 -28.42
CA THR F 300 -1.32 -19.95 -29.25
C THR F 300 -0.45 -18.80 -29.72
N TRP F 301 0.87 -18.96 -29.73
CA TRP F 301 1.78 -17.92 -30.15
C TRP F 301 2.24 -18.12 -31.59
#